data_6HS8
# 
_entry.id   6HS8 
# 
_audit_conform.dict_name       mmcif_pdbx.dic 
_audit_conform.dict_version    5.383 
_audit_conform.dict_location   http://mmcif.pdb.org/dictionaries/ascii/mmcif_pdbx.dic 
# 
loop_
_database_2.database_id 
_database_2.database_code 
_database_2.pdbx_database_accession 
_database_2.pdbx_DOI 
PDB   6HS8         pdb_00006hs8 10.2210/pdb6hs8/pdb 
WWPDB D_1200012166 ?            ?                   
# 
loop_
_pdbx_audit_revision_history.ordinal 
_pdbx_audit_revision_history.data_content_type 
_pdbx_audit_revision_history.major_revision 
_pdbx_audit_revision_history.minor_revision 
_pdbx_audit_revision_history.revision_date 
1 'Structure model' 1 0 2019-10-23 
2 'Structure model' 1 1 2024-01-24 
# 
_pdbx_audit_revision_details.ordinal             1 
_pdbx_audit_revision_details.revision_ordinal    1 
_pdbx_audit_revision_details.data_content_type   'Structure model' 
_pdbx_audit_revision_details.provider            repository 
_pdbx_audit_revision_details.type                'Initial release' 
_pdbx_audit_revision_details.description         ? 
_pdbx_audit_revision_details.details             ? 
# 
loop_
_pdbx_audit_revision_group.ordinal 
_pdbx_audit_revision_group.revision_ordinal 
_pdbx_audit_revision_group.data_content_type 
_pdbx_audit_revision_group.group 
1 2 'Structure model' 'Data collection'        
2 2 'Structure model' 'Database references'    
3 2 'Structure model' 'Refinement description' 
# 
loop_
_pdbx_audit_revision_category.ordinal 
_pdbx_audit_revision_category.revision_ordinal 
_pdbx_audit_revision_category.data_content_type 
_pdbx_audit_revision_category.category 
1 2 'Structure model' chem_comp_atom                
2 2 'Structure model' chem_comp_bond                
3 2 'Structure model' database_2                    
4 2 'Structure model' pdbx_initial_refinement_model 
# 
loop_
_pdbx_audit_revision_item.ordinal 
_pdbx_audit_revision_item.revision_ordinal 
_pdbx_audit_revision_item.data_content_type 
_pdbx_audit_revision_item.item 
1 2 'Structure model' '_database_2.pdbx_DOI'                
2 2 'Structure model' '_database_2.pdbx_database_accession' 
# 
_pdbx_database_status.status_code                     REL 
_pdbx_database_status.status_code_sf                  REL 
_pdbx_database_status.status_code_mr                  ? 
_pdbx_database_status.entry_id                        6HS8 
_pdbx_database_status.recvd_initial_deposition_date   2018-09-29 
_pdbx_database_status.SG_entry                        N 
_pdbx_database_status.deposit_site                    PDBE 
_pdbx_database_status.process_site                    PDBE 
_pdbx_database_status.status_code_cs                  ? 
_pdbx_database_status.methods_development_category    ? 
_pdbx_database_status.pdb_format_compatible           Y 
_pdbx_database_status.status_code_nmr_data            ? 
# 
loop_
_audit_author.name 
_audit_author.pdbx_ordinal 
_audit_author.identifier_ORCID 
'Lapthorn, A.J.' 1 0000-0002-2197-8134 
'Roszak, A.W.'   2 0000-0002-7442-7555 
# 
loop_
_citation.abstract 
_citation.abstract_id_CAS 
_citation.book_id_ISBN 
_citation.book_publisher 
_citation.book_publisher_city 
_citation.book_title 
_citation.coordinate_linkage 
_citation.country 
_citation.database_id_Medline 
_citation.details 
_citation.id 
_citation.journal_abbrev 
_citation.journal_id_ASTM 
_citation.journal_id_CSD 
_citation.journal_id_ISSN 
_citation.journal_full 
_citation.journal_issue 
_citation.journal_volume 
_citation.language 
_citation.page_first 
_citation.page_last 
_citation.title 
_citation.year 
_citation.database_id_CSD 
_citation.pdbx_database_id_DOI 
_citation.pdbx_database_id_PubMed 
_citation.unpublished_flag 
? ? ? ? ? ? ? ?  ? ? primary 'To Be Published' ?      0353 ?         ? ? ?  ? ?   ?   
'The crystal structure of type II Dehydroquinase from Butyrivibrio crossotus DSM 2876'              ?    ? ? ?        ? 
? ? ? ? ? ? ? DE ? ? 1       'AMB Express'     ?      ?    2191-0855 ? ? 5  ? 7   7   
'Unraveling the kinetic diversity of microbial 3-dehydroquinate dehydratases of shikimate pathway.' 2015 ? 
10.1186/s13568-014-0087-y 25852984 ? 
? ? ? ? ? ? ? UK ? ? 2       Structure         STRUE6 2005 0969-2126 ? ? 10 ? 493 503 
'The structure and mechanism of the type II dehydroquinase from Streptomyces coelicolor.'           2002 ? ? 11937054 ? 
# 
loop_
_citation_author.citation_id 
_citation_author.name 
_citation_author.ordinal 
_citation_author.identifier_ORCID 
primary 'Lapthorn, A.J.'  1  0000-0002-2197-8134 
primary 'Robertson, H.'   2  ?                   
primary 'Roszak, A.W.'    3  0000-0002-7442-7555 
1       'Liu, C.'         4  ?                   
1       'Liu, Y.M.'       5  ?                   
1       'Sun, Q.L.'       6  ?                   
1       'Jiang, C.Y.'     7  ?                   
1       'Liu, S.J.'       8  ?                   
2       'Roszak, A.W.'    9  ?                   
2       'Robinson, D.A.'  10 ?                   
2       'Krell, T.'       11 ?                   
2       'Hunter, I.S.'    12 ?                   
2       'Fredrickson, M.' 13 ?                   
2       'Abell, C.'       14 ?                   
2       'Coggins, J.R.'   15 ?                   
2       'Lapthorn, A.J.'  16 0000-0002-2197-8134 
# 
loop_
_entity.id 
_entity.type 
_entity.src_method 
_entity.pdbx_description 
_entity.formula_weight 
_entity.pdbx_number_of_molecules 
_entity.pdbx_ec 
_entity.pdbx_mutation 
_entity.pdbx_fragment 
_entity.details 
1 polymer     man '3-dehydroquinate dehydratase' 16330.459 1   4.2.1.10 ? ? ? 
2 non-polymer syn 'L(+)-TARTARIC ACID'           150.087   3   ?        ? ? ? 
3 non-polymer syn 'PHOSPHATE ION'                94.971    1   ?        ? ? ? 
4 non-polymer syn GLYCEROL                       92.094    1   ?        ? ? ? 
5 water       nat water                          18.015    134 ?        ? ? ? 
# 
_entity_name_com.entity_id   1 
_entity_name_com.name        '3-dehydroquinase,Type II DHQase' 
# 
_entity_poly.entity_id                      1 
_entity_poly.type                           'polypeptide(L)' 
_entity_poly.nstd_linkage                   no 
_entity_poly.nstd_monomer                   no 
_entity_poly.pdbx_seq_one_letter_code       
;SHMKILVINGPNLNFLGIREKNIYGNENYEYLVNMINEYCKSKNIEVECYQSNHEGAIIDKIQEAYFNGTDGIVINPGAY
THYSYAIRDALASVSHIKKIEVHISNVNEREEFRHISVTEPVCNGQIVGQGLKGYIMAIDMLNS
;
_entity_poly.pdbx_seq_one_letter_code_can   
;SHMKILVINGPNLNFLGIREKNIYGNENYEYLVNMINEYCKSKNIEVECYQSNHEGAIIDKIQEAYFNGTDGIVINPGAY
THYSYAIRDALASVSHIKKIEVHISNVNEREEFRHISVTEPVCNGQIVGQGLKGYIMAIDMLNS
;
_entity_poly.pdbx_strand_id                 A 
_entity_poly.pdbx_target_identifier         ? 
# 
loop_
_pdbx_entity_nonpoly.entity_id 
_pdbx_entity_nonpoly.name 
_pdbx_entity_nonpoly.comp_id 
2 'L(+)-TARTARIC ACID' TLA 
3 'PHOSPHATE ION'      PO4 
4 GLYCEROL             GOL 
5 water                HOH 
# 
loop_
_entity_poly_seq.entity_id 
_entity_poly_seq.num 
_entity_poly_seq.mon_id 
_entity_poly_seq.hetero 
1 1   SER n 
1 2   HIS n 
1 3   MET n 
1 4   LYS n 
1 5   ILE n 
1 6   LEU n 
1 7   VAL n 
1 8   ILE n 
1 9   ASN n 
1 10  GLY n 
1 11  PRO n 
1 12  ASN n 
1 13  LEU n 
1 14  ASN n 
1 15  PHE n 
1 16  LEU n 
1 17  GLY n 
1 18  ILE n 
1 19  ARG n 
1 20  GLU n 
1 21  LYS n 
1 22  ASN n 
1 23  ILE n 
1 24  TYR n 
1 25  GLY n 
1 26  ASN n 
1 27  GLU n 
1 28  ASN n 
1 29  TYR n 
1 30  GLU n 
1 31  TYR n 
1 32  LEU n 
1 33  VAL n 
1 34  ASN n 
1 35  MET n 
1 36  ILE n 
1 37  ASN n 
1 38  GLU n 
1 39  TYR n 
1 40  CYS n 
1 41  LYS n 
1 42  SER n 
1 43  LYS n 
1 44  ASN n 
1 45  ILE n 
1 46  GLU n 
1 47  VAL n 
1 48  GLU n 
1 49  CYS n 
1 50  TYR n 
1 51  GLN n 
1 52  SER n 
1 53  ASN n 
1 54  HIS n 
1 55  GLU n 
1 56  GLY n 
1 57  ALA n 
1 58  ILE n 
1 59  ILE n 
1 60  ASP n 
1 61  LYS n 
1 62  ILE n 
1 63  GLN n 
1 64  GLU n 
1 65  ALA n 
1 66  TYR n 
1 67  PHE n 
1 68  ASN n 
1 69  GLY n 
1 70  THR n 
1 71  ASP n 
1 72  GLY n 
1 73  ILE n 
1 74  VAL n 
1 75  ILE n 
1 76  ASN n 
1 77  PRO n 
1 78  GLY n 
1 79  ALA n 
1 80  TYR n 
1 81  THR n 
1 82  HIS n 
1 83  TYR n 
1 84  SER n 
1 85  TYR n 
1 86  ALA n 
1 87  ILE n 
1 88  ARG n 
1 89  ASP n 
1 90  ALA n 
1 91  LEU n 
1 92  ALA n 
1 93  SER n 
1 94  VAL n 
1 95  SER n 
1 96  HIS n 
1 97  ILE n 
1 98  LYS n 
1 99  LYS n 
1 100 ILE n 
1 101 GLU n 
1 102 VAL n 
1 103 HIS n 
1 104 ILE n 
1 105 SER n 
1 106 ASN n 
1 107 VAL n 
1 108 ASN n 
1 109 GLU n 
1 110 ARG n 
1 111 GLU n 
1 112 GLU n 
1 113 PHE n 
1 114 ARG n 
1 115 HIS n 
1 116 ILE n 
1 117 SER n 
1 118 VAL n 
1 119 THR n 
1 120 GLU n 
1 121 PRO n 
1 122 VAL n 
1 123 CYS n 
1 124 ASN n 
1 125 GLY n 
1 126 GLN n 
1 127 ILE n 
1 128 VAL n 
1 129 GLY n 
1 130 GLN n 
1 131 GLY n 
1 132 LEU n 
1 133 LYS n 
1 134 GLY n 
1 135 TYR n 
1 136 ILE n 
1 137 MET n 
1 138 ALA n 
1 139 ILE n 
1 140 ASP n 
1 141 MET n 
1 142 LEU n 
1 143 ASN n 
1 144 SER n 
# 
_entity_src_gen.entity_id                          1 
_entity_src_gen.pdbx_src_id                        1 
_entity_src_gen.pdbx_alt_source_flag               sample 
_entity_src_gen.pdbx_seq_type                      'Biological sequence' 
_entity_src_gen.pdbx_beg_seq_num                   1 
_entity_src_gen.pdbx_end_seq_num                   144 
_entity_src_gen.gene_src_common_name               ? 
_entity_src_gen.gene_src_genus                     ? 
_entity_src_gen.pdbx_gene_src_gene                 'aroQ, BUTYVIB_01550' 
_entity_src_gen.gene_src_species                   ? 
_entity_src_gen.gene_src_strain                    ? 
_entity_src_gen.gene_src_tissue                    ? 
_entity_src_gen.gene_src_tissue_fraction           ? 
_entity_src_gen.gene_src_details                   ? 
_entity_src_gen.pdbx_gene_src_fragment             ? 
_entity_src_gen.pdbx_gene_src_scientific_name      'Butyrivibrio crossotus DSM 2876' 
_entity_src_gen.pdbx_gene_src_ncbi_taxonomy_id     511680 
_entity_src_gen.pdbx_gene_src_variant              ? 
_entity_src_gen.pdbx_gene_src_cell_line            ? 
_entity_src_gen.pdbx_gene_src_atcc                 29175 
_entity_src_gen.pdbx_gene_src_organ                ? 
_entity_src_gen.pdbx_gene_src_organelle            ? 
_entity_src_gen.pdbx_gene_src_cell                 ? 
_entity_src_gen.pdbx_gene_src_cellular_location    ? 
_entity_src_gen.host_org_common_name               ? 
_entity_src_gen.pdbx_host_org_scientific_name      'Escherichia coli BL21(DE3)' 
_entity_src_gen.pdbx_host_org_ncbi_taxonomy_id     469008 
_entity_src_gen.host_org_genus                     ? 
_entity_src_gen.pdbx_host_org_gene                 ? 
_entity_src_gen.pdbx_host_org_organ                ? 
_entity_src_gen.host_org_species                   ? 
_entity_src_gen.pdbx_host_org_tissue               ? 
_entity_src_gen.pdbx_host_org_tissue_fraction      ? 
_entity_src_gen.pdbx_host_org_strain               ? 
_entity_src_gen.pdbx_host_org_variant              ? 
_entity_src_gen.pdbx_host_org_cell_line            ? 
_entity_src_gen.pdbx_host_org_atcc                 ? 
_entity_src_gen.pdbx_host_org_culture_collection   ? 
_entity_src_gen.pdbx_host_org_cell                 ? 
_entity_src_gen.pdbx_host_org_organelle            ? 
_entity_src_gen.pdbx_host_org_cellular_location    ? 
_entity_src_gen.pdbx_host_org_vector_type          ? 
_entity_src_gen.pdbx_host_org_vector               ? 
_entity_src_gen.host_org_details                   ? 
_entity_src_gen.expression_system_id               ? 
_entity_src_gen.plasmid_name                       pET28a+ 
_entity_src_gen.plasmid_details                    ? 
_entity_src_gen.pdbx_description                   ? 
# 
loop_
_chem_comp.id 
_chem_comp.type 
_chem_comp.mon_nstd_flag 
_chem_comp.name 
_chem_comp.pdbx_synonyms 
_chem_comp.formula 
_chem_comp.formula_weight 
ALA 'L-peptide linking' y ALANINE              ?                               'C3 H7 N O2'     89.093  
ARG 'L-peptide linking' y ARGININE             ?                               'C6 H15 N4 O2 1' 175.209 
ASN 'L-peptide linking' y ASPARAGINE           ?                               'C4 H8 N2 O3'    132.118 
ASP 'L-peptide linking' y 'ASPARTIC ACID'      ?                               'C4 H7 N O4'     133.103 
CYS 'L-peptide linking' y CYSTEINE             ?                               'C3 H7 N O2 S'   121.158 
GLN 'L-peptide linking' y GLUTAMINE            ?                               'C5 H10 N2 O3'   146.144 
GLU 'L-peptide linking' y 'GLUTAMIC ACID'      ?                               'C5 H9 N O4'     147.129 
GLY 'peptide linking'   y GLYCINE              ?                               'C2 H5 N O2'     75.067  
GOL non-polymer         . GLYCEROL             'GLYCERIN; PROPANE-1,2,3-TRIOL' 'C3 H8 O3'       92.094  
HIS 'L-peptide linking' y HISTIDINE            ?                               'C6 H10 N3 O2 1' 156.162 
HOH non-polymer         . WATER                ?                               'H2 O'           18.015  
ILE 'L-peptide linking' y ISOLEUCINE           ?                               'C6 H13 N O2'    131.173 
LEU 'L-peptide linking' y LEUCINE              ?                               'C6 H13 N O2'    131.173 
LYS 'L-peptide linking' y LYSINE               ?                               'C6 H15 N2 O2 1' 147.195 
MET 'L-peptide linking' y METHIONINE           ?                               'C5 H11 N O2 S'  149.211 
PHE 'L-peptide linking' y PHENYLALANINE        ?                               'C9 H11 N O2'    165.189 
PO4 non-polymer         . 'PHOSPHATE ION'      ?                               'O4 P -3'        94.971  
PRO 'L-peptide linking' y PROLINE              ?                               'C5 H9 N O2'     115.130 
SER 'L-peptide linking' y SERINE               ?                               'C3 H7 N O3'     105.093 
THR 'L-peptide linking' y THREONINE            ?                               'C4 H9 N O3'     119.119 
TLA non-polymer         . 'L(+)-TARTARIC ACID' ?                               'C4 H6 O6'       150.087 
TYR 'L-peptide linking' y TYROSINE             ?                               'C9 H11 N O3'    181.189 
VAL 'L-peptide linking' y VALINE               ?                               'C5 H11 N O2'    117.146 
# 
loop_
_pdbx_poly_seq_scheme.asym_id 
_pdbx_poly_seq_scheme.entity_id 
_pdbx_poly_seq_scheme.seq_id 
_pdbx_poly_seq_scheme.mon_id 
_pdbx_poly_seq_scheme.ndb_seq_num 
_pdbx_poly_seq_scheme.pdb_seq_num 
_pdbx_poly_seq_scheme.auth_seq_num 
_pdbx_poly_seq_scheme.pdb_mon_id 
_pdbx_poly_seq_scheme.auth_mon_id 
_pdbx_poly_seq_scheme.pdb_strand_id 
_pdbx_poly_seq_scheme.pdb_ins_code 
_pdbx_poly_seq_scheme.hetero 
A 1 1   SER 1   -1  -1  SER SER A . n 
A 1 2   HIS 2   0   0   HIS HIS A . n 
A 1 3   MET 3   1   1   MET MET A . n 
A 1 4   LYS 4   2   2   LYS LYS A . n 
A 1 5   ILE 5   3   3   ILE ILE A . n 
A 1 6   LEU 6   4   4   LEU LEU A . n 
A 1 7   VAL 7   5   5   VAL VAL A . n 
A 1 8   ILE 8   6   6   ILE ILE A . n 
A 1 9   ASN 9   7   7   ASN ASN A . n 
A 1 10  GLY 10  8   8   GLY GLY A . n 
A 1 11  PRO 11  9   9   PRO PRO A . n 
A 1 12  ASN 12  10  10  ASN ASN A . n 
A 1 13  LEU 13  11  11  LEU LEU A . n 
A 1 14  ASN 14  12  12  ASN ASN A . n 
A 1 15  PHE 15  13  13  PHE PHE A . n 
A 1 16  LEU 16  14  14  LEU LEU A . n 
A 1 17  GLY 17  15  15  GLY GLY A . n 
A 1 18  ILE 18  16  16  ILE ILE A . n 
A 1 19  ARG 19  17  17  ARG ARG A . n 
A 1 20  GLU 20  18  18  GLU GLU A . n 
A 1 21  LYS 21  19  19  LYS LYS A . n 
A 1 22  ASN 22  20  20  ASN ASN A . n 
A 1 23  ILE 23  21  21  ILE ILE A . n 
A 1 24  TYR 24  22  22  TYR TYR A . n 
A 1 25  GLY 25  23  23  GLY GLY A . n 
A 1 26  ASN 26  24  24  ASN ASN A . n 
A 1 27  GLU 27  25  25  GLU GLU A . n 
A 1 28  ASN 28  26  26  ASN ASN A . n 
A 1 29  TYR 29  27  27  TYR TYR A . n 
A 1 30  GLU 30  28  28  GLU GLU A . n 
A 1 31  TYR 31  29  29  TYR TYR A . n 
A 1 32  LEU 32  30  30  LEU LEU A . n 
A 1 33  VAL 33  31  31  VAL VAL A . n 
A 1 34  ASN 34  32  32  ASN ASN A . n 
A 1 35  MET 35  33  33  MET MET A . n 
A 1 36  ILE 36  34  34  ILE ILE A . n 
A 1 37  ASN 37  35  35  ASN ASN A . n 
A 1 38  GLU 38  36  36  GLU GLU A . n 
A 1 39  TYR 39  37  37  TYR TYR A . n 
A 1 40  CYS 40  38  38  CYS CYS A . n 
A 1 41  LYS 41  39  39  LYS LYS A . n 
A 1 42  SER 42  40  40  SER SER A . n 
A 1 43  LYS 43  41  41  LYS LYS A . n 
A 1 44  ASN 44  42  42  ASN ASN A . n 
A 1 45  ILE 45  43  43  ILE ILE A . n 
A 1 46  GLU 46  44  44  GLU GLU A . n 
A 1 47  VAL 47  45  45  VAL VAL A . n 
A 1 48  GLU 48  46  46  GLU GLU A . n 
A 1 49  CYS 49  47  47  CYS CYS A . n 
A 1 50  TYR 50  48  48  TYR TYR A . n 
A 1 51  GLN 51  49  49  GLN GLN A . n 
A 1 52  SER 52  50  50  SER SER A . n 
A 1 53  ASN 53  51  51  ASN ASN A . n 
A 1 54  HIS 54  52  52  HIS HIS A . n 
A 1 55  GLU 55  53  53  GLU GLU A . n 
A 1 56  GLY 56  54  54  GLY GLY A . n 
A 1 57  ALA 57  55  55  ALA ALA A . n 
A 1 58  ILE 58  56  56  ILE ILE A . n 
A 1 59  ILE 59  57  57  ILE ILE A . n 
A 1 60  ASP 60  58  58  ASP ASP A . n 
A 1 61  LYS 61  59  59  LYS LYS A . n 
A 1 62  ILE 62  60  60  ILE ILE A . n 
A 1 63  GLN 63  61  61  GLN GLN A . n 
A 1 64  GLU 64  62  62  GLU GLU A . n 
A 1 65  ALA 65  63  63  ALA ALA A . n 
A 1 66  TYR 66  64  64  TYR TYR A . n 
A 1 67  PHE 67  65  65  PHE PHE A . n 
A 1 68  ASN 68  66  66  ASN ASN A . n 
A 1 69  GLY 69  67  67  GLY GLY A . n 
A 1 70  THR 70  68  68  THR THR A . n 
A 1 71  ASP 71  69  69  ASP ASP A . n 
A 1 72  GLY 72  70  70  GLY GLY A . n 
A 1 73  ILE 73  71  71  ILE ILE A . n 
A 1 74  VAL 74  72  72  VAL VAL A . n 
A 1 75  ILE 75  73  73  ILE ILE A . n 
A 1 76  ASN 76  74  74  ASN ASN A . n 
A 1 77  PRO 77  75  75  PRO PRO A . n 
A 1 78  GLY 78  76  76  GLY GLY A . n 
A 1 79  ALA 79  77  77  ALA ALA A . n 
A 1 80  TYR 80  78  78  TYR TYR A . n 
A 1 81  THR 81  79  79  THR THR A . n 
A 1 82  HIS 82  80  80  HIS HIS A . n 
A 1 83  TYR 83  81  81  TYR TYR A . n 
A 1 84  SER 84  82  82  SER SER A . n 
A 1 85  TYR 85  83  83  TYR TYR A . n 
A 1 86  ALA 86  84  84  ALA ALA A . n 
A 1 87  ILE 87  85  85  ILE ILE A . n 
A 1 88  ARG 88  86  86  ARG ARG A . n 
A 1 89  ASP 89  87  87  ASP ASP A . n 
A 1 90  ALA 90  88  88  ALA ALA A . n 
A 1 91  LEU 91  89  89  LEU LEU A . n 
A 1 92  ALA 92  90  90  ALA ALA A . n 
A 1 93  SER 93  91  91  SER SER A . n 
A 1 94  VAL 94  92  92  VAL VAL A . n 
A 1 95  SER 95  93  93  SER SER A . n 
A 1 96  HIS 96  94  94  HIS HIS A . n 
A 1 97  ILE 97  95  95  ILE ILE A . n 
A 1 98  LYS 98  96  96  LYS LYS A . n 
A 1 99  LYS 99  97  97  LYS LYS A . n 
A 1 100 ILE 100 98  98  ILE ILE A . n 
A 1 101 GLU 101 99  99  GLU GLU A . n 
A 1 102 VAL 102 100 100 VAL VAL A . n 
A 1 103 HIS 103 101 101 HIS HIS A . n 
A 1 104 ILE 104 102 102 ILE ILE A . n 
A 1 105 SER 105 103 103 SER SER A . n 
A 1 106 ASN 106 104 104 ASN ASN A . n 
A 1 107 VAL 107 105 105 VAL VAL A . n 
A 1 108 ASN 108 106 106 ASN ASN A . n 
A 1 109 GLU 109 107 107 GLU GLU A . n 
A 1 110 ARG 110 108 108 ARG ARG A . n 
A 1 111 GLU 111 109 109 GLU GLU A . n 
A 1 112 GLU 112 110 110 GLU GLU A . n 
A 1 113 PHE 113 111 111 PHE PHE A . n 
A 1 114 ARG 114 112 112 ARG ARG A . n 
A 1 115 HIS 115 113 113 HIS HIS A . n 
A 1 116 ILE 116 114 114 ILE ILE A . n 
A 1 117 SER 117 115 115 SER SER A . n 
A 1 118 VAL 118 116 116 VAL VAL A . n 
A 1 119 THR 119 117 117 THR THR A . n 
A 1 120 GLU 120 118 118 GLU GLU A . n 
A 1 121 PRO 121 119 119 PRO PRO A . n 
A 1 122 VAL 122 120 120 VAL VAL A . n 
A 1 123 CYS 123 121 121 CYS CYS A . n 
A 1 124 ASN 124 122 122 ASN ASN A . n 
A 1 125 GLY 125 123 123 GLY GLY A . n 
A 1 126 GLN 126 124 124 GLN GLN A . n 
A 1 127 ILE 127 125 125 ILE ILE A . n 
A 1 128 VAL 128 126 126 VAL VAL A . n 
A 1 129 GLY 129 127 127 GLY GLY A . n 
A 1 130 GLN 130 128 128 GLN GLN A . n 
A 1 131 GLY 131 129 129 GLY GLY A . n 
A 1 132 LEU 132 130 130 LEU LEU A . n 
A 1 133 LYS 133 131 131 LYS LYS A . n 
A 1 134 GLY 134 132 132 GLY GLY A . n 
A 1 135 TYR 135 133 133 TYR TYR A . n 
A 1 136 ILE 136 134 134 ILE ILE A . n 
A 1 137 MET 137 135 135 MET MET A . n 
A 1 138 ALA 138 136 136 ALA ALA A . n 
A 1 139 ILE 139 137 137 ILE ILE A . n 
A 1 140 ASP 140 138 138 ASP ASP A . n 
A 1 141 MET 141 139 139 MET MET A . n 
A 1 142 LEU 142 140 140 LEU LEU A . n 
A 1 143 ASN 143 141 141 ASN ASN A . n 
A 1 144 SER 144 142 142 SER SER A . n 
# 
loop_
_pdbx_nonpoly_scheme.asym_id 
_pdbx_nonpoly_scheme.entity_id 
_pdbx_nonpoly_scheme.mon_id 
_pdbx_nonpoly_scheme.ndb_seq_num 
_pdbx_nonpoly_scheme.pdb_seq_num 
_pdbx_nonpoly_scheme.auth_seq_num 
_pdbx_nonpoly_scheme.pdb_mon_id 
_pdbx_nonpoly_scheme.auth_mon_id 
_pdbx_nonpoly_scheme.pdb_strand_id 
_pdbx_nonpoly_scheme.pdb_ins_code 
B 2 TLA 1   201 1   TLA TLA A . 
C 2 TLA 1   202 2   TLA TLA A . 
D 2 TLA 1   203 3   TLA TLA A . 
E 3 PO4 1   204 1   PO4 PO4 A . 
F 4 GOL 1   205 1   GOL GOL A . 
G 5 HOH 1   301 133 HOH HOH A . 
G 5 HOH 2   302 60  HOH HOH A . 
G 5 HOH 3   303 27  HOH HOH A . 
G 5 HOH 4   304 121 HOH HOH A . 
G 5 HOH 5   305 125 HOH HOH A . 
G 5 HOH 6   306 113 HOH HOH A . 
G 5 HOH 7   307 73  HOH HOH A . 
G 5 HOH 8   308 72  HOH HOH A . 
G 5 HOH 9   309 134 HOH HOH A . 
G 5 HOH 10  310 119 HOH HOH A . 
G 5 HOH 11  311 136 HOH HOH A . 
G 5 HOH 12  312 2   HOH HOH A . 
G 5 HOH 13  313 70  HOH HOH A . 
G 5 HOH 14  314 34  HOH HOH A . 
G 5 HOH 15  315 81  HOH HOH A . 
G 5 HOH 16  316 80  HOH HOH A . 
G 5 HOH 17  317 65  HOH HOH A . 
G 5 HOH 18  318 108 HOH HOH A . 
G 5 HOH 19  319 37  HOH HOH A . 
G 5 HOH 20  320 39  HOH HOH A . 
G 5 HOH 21  321 7   HOH HOH A . 
G 5 HOH 22  322 69  HOH HOH A . 
G 5 HOH 23  323 101 HOH HOH A . 
G 5 HOH 24  324 55  HOH HOH A . 
G 5 HOH 25  325 94  HOH HOH A . 
G 5 HOH 26  326 138 HOH HOH A . 
G 5 HOH 27  327 19  HOH HOH A . 
G 5 HOH 28  328 87  HOH HOH A . 
G 5 HOH 29  329 21  HOH HOH A . 
G 5 HOH 30  330 23  HOH HOH A . 
G 5 HOH 31  331 75  HOH HOH A . 
G 5 HOH 32  332 59  HOH HOH A . 
G 5 HOH 33  333 8   HOH HOH A . 
G 5 HOH 34  334 3   HOH HOH A . 
G 5 HOH 35  335 71  HOH HOH A . 
G 5 HOH 36  336 48  HOH HOH A . 
G 5 HOH 37  337 51  HOH HOH A . 
G 5 HOH 38  338 122 HOH HOH A . 
G 5 HOH 39  339 97  HOH HOH A . 
G 5 HOH 40  340 61  HOH HOH A . 
G 5 HOH 41  341 128 HOH HOH A . 
G 5 HOH 42  342 57  HOH HOH A . 
G 5 HOH 43  343 130 HOH HOH A . 
G 5 HOH 44  344 118 HOH HOH A . 
G 5 HOH 45  345 126 HOH HOH A . 
G 5 HOH 46  346 68  HOH HOH A . 
G 5 HOH 47  347 24  HOH HOH A . 
G 5 HOH 48  348 120 HOH HOH A . 
G 5 HOH 49  349 52  HOH HOH A . 
G 5 HOH 50  350 11  HOH HOH A . 
G 5 HOH 51  351 36  HOH HOH A . 
G 5 HOH 52  352 12  HOH HOH A . 
G 5 HOH 53  353 35  HOH HOH A . 
G 5 HOH 54  354 4   HOH HOH A . 
G 5 HOH 55  355 86  HOH HOH A . 
G 5 HOH 56  356 54  HOH HOH A . 
G 5 HOH 57  357 25  HOH HOH A . 
G 5 HOH 58  358 6   HOH HOH A . 
G 5 HOH 59  359 10  HOH HOH A . 
G 5 HOH 60  360 139 HOH HOH A . 
G 5 HOH 61  361 62  HOH HOH A . 
G 5 HOH 62  362 74  HOH HOH A . 
G 5 HOH 63  363 9   HOH HOH A . 
G 5 HOH 64  364 40  HOH HOH A . 
G 5 HOH 65  365 31  HOH HOH A . 
G 5 HOH 66  366 30  HOH HOH A . 
G 5 HOH 67  367 95  HOH HOH A . 
G 5 HOH 68  368 26  HOH HOH A . 
G 5 HOH 69  369 45  HOH HOH A . 
G 5 HOH 70  370 56  HOH HOH A . 
G 5 HOH 71  371 28  HOH HOH A . 
G 5 HOH 72  372 79  HOH HOH A . 
G 5 HOH 73  373 110 HOH HOH A . 
G 5 HOH 74  374 41  HOH HOH A . 
G 5 HOH 75  375 17  HOH HOH A . 
G 5 HOH 76  376 64  HOH HOH A . 
G 5 HOH 77  377 103 HOH HOH A . 
G 5 HOH 78  378 20  HOH HOH A . 
G 5 HOH 79  379 38  HOH HOH A . 
G 5 HOH 80  380 14  HOH HOH A . 
G 5 HOH 81  381 63  HOH HOH A . 
G 5 HOH 82  382 76  HOH HOH A . 
G 5 HOH 83  383 89  HOH HOH A . 
G 5 HOH 84  384 53  HOH HOH A . 
G 5 HOH 85  385 96  HOH HOH A . 
G 5 HOH 86  386 112 HOH HOH A . 
G 5 HOH 87  387 100 HOH HOH A . 
G 5 HOH 88  388 49  HOH HOH A . 
G 5 HOH 89  389 58  HOH HOH A . 
G 5 HOH 90  390 131 HOH HOH A . 
G 5 HOH 91  391 16  HOH HOH A . 
G 5 HOH 92  392 98  HOH HOH A . 
G 5 HOH 93  393 18  HOH HOH A . 
G 5 HOH 94  394 47  HOH HOH A . 
G 5 HOH 95  395 1   HOH HOH A . 
G 5 HOH 96  396 13  HOH HOH A . 
G 5 HOH 97  397 127 HOH HOH A . 
G 5 HOH 98  398 135 HOH HOH A . 
G 5 HOH 99  399 46  HOH HOH A . 
G 5 HOH 100 400 43  HOH HOH A . 
G 5 HOH 101 401 129 HOH HOH A . 
G 5 HOH 102 402 104 HOH HOH A . 
G 5 HOH 103 403 15  HOH HOH A . 
G 5 HOH 104 404 29  HOH HOH A . 
G 5 HOH 105 405 78  HOH HOH A . 
G 5 HOH 106 406 93  HOH HOH A . 
G 5 HOH 107 407 91  HOH HOH A . 
G 5 HOH 108 408 115 HOH HOH A . 
G 5 HOH 109 409 109 HOH HOH A . 
G 5 HOH 110 410 141 HOH HOH A . 
G 5 HOH 111 411 132 HOH HOH A . 
G 5 HOH 112 412 22  HOH HOH A . 
G 5 HOH 113 413 92  HOH HOH A . 
G 5 HOH 114 414 114 HOH HOH A . 
G 5 HOH 115 415 99  HOH HOH A . 
G 5 HOH 116 416 83  HOH HOH A . 
G 5 HOH 117 417 117 HOH HOH A . 
G 5 HOH 118 418 84  HOH HOH A . 
G 5 HOH 119 419 107 HOH HOH A . 
G 5 HOH 120 420 82  HOH HOH A . 
G 5 HOH 121 421 111 HOH HOH A . 
G 5 HOH 122 422 67  HOH HOH A . 
G 5 HOH 123 423 123 HOH HOH A . 
G 5 HOH 124 424 90  HOH HOH A . 
G 5 HOH 125 425 102 HOH HOH A . 
G 5 HOH 126 426 140 HOH HOH A . 
G 5 HOH 127 427 77  HOH HOH A . 
G 5 HOH 128 428 85  HOH HOH A . 
G 5 HOH 129 429 116 HOH HOH A . 
G 5 HOH 130 430 88  HOH HOH A . 
G 5 HOH 131 431 137 HOH HOH A . 
G 5 HOH 132 432 124 HOH HOH A . 
G 5 HOH 133 433 105 HOH HOH A . 
G 5 HOH 134 434 32  HOH HOH A . 
# 
_pdbx_unobs_or_zero_occ_atoms.id               1 
_pdbx_unobs_or_zero_occ_atoms.PDB_model_num    1 
_pdbx_unobs_or_zero_occ_atoms.polymer_flag     Y 
_pdbx_unobs_or_zero_occ_atoms.occupancy_flag   1 
_pdbx_unobs_or_zero_occ_atoms.auth_asym_id     A 
_pdbx_unobs_or_zero_occ_atoms.auth_comp_id     SER 
_pdbx_unobs_or_zero_occ_atoms.auth_seq_id      -1 
_pdbx_unobs_or_zero_occ_atoms.PDB_ins_code     ? 
_pdbx_unobs_or_zero_occ_atoms.auth_atom_id     OG 
_pdbx_unobs_or_zero_occ_atoms.label_alt_id     ? 
_pdbx_unobs_or_zero_occ_atoms.label_asym_id    A 
_pdbx_unobs_or_zero_occ_atoms.label_comp_id    SER 
_pdbx_unobs_or_zero_occ_atoms.label_seq_id     1 
_pdbx_unobs_or_zero_occ_atoms.label_atom_id    OG 
# 
loop_
_software.citation_id 
_software.classification 
_software.compiler_name 
_software.compiler_version 
_software.contact_author 
_software.contact_author_email 
_software.date 
_software.description 
_software.dependencies 
_software.hardware 
_software.language 
_software.location 
_software.mods 
_software.name 
_software.os 
_software.os_version 
_software.type 
_software.version 
_software.pdbx_ordinal 
? 'data reduction'  ? ? 'Wolfgang Kabsch'    Wolfgang.Kabsch@mpimf-heidelberg.mpg.de ?                          ? ? ? ?          
http://www.mpimf-heidelberg.mpg.de/~kabsch/xds/     ? XDS         ? ? package .      1 
? 'data scaling'    ? ? 'Phil Evans'         ?                                       29/03/17                   ? ? ? ?          
http://www.mrc-lmb.cam.ac.uk/harry/pre/aimless.html ? Aimless     ? ? program 0.5.32 2 
? phasing           ? ? 'Randy J. Read'      cimr-phaser@lists.cam.ac.uk             'Mon Oct 16 13:29:45 2017' ? ? ? ?          
http://www-structmed.cimr.cam.ac.uk/phaser/         ? PHASER      ? ? program 2.7.17 3 
? refinement        ? ? 'Garib N. Murshudov' garib@ysbl.york.ac.uk                   ?                          ? ? ? Fortran_77 
http://www.ccp4.ac.uk/dist/html/refmac5.html        ? REFMAC      ? ? program .      4 
? 'data extraction' ? ? PDB                  deposit@deposit.rcsb.org                'Sep. 1, 2017'             ? ? ? C++        
http://sw-tools.pdb.org/apps/PDB_EXTRACT/           ? PDB_EXTRACT ? ? package 3.24   5 
# 
_cell.angle_alpha                  90.000 
_cell.angle_alpha_esd              ? 
_cell.angle_beta                   90.000 
_cell.angle_beta_esd               ? 
_cell.angle_gamma                  90.000 
_cell.angle_gamma_esd              ? 
_cell.entry_id                     6HS8 
_cell.details                      ? 
_cell.formula_units_Z              ? 
_cell.length_a                     125.330 
_cell.length_a_esd                 ? 
_cell.length_b                     125.330 
_cell.length_b_esd                 ? 
_cell.length_c                     125.330 
_cell.length_c_esd                 ? 
_cell.volume                       ? 
_cell.volume_esd                   ? 
_cell.Z_PDB                        48 
_cell.reciprocal_angle_alpha       ? 
_cell.reciprocal_angle_beta        ? 
_cell.reciprocal_angle_gamma       ? 
_cell.reciprocal_angle_alpha_esd   ? 
_cell.reciprocal_angle_beta_esd    ? 
_cell.reciprocal_angle_gamma_esd   ? 
_cell.reciprocal_length_a          ? 
_cell.reciprocal_length_b          ? 
_cell.reciprocal_length_c          ? 
_cell.reciprocal_length_a_esd      ? 
_cell.reciprocal_length_b_esd      ? 
_cell.reciprocal_length_c_esd      ? 
_cell.pdbx_unique_axis             ? 
# 
_symmetry.entry_id                         6HS8 
_symmetry.cell_setting                     ? 
_symmetry.Int_Tables_number                196 
_symmetry.space_group_name_Hall            ? 
_symmetry.space_group_name_H-M             'F 2 3' 
_symmetry.pdbx_full_space_group_name_H-M   ? 
# 
_exptl.absorpt_coefficient_mu     ? 
_exptl.absorpt_correction_T_max   ? 
_exptl.absorpt_correction_T_min   ? 
_exptl.absorpt_correction_type    ? 
_exptl.absorpt_process_details    ? 
_exptl.entry_id                   6HS8 
_exptl.crystals_number            1 
_exptl.details                    ? 
_exptl.method                     'X-RAY DIFFRACTION' 
_exptl.method_details             ? 
# 
_exptl_crystal.colour                      ? 
_exptl_crystal.density_diffrn              ? 
_exptl_crystal.density_Matthews            2.51 
_exptl_crystal.density_method              ? 
_exptl_crystal.density_percent_sol         51.02 
_exptl_crystal.description                 pyramidal 
_exptl_crystal.F_000                       ? 
_exptl_crystal.id                          1 
_exptl_crystal.preparation                 ? 
_exptl_crystal.size_max                    ? 
_exptl_crystal.size_mid                    ? 
_exptl_crystal.size_min                    ? 
_exptl_crystal.size_rad                    ? 
_exptl_crystal.colour_lustre               ? 
_exptl_crystal.colour_modifier             ? 
_exptl_crystal.colour_primary              ? 
_exptl_crystal.density_meas                ? 
_exptl_crystal.density_meas_esd            ? 
_exptl_crystal.density_meas_gt             ? 
_exptl_crystal.density_meas_lt             ? 
_exptl_crystal.density_meas_temp           ? 
_exptl_crystal.density_meas_temp_esd       ? 
_exptl_crystal.density_meas_temp_gt        ? 
_exptl_crystal.density_meas_temp_lt        ? 
_exptl_crystal.pdbx_crystal_image_url      ? 
_exptl_crystal.pdbx_crystal_image_format   ? 
_exptl_crystal.pdbx_mosaicity              ? 
_exptl_crystal.pdbx_mosaicity_esd          ? 
# 
_exptl_crystal_grow.apparatus       ? 
_exptl_crystal_grow.atmosphere      ? 
_exptl_crystal_grow.crystal_id      1 
_exptl_crystal_grow.details         ? 
_exptl_crystal_grow.method          'VAPOR DIFFUSION, HANGING DROP' 
_exptl_crystal_grow.method_ref      ? 
_exptl_crystal_grow.pH              4.6 
_exptl_crystal_grow.pressure        ? 
_exptl_crystal_grow.pressure_esd    ? 
_exptl_crystal_grow.seeding         ? 
_exptl_crystal_grow.seeding_ref     ? 
_exptl_crystal_grow.temp            293 
_exptl_crystal_grow.temp_details    ? 
_exptl_crystal_grow.temp_esd        ? 
_exptl_crystal_grow.time            ? 
_exptl_crystal_grow.pdbx_details    '10% MPD, 0.1M Sodium tartrate, 0.1M Sodium Acetate' 
_exptl_crystal_grow.pdbx_pH_range   ? 
# 
_diffrn.ambient_environment              ? 
_diffrn.ambient_temp                     100 
_diffrn.ambient_temp_details             ? 
_diffrn.ambient_temp_esd                 ? 
_diffrn.crystal_id                       1 
_diffrn.crystal_support                  ? 
_diffrn.crystal_treatment                ? 
_diffrn.details                          ? 
_diffrn.id                               1 
_diffrn.ambient_pressure                 ? 
_diffrn.ambient_pressure_esd             ? 
_diffrn.ambient_pressure_gt              ? 
_diffrn.ambient_pressure_lt              ? 
_diffrn.ambient_temp_gt                  ? 
_diffrn.ambient_temp_lt                  ? 
_diffrn.pdbx_serial_crystal_experiment   ? 
# 
_diffrn_detector.details                      ? 
_diffrn_detector.detector                     PIXEL 
_diffrn_detector.diffrn_id                    1 
_diffrn_detector.type                         'DECTRIS PILATUS 6M-F' 
_diffrn_detector.area_resol_mean              ? 
_diffrn_detector.dtime                        ? 
_diffrn_detector.pdbx_frames_total            ? 
_diffrn_detector.pdbx_collection_time_total   ? 
_diffrn_detector.pdbx_collection_date         2018-01-23 
_diffrn_detector.pdbx_frequency               ? 
# 
_diffrn_radiation.collimation                      ? 
_diffrn_radiation.diffrn_id                        1 
_diffrn_radiation.filter_edge                      ? 
_diffrn_radiation.inhomogeneity                    ? 
_diffrn_radiation.monochromator                    ? 
_diffrn_radiation.polarisn_norm                    ? 
_diffrn_radiation.polarisn_ratio                   ? 
_diffrn_radiation.probe                            ? 
_diffrn_radiation.type                             ? 
_diffrn_radiation.xray_symbol                      ? 
_diffrn_radiation.wavelength_id                    1 
_diffrn_radiation.pdbx_monochromatic_or_laue_m_l   M 
_diffrn_radiation.pdbx_wavelength_list             ? 
_diffrn_radiation.pdbx_wavelength                  ? 
_diffrn_radiation.pdbx_diffrn_protocol             'SINGLE WAVELENGTH' 
_diffrn_radiation.pdbx_analyzer                    ? 
_diffrn_radiation.pdbx_scattering_type             x-ray 
# 
_diffrn_radiation_wavelength.id           1 
_diffrn_radiation_wavelength.wavelength   0.915870 
_diffrn_radiation_wavelength.wt           1.0 
# 
_diffrn_source.current                     ? 
_diffrn_source.details                     ? 
_diffrn_source.diffrn_id                   1 
_diffrn_source.power                       ? 
_diffrn_source.size                        ? 
_diffrn_source.source                      SYNCHROTRON 
_diffrn_source.target                      ? 
_diffrn_source.type                        'DIAMOND BEAMLINE I04-1' 
_diffrn_source.voltage                     ? 
_diffrn_source.take-off_angle              ? 
_diffrn_source.pdbx_wavelength_list        0.915870 
_diffrn_source.pdbx_wavelength             ? 
_diffrn_source.pdbx_synchrotron_beamline   I04-1 
_diffrn_source.pdbx_synchrotron_site       Diamond 
# 
_reflns.B_iso_Wilson_estimate            27.7 
_reflns.entry_id                         6HS8 
_reflns.data_reduction_details           ? 
_reflns.data_reduction_method            ? 
_reflns.d_resolution_high                1.70 
_reflns.d_resolution_low                 37.79 
_reflns.details                          ? 
_reflns.limit_h_max                      ? 
_reflns.limit_h_min                      ? 
_reflns.limit_k_max                      ? 
_reflns.limit_k_min                      ? 
_reflns.limit_l_max                      ? 
_reflns.limit_l_min                      ? 
_reflns.number_all                       ? 
_reflns.number_obs                       17966 
_reflns.observed_criterion               ? 
_reflns.observed_criterion_F_max         ? 
_reflns.observed_criterion_F_min         ? 
_reflns.observed_criterion_I_max         ? 
_reflns.observed_criterion_I_min         ? 
_reflns.observed_criterion_sigma_F       ? 
_reflns.observed_criterion_sigma_I       ? 
_reflns.percent_possible_obs             99.800 
_reflns.R_free_details                   ? 
_reflns.Rmerge_F_all                     ? 
_reflns.Rmerge_F_obs                     ? 
_reflns.Friedel_coverage                 ? 
_reflns.number_gt                        ? 
_reflns.threshold_expression             ? 
_reflns.pdbx_redundancy                  5.700 
_reflns.pdbx_Rmerge_I_obs                0.054 
_reflns.pdbx_Rmerge_I_all                ? 
_reflns.pdbx_Rsym_value                  ? 
_reflns.pdbx_netI_over_av_sigmaI         17.4 
_reflns.pdbx_netI_over_sigmaI            18.3 
_reflns.pdbx_res_netI_over_av_sigmaI_2   ? 
_reflns.pdbx_res_netI_over_sigmaI_2      ? 
_reflns.pdbx_chi_squared                 ? 
_reflns.pdbx_scaling_rejects             ? 
_reflns.pdbx_d_res_high_opt              ? 
_reflns.pdbx_d_res_low_opt               ? 
_reflns.pdbx_d_res_opt_method            ? 
_reflns.phase_calculation_details        ? 
_reflns.pdbx_Rrim_I_all                  0.060 
_reflns.pdbx_Rpim_I_all                  0.025 
_reflns.pdbx_d_opt                       ? 
_reflns.pdbx_number_measured_all         ? 
_reflns.pdbx_diffrn_id                   1 
_reflns.pdbx_ordinal                     1 
_reflns.pdbx_CC_half                     0.999 
_reflns.pdbx_R_split                     ? 
# 
_reflns_shell.d_res_high                  1.70 
_reflns_shell.d_res_low                   1.73 
_reflns_shell.meanI_over_sigI_all         ? 
_reflns_shell.meanI_over_sigI_obs         1.4 
_reflns_shell.number_measured_all         ? 
_reflns_shell.number_measured_obs         ? 
_reflns_shell.number_possible             ? 
_reflns_shell.number_unique_all           ? 
_reflns_shell.number_unique_obs           888 
_reflns_shell.percent_possible_all        99.89 
_reflns_shell.percent_possible_obs        ? 
_reflns_shell.Rmerge_F_all                ? 
_reflns_shell.Rmerge_F_obs                ? 
_reflns_shell.Rmerge_I_all                ? 
_reflns_shell.Rmerge_I_obs                1.518 
_reflns_shell.meanI_over_sigI_gt          ? 
_reflns_shell.meanI_over_uI_all           ? 
_reflns_shell.meanI_over_uI_gt            ? 
_reflns_shell.number_measured_gt          ? 
_reflns_shell.number_unique_gt            ? 
_reflns_shell.percent_possible_gt         ? 
_reflns_shell.Rmerge_F_gt                 ? 
_reflns_shell.Rmerge_I_gt                 ? 
_reflns_shell.pdbx_redundancy             5.5 
_reflns_shell.pdbx_Rsym_value             ? 
_reflns_shell.pdbx_chi_squared            ? 
_reflns_shell.pdbx_netI_over_sigmaI_all   ? 
_reflns_shell.pdbx_netI_over_sigmaI_obs   ? 
_reflns_shell.pdbx_Rrim_I_all             1.677 
_reflns_shell.pdbx_Rpim_I_all             0.702 
_reflns_shell.pdbx_rejects                ? 
_reflns_shell.pdbx_ordinal                1 
_reflns_shell.pdbx_diffrn_id              1 
_reflns_shell.pdbx_CC_half                0.554 
_reflns_shell.pdbx_R_split                ? 
# 
_refine.aniso_B[1][1]                            0.0000 
_refine.aniso_B[1][2]                            0.0000 
_refine.aniso_B[1][3]                            0.0000 
_refine.aniso_B[2][2]                            0.0000 
_refine.aniso_B[2][3]                            0.0000 
_refine.aniso_B[3][3]                            0.0000 
_refine.B_iso_max                                98.670 
_refine.B_iso_mean                               31.1600 
_refine.B_iso_min                                19.750 
_refine.correlation_coeff_Fo_to_Fc               0.9810 
_refine.correlation_coeff_Fo_to_Fc_free          0.9730 
_refine.details                                  
'HYDROGENS HAVE BEEN ADDED IN THE RIDING POSITIONS U VALUES      : REFINED INDIVIDUALLY' 
_refine.diff_density_max                         ? 
_refine.diff_density_max_esd                     ? 
_refine.diff_density_min                         ? 
_refine.diff_density_min_esd                     ? 
_refine.diff_density_rms                         ? 
_refine.diff_density_rms_esd                     ? 
_refine.entry_id                                 6HS8 
_refine.pdbx_refine_id                           'X-RAY DIFFRACTION' 
_refine.ls_abs_structure_details                 ? 
_refine.ls_abs_structure_Flack                   ? 
_refine.ls_abs_structure_Flack_esd               ? 
_refine.ls_abs_structure_Rogers                  ? 
_refine.ls_abs_structure_Rogers_esd              ? 
_refine.ls_d_res_high                            1.7000 
_refine.ls_d_res_low                             37.7900 
_refine.ls_extinction_coef                       ? 
_refine.ls_extinction_coef_esd                   ? 
_refine.ls_extinction_expression                 ? 
_refine.ls_extinction_method                     ? 
_refine.ls_goodness_of_fit_all                   ? 
_refine.ls_goodness_of_fit_all_esd               ? 
_refine.ls_goodness_of_fit_obs                   ? 
_refine.ls_goodness_of_fit_obs_esd               ? 
_refine.ls_hydrogen_treatment                    ? 
_refine.ls_matrix_type                           ? 
_refine.ls_number_constraints                    ? 
_refine.ls_number_parameters                     ? 
_refine.ls_number_reflns_all                     ? 
_refine.ls_number_reflns_obs                     17098 
_refine.ls_number_reflns_R_free                  854 
_refine.ls_number_reflns_R_work                  ? 
_refine.ls_number_restraints                     ? 
_refine.ls_percent_reflns_obs                    99.6100 
_refine.ls_percent_reflns_R_free                 4.8000 
_refine.ls_R_factor_all                          ? 
_refine.ls_R_factor_obs                          0.1433 
_refine.ls_R_factor_R_free                       0.1793 
_refine.ls_R_factor_R_free_error                 ? 
_refine.ls_R_factor_R_free_error_details         ? 
_refine.ls_R_factor_R_work                       0.1416 
_refine.ls_R_Fsqd_factor_obs                     ? 
_refine.ls_R_I_factor_obs                        ? 
_refine.ls_redundancy_reflns_all                 ? 
_refine.ls_redundancy_reflns_obs                 ? 
_refine.ls_restrained_S_all                      ? 
_refine.ls_restrained_S_obs                      ? 
_refine.ls_shift_over_esd_max                    ? 
_refine.ls_shift_over_esd_mean                   ? 
_refine.ls_structure_factor_coef                 ? 
_refine.ls_weighting_details                     ? 
_refine.ls_weighting_scheme                      ? 
_refine.ls_wR_factor_all                         ? 
_refine.ls_wR_factor_obs                         ? 
_refine.ls_wR_factor_R_free                      ? 
_refine.ls_wR_factor_R_work                      ? 
_refine.occupancy_max                            ? 
_refine.occupancy_min                            ? 
_refine.solvent_model_details                    ? 
_refine.solvent_model_param_bsol                 ? 
_refine.solvent_model_param_ksol                 ? 
_refine.ls_R_factor_gt                           ? 
_refine.ls_goodness_of_fit_gt                    ? 
_refine.ls_goodness_of_fit_ref                   ? 
_refine.ls_shift_over_su_max                     ? 
_refine.ls_shift_over_su_max_lt                  ? 
_refine.ls_shift_over_su_mean                    ? 
_refine.ls_shift_over_su_mean_lt                 ? 
_refine.pdbx_ls_sigma_I                          ? 
_refine.pdbx_ls_sigma_F                          0.000 
_refine.pdbx_ls_sigma_Fsqd                       ? 
_refine.pdbx_data_cutoff_high_absF               ? 
_refine.pdbx_data_cutoff_high_rms_absF           ? 
_refine.pdbx_data_cutoff_low_absF                ? 
_refine.pdbx_isotropic_thermal_model             ? 
_refine.pdbx_ls_cross_valid_method               THROUGHOUT 
_refine.pdbx_method_to_determine_struct          'MOLECULAR REPLACEMENT' 
_refine.pdbx_starting_model                      1GQO 
_refine.pdbx_stereochemistry_target_values       ? 
_refine.pdbx_R_Free_selection_details            RANDOM 
_refine.pdbx_stereochem_target_val_spec_case     ? 
_refine.pdbx_overall_ESU_R                       0.0830 
_refine.pdbx_overall_ESU_R_Free                  0.0870 
_refine.pdbx_solvent_vdw_probe_radii             1.2000 
_refine.pdbx_solvent_ion_probe_radii             0.8000 
_refine.pdbx_solvent_shrinkage_radii             0.8000 
_refine.pdbx_real_space_R                        ? 
_refine.pdbx_density_correlation                 ? 
_refine.pdbx_pd_number_of_powder_patterns        ? 
_refine.pdbx_pd_number_of_points                 ? 
_refine.pdbx_pd_meas_number_of_points            ? 
_refine.pdbx_pd_proc_ls_prof_R_factor            ? 
_refine.pdbx_pd_proc_ls_prof_wR_factor           ? 
_refine.pdbx_pd_Marquardt_correlation_coeff      ? 
_refine.pdbx_pd_Fsqrd_R_factor                   ? 
_refine.pdbx_pd_ls_matrix_band_width             ? 
_refine.pdbx_overall_phase_error                 ? 
_refine.pdbx_overall_SU_R_free_Cruickshank_DPI   ? 
_refine.pdbx_overall_SU_R_free_Blow_DPI          ? 
_refine.pdbx_overall_SU_R_Blow_DPI               ? 
_refine.pdbx_TLS_residual_ADP_flag               ? 
_refine.pdbx_diffrn_id                           1 
_refine.overall_SU_B                             2.0100 
_refine.overall_SU_ML                            0.0630 
_refine.overall_SU_R_Cruickshank_DPI             0.0831 
_refine.overall_SU_R_free                        ? 
_refine.overall_FOM_free_R_set                   ? 
_refine.overall_FOM_work_R_set                   ? 
_refine.pdbx_average_fsc_overall                 ? 
_refine.pdbx_average_fsc_work                    ? 
_refine.pdbx_average_fsc_free                    ? 
# 
_refine_hist.cycle_id                         final 
_refine_hist.pdbx_refine_id                   'X-RAY DIFFRACTION' 
_refine_hist.d_res_high                       1.7000 
_refine_hist.d_res_low                        37.7900 
_refine_hist.pdbx_number_atoms_ligand         41 
_refine_hist.number_atoms_solvent             134 
_refine_hist.number_atoms_total               1320 
_refine_hist.pdbx_number_residues_total       144 
_refine_hist.pdbx_B_iso_mean_ligand           45.61 
_refine_hist.pdbx_B_iso_mean_solvent          44.05 
_refine_hist.pdbx_number_atoms_protein        1145 
_refine_hist.pdbx_number_atoms_nucleic_acid   0 
# 
loop_
_refine_ls_restr.pdbx_refine_id 
_refine_ls_restr.criterion 
_refine_ls_restr.dev_ideal 
_refine_ls_restr.dev_ideal_target 
_refine_ls_restr.number 
_refine_ls_restr.rejects 
_refine_ls_restr.type 
_refine_ls_restr.weight 
_refine_ls_restr.pdbx_restraint_function 
'X-RAY DIFFRACTION' ? 0.015  0.014  1233 ? r_bond_refined_d       ? ? 
'X-RAY DIFFRACTION' ? 0.001  0.017  1077 ? r_bond_other_d         ? ? 
'X-RAY DIFFRACTION' ? 1.659  1.682  1671 ? r_angle_refined_deg    ? ? 
'X-RAY DIFFRACTION' ? 1.008  1.650  2534 ? r_angle_other_deg      ? ? 
'X-RAY DIFFRACTION' ? 6.498  5.000  153  ? r_dihedral_angle_1_deg ? ? 
'X-RAY DIFFRACTION' ? 35.264 24.697 66   ? r_dihedral_angle_2_deg ? ? 
'X-RAY DIFFRACTION' ? 13.034 15.000 217  ? r_dihedral_angle_3_deg ? ? 
'X-RAY DIFFRACTION' ? 19.980 15.000 4    ? r_dihedral_angle_4_deg ? ? 
'X-RAY DIFFRACTION' ? 0.101  0.200  167  ? r_chiral_restr         ? ? 
'X-RAY DIFFRACTION' ? 0.010  0.020  1388 ? r_gen_planes_refined   ? ? 
'X-RAY DIFFRACTION' ? 0.001  0.020  216  ? r_gen_planes_other     ? ? 
# 
_refine_ls_shell.pdbx_refine_id                   'X-RAY DIFFRACTION' 
_refine_ls_shell.d_res_high                       1.7000 
_refine_ls_shell.d_res_low                        1.7450 
_refine_ls_shell.number_reflns_all                1302 
_refine_ls_shell.number_reflns_obs                ? 
_refine_ls_shell.number_reflns_R_free             66 
_refine_ls_shell.number_reflns_R_work             1236 
_refine_ls_shell.percent_reflns_obs               99.8500 
_refine_ls_shell.percent_reflns_R_free            ? 
_refine_ls_shell.R_factor_all                     ? 
_refine_ls_shell.R_factor_obs                     ? 
_refine_ls_shell.R_factor_R_free                  0.2370 
_refine_ls_shell.R_factor_R_free_error            0.0000 
_refine_ls_shell.R_factor_R_work                  0.2690 
_refine_ls_shell.redundancy_reflns_all            ? 
_refine_ls_shell.redundancy_reflns_obs            ? 
_refine_ls_shell.wR_factor_all                    ? 
_refine_ls_shell.wR_factor_obs                    ? 
_refine_ls_shell.wR_factor_R_free                 ? 
_refine_ls_shell.wR_factor_R_work                 ? 
_refine_ls_shell.pdbx_total_number_of_bins_used   20 
_refine_ls_shell.pdbx_phase_error                 ? 
_refine_ls_shell.pdbx_fsc_work                    ? 
_refine_ls_shell.pdbx_fsc_free                    ? 
# 
_struct.entry_id                     6HS8 
_struct.title                        'The crystal structure of type II Dehydroquinase from Butyrivibrio crossotus DSM 2876' 
_struct.pdbx_model_details           ? 
_struct.pdbx_formula_weight          ? 
_struct.pdbx_formula_weight_method   ? 
_struct.pdbx_model_type_details      ? 
_struct.pdbx_CASP_flag               N 
# 
_struct_keywords.entry_id        6HS8 
_struct_keywords.text            'shikimate pathway, dehydratase, BIOSYNTHETIC PROTEIN' 
_struct_keywords.pdbx_keywords   'BIOSYNTHETIC PROTEIN' 
# 
loop_
_struct_asym.id 
_struct_asym.pdbx_blank_PDB_chainid_flag 
_struct_asym.pdbx_modified 
_struct_asym.entity_id 
_struct_asym.details 
A N N 1 ? 
B N N 2 ? 
C N N 2 ? 
D N N 2 ? 
E N N 3 ? 
F N N 4 ? 
G N N 5 ? 
# 
_struct_ref.id                         1 
_struct_ref.db_name                    UNP 
_struct_ref.db_code                    D4S0D1_9FIRM 
_struct_ref.pdbx_db_accession          D4S0D1 
_struct_ref.pdbx_db_isoform            ? 
_struct_ref.entity_id                  1 
_struct_ref.pdbx_seq_one_letter_code   
;MKILVINGPNLNFLGIREKNIYGNENYEYLVNMINEYCKSKNIEVECYQSNHEGAIIDKIQEAYFNGTDGIVINPGAYTH
YSYAIRDALASVSHIKKIEVHISNVNEREEFRHISVTEPVCNGQIVGQGLKGYIMAIDMLNS
;
_struct_ref.pdbx_align_begin           1 
# 
_struct_ref_seq.align_id                      1 
_struct_ref_seq.ref_id                        1 
_struct_ref_seq.pdbx_PDB_id_code              6HS8 
_struct_ref_seq.pdbx_strand_id                A 
_struct_ref_seq.seq_align_beg                 3 
_struct_ref_seq.pdbx_seq_align_beg_ins_code   ? 
_struct_ref_seq.seq_align_end                 144 
_struct_ref_seq.pdbx_seq_align_end_ins_code   ? 
_struct_ref_seq.pdbx_db_accession             D4S0D1 
_struct_ref_seq.db_align_beg                  1 
_struct_ref_seq.pdbx_db_align_beg_ins_code    ? 
_struct_ref_seq.db_align_end                  142 
_struct_ref_seq.pdbx_db_align_end_ins_code    ? 
_struct_ref_seq.pdbx_auth_seq_align_beg       1 
_struct_ref_seq.pdbx_auth_seq_align_end       142 
# 
loop_
_struct_ref_seq_dif.align_id 
_struct_ref_seq_dif.pdbx_pdb_id_code 
_struct_ref_seq_dif.mon_id 
_struct_ref_seq_dif.pdbx_pdb_strand_id 
_struct_ref_seq_dif.seq_num 
_struct_ref_seq_dif.pdbx_pdb_ins_code 
_struct_ref_seq_dif.pdbx_seq_db_name 
_struct_ref_seq_dif.pdbx_seq_db_accession_code 
_struct_ref_seq_dif.db_mon_id 
_struct_ref_seq_dif.pdbx_seq_db_seq_num 
_struct_ref_seq_dif.details 
_struct_ref_seq_dif.pdbx_auth_seq_num 
_struct_ref_seq_dif.pdbx_ordinal 
1 6HS8 SER A 1 ? UNP D4S0D1 ? ? 'expression tag' -1 1 
1 6HS8 HIS A 2 ? UNP D4S0D1 ? ? 'expression tag' 0  2 
# 
_pdbx_struct_assembly.id                   1 
_pdbx_struct_assembly.details              author_and_software_defined_assembly 
_pdbx_struct_assembly.method_details       PISA 
_pdbx_struct_assembly.oligomeric_details   trimeric 
_pdbx_struct_assembly.oligomeric_count     3 
# 
loop_
_pdbx_struct_assembly_prop.biol_id 
_pdbx_struct_assembly_prop.type 
_pdbx_struct_assembly_prop.value 
_pdbx_struct_assembly_prop.details 
1 'ABSA (A^2)' 9070  ? 
1 MORE         -34   ? 
1 'SSA (A^2)'  16850 ? 
# 
_pdbx_struct_assembly_gen.assembly_id       1 
_pdbx_struct_assembly_gen.oper_expression   1,2,3 
_pdbx_struct_assembly_gen.asym_id_list      A,B,C,D,E,F,G 
# 
_pdbx_struct_assembly_auth_evidence.id                     1 
_pdbx_struct_assembly_auth_evidence.assembly_id            1 
_pdbx_struct_assembly_auth_evidence.experimental_support   'gel filtration' 
_pdbx_struct_assembly_auth_evidence.details                ? 
# 
loop_
_pdbx_struct_oper_list.id 
_pdbx_struct_oper_list.type 
_pdbx_struct_oper_list.name 
_pdbx_struct_oper_list.symmetry_operation 
_pdbx_struct_oper_list.matrix[1][1] 
_pdbx_struct_oper_list.matrix[1][2] 
_pdbx_struct_oper_list.matrix[1][3] 
_pdbx_struct_oper_list.vector[1] 
_pdbx_struct_oper_list.matrix[2][1] 
_pdbx_struct_oper_list.matrix[2][2] 
_pdbx_struct_oper_list.matrix[2][3] 
_pdbx_struct_oper_list.vector[2] 
_pdbx_struct_oper_list.matrix[3][1] 
_pdbx_struct_oper_list.matrix[3][2] 
_pdbx_struct_oper_list.matrix[3][3] 
_pdbx_struct_oper_list.vector[3] 
1 'identity operation'         1_555  x,y,z   1.0000000000  0.0000000000  0.0000000000 0.0000000000   0.0000000000  1.0000000000  0.0000000000  0.0000000000   0.0000000000 0.0000000000  1.0000000000 0.0000000000 
2 'crystal symmetry operation' 7_555  -z,-x,y -0.4999170706 -0.8660709146 0.0020232099 -24.1279785153 0.8658357750  -0.4998333201 -0.0222500073 20.0781401660  0.0202813519 -0.0093713910 0.9997503907 0.3910860310 
3 'crystal symmetry operation' 10_555 -y,z,-x -0.4999170706 0.8658357750  0.0202813519 -29.4542921439 -0.8660709146 -0.4998333201 -0.0093713910 -10.8571519391 0.0020232099 -0.0222500073 0.9997503907 0.1045663187 
# 
loop_
_struct_conf.conf_type_id 
_struct_conf.id 
_struct_conf.pdbx_PDB_helix_id 
_struct_conf.beg_label_comp_id 
_struct_conf.beg_label_asym_id 
_struct_conf.beg_label_seq_id 
_struct_conf.pdbx_beg_PDB_ins_code 
_struct_conf.end_label_comp_id 
_struct_conf.end_label_asym_id 
_struct_conf.end_label_seq_id 
_struct_conf.pdbx_end_PDB_ins_code 
_struct_conf.beg_auth_comp_id 
_struct_conf.beg_auth_asym_id 
_struct_conf.beg_auth_seq_id 
_struct_conf.end_auth_comp_id 
_struct_conf.end_auth_asym_id 
_struct_conf.end_auth_seq_id 
_struct_conf.pdbx_PDB_helix_class 
_struct_conf.details 
_struct_conf.pdbx_PDB_helix_length 
HELX_P HELX_P1  AA1 ASN A 12  ? LEU A 16  ? ASN A 10  LEU A 14  5 ? 5  
HELX_P HELX_P2  AA2 GLU A 20  ? GLY A 25  ? GLU A 18  GLY A 23  1 ? 6  
HELX_P HELX_P3  AA3 ASN A 28  ? LYS A 43  ? ASN A 26  LYS A 41  1 ? 16 
HELX_P HELX_P4  AA4 HIS A 54  ? TYR A 66  ? HIS A 52  TYR A 64  1 ? 13 
HELX_P HELX_P5  AA5 PRO A 77  ? TYR A 83  ? PRO A 75  TYR A 81  5 ? 7  
HELX_P HELX_P6  AA6 SER A 84  ? VAL A 94  ? SER A 82  VAL A 92  1 ? 11 
HELX_P HELX_P7  AA7 ASN A 106 ? ARG A 110 ? ASN A 104 ARG A 108 5 ? 5  
HELX_P HELX_P8  AA8 GLU A 111 ? ILE A 116 ? GLU A 109 ILE A 114 5 ? 6  
HELX_P HELX_P9  AA9 THR A 119 ? CYS A 123 ? THR A 117 CYS A 121 5 ? 5  
HELX_P HELX_P10 AB1 LEU A 132 ? ASN A 143 ? LEU A 130 ASN A 141 1 ? 12 
# 
_struct_conf_type.id          HELX_P 
_struct_conf_type.criteria    ? 
_struct_conf_type.reference   ? 
# 
_struct_sheet.id               AA1 
_struct_sheet.type             ? 
_struct_sheet.number_strands   5 
_struct_sheet.details          ? 
# 
loop_
_struct_sheet_order.sheet_id 
_struct_sheet_order.range_id_1 
_struct_sheet_order.range_id_2 
_struct_sheet_order.offset 
_struct_sheet_order.sense 
AA1 1 2 ? parallel 
AA1 2 3 ? parallel 
AA1 3 4 ? parallel 
AA1 4 5 ? parallel 
# 
loop_
_struct_sheet_range.sheet_id 
_struct_sheet_range.id 
_struct_sheet_range.beg_label_comp_id 
_struct_sheet_range.beg_label_asym_id 
_struct_sheet_range.beg_label_seq_id 
_struct_sheet_range.pdbx_beg_PDB_ins_code 
_struct_sheet_range.end_label_comp_id 
_struct_sheet_range.end_label_asym_id 
_struct_sheet_range.end_label_seq_id 
_struct_sheet_range.pdbx_end_PDB_ins_code 
_struct_sheet_range.beg_auth_comp_id 
_struct_sheet_range.beg_auth_asym_id 
_struct_sheet_range.beg_auth_seq_id 
_struct_sheet_range.end_auth_comp_id 
_struct_sheet_range.end_auth_asym_id 
_struct_sheet_range.end_auth_seq_id 
AA1 1 ILE A 45  ? GLN A 51  ? ILE A 43  GLN A 49  
AA1 2 MET A 3   ? ASN A 9   ? MET A 1   ASN A 7   
AA1 3 GLY A 72  ? ASN A 76  ? GLY A 70  ASN A 74  
AA1 4 LYS A 98  ? HIS A 103 ? LYS A 96  HIS A 101 
AA1 5 GLN A 126 ? VAL A 128 ? GLN A 124 VAL A 126 
# 
loop_
_pdbx_struct_sheet_hbond.sheet_id 
_pdbx_struct_sheet_hbond.range_id_1 
_pdbx_struct_sheet_hbond.range_id_2 
_pdbx_struct_sheet_hbond.range_1_label_atom_id 
_pdbx_struct_sheet_hbond.range_1_label_comp_id 
_pdbx_struct_sheet_hbond.range_1_label_asym_id 
_pdbx_struct_sheet_hbond.range_1_label_seq_id 
_pdbx_struct_sheet_hbond.range_1_PDB_ins_code 
_pdbx_struct_sheet_hbond.range_1_auth_atom_id 
_pdbx_struct_sheet_hbond.range_1_auth_comp_id 
_pdbx_struct_sheet_hbond.range_1_auth_asym_id 
_pdbx_struct_sheet_hbond.range_1_auth_seq_id 
_pdbx_struct_sheet_hbond.range_2_label_atom_id 
_pdbx_struct_sheet_hbond.range_2_label_comp_id 
_pdbx_struct_sheet_hbond.range_2_label_asym_id 
_pdbx_struct_sheet_hbond.range_2_label_seq_id 
_pdbx_struct_sheet_hbond.range_2_PDB_ins_code 
_pdbx_struct_sheet_hbond.range_2_auth_atom_id 
_pdbx_struct_sheet_hbond.range_2_auth_comp_id 
_pdbx_struct_sheet_hbond.range_2_auth_asym_id 
_pdbx_struct_sheet_hbond.range_2_auth_seq_id 
AA1 1 2 O TYR A 50  ? O TYR A 48 N VAL A 7   ? N VAL A 5   
AA1 2 3 N ILE A 8   ? N ILE A 6  O VAL A 74  ? O VAL A 72  
AA1 3 4 N ILE A 73  ? N ILE A 71 O LYS A 98  ? O LYS A 96  
AA1 4 5 N GLU A 101 ? N GLU A 99 O ILE A 127 ? O ILE A 125 
# 
loop_
_struct_site.id 
_struct_site.pdbx_evidence_code 
_struct_site.pdbx_auth_asym_id 
_struct_site.pdbx_auth_comp_id 
_struct_site.pdbx_auth_seq_id 
_struct_site.pdbx_auth_ins_code 
_struct_site.pdbx_num_residues 
_struct_site.details 
AC1 Software A TLA 201 ? 11 'binding site for residue TLA A 201' 
AC2 Software A TLA 202 ? 7  'binding site for residue TLA A 202' 
AC3 Software A TLA 203 ? 7  'binding site for residue TLA A 203' 
AC4 Software A PO4 204 ? 9  'binding site for residue PO4 A 204' 
AC5 Software A GOL 205 ? 7  'binding site for residue GOL A 205' 
# 
loop_
_struct_site_gen.id 
_struct_site_gen.site_id 
_struct_site_gen.pdbx_num_res 
_struct_site_gen.label_comp_id 
_struct_site_gen.label_asym_id 
_struct_site_gen.label_seq_id 
_struct_site_gen.pdbx_auth_ins_code 
_struct_site_gen.auth_comp_id 
_struct_site_gen.auth_asym_id 
_struct_site_gen.auth_seq_id 
_struct_site_gen.label_atom_id 
_struct_site_gen.label_alt_id 
_struct_site_gen.symmetry 
_struct_site_gen.details 
1  AC1 11 TYR A 24  ? TYR A 22  . ? 1_555  ? 
2  AC1 11 ASN A 76  ? ASN A 74  . ? 1_555  ? 
3  AC1 11 GLY A 78  ? GLY A 76  . ? 1_555  ? 
4  AC1 11 ALA A 79  ? ALA A 77  . ? 1_555  ? 
5  AC1 11 HIS A 82  ? HIS A 80  . ? 1_555  ? 
6  AC1 11 HIS A 103 ? HIS A 101 . ? 1_555  ? 
7  AC1 11 ILE A 104 ? ILE A 102 . ? 1_555  ? 
8  AC1 11 SER A 105 ? SER A 103 . ? 1_555  ? 
9  AC1 11 ARG A 114 ? ARG A 112 . ? 1_555  ? 
10 AC1 11 GOL F .   ? GOL A 205 . ? 1_555  ? 
11 AC1 11 HOH G .   ? HOH A 303 . ? 1_555  ? 
12 AC2 7  ARG A 19  ? ARG A 17  . ? 1_555  ? 
13 AC2 7  GLU A 20  ? GLU A 18  . ? 1_555  ? 
14 AC2 7  LYS A 21  ? LYS A 19  . ? 1_555  ? 
15 AC2 7  ASN A 22  ? ASN A 20  . ? 1_555  ? 
16 AC2 7  SER A 95  ? SER A 93  . ? 7_555  ? 
17 AC2 7  HOH G .   ? HOH A 313 . ? 1_555  ? 
18 AC2 7  HOH G .   ? HOH A 332 . ? 1_555  ? 
19 AC3 7  LYS A 98  ? LYS A 96  . ? 27_554 ? 
20 AC3 7  LYS A 98  ? LYS A 96  . ? 1_555  ? 
21 AC3 7  ASN A 124 ? ASN A 122 . ? 1_555  ? 
22 AC3 7  ASN A 124 ? ASN A 122 . ? 27_554 ? 
23 AC3 7  MET A 141 ? MET A 139 . ? 27_554 ? 
24 AC3 7  HOH G .   ? HOH A 310 . ? 27_554 ? 
25 AC3 7  HOH G .   ? HOH A 310 . ? 1_555  ? 
26 AC4 9  HIS A 54  ? HIS A 52  . ? 10_555 ? 
27 AC4 9  HIS A 54  ? HIS A 52  . ? 1_555  ? 
28 AC4 9  HIS A 54  ? HIS A 52  . ? 7_555  ? 
29 AC4 9  GLY A 56  ? GLY A 54  . ? 7_555  ? 
30 AC4 9  GLY A 56  ? GLY A 54  . ? 1_555  ? 
31 AC4 9  GLY A 56  ? GLY A 54  . ? 10_555 ? 
32 AC4 9  HOH G .   ? HOH A 346 . ? 10_555 ? 
33 AC4 9  HOH G .   ? HOH A 346 . ? 7_555  ? 
34 AC4 9  HOH G .   ? HOH A 346 . ? 1_555  ? 
35 AC5 7  ASN A 12  ? ASN A 10  . ? 1_555  ? 
36 AC5 7  PHE A 15  ? PHE A 13  . ? 1_555  ? 
37 AC5 7  ARG A 19  ? ARG A 17  . ? 1_555  ? 
38 AC5 7  TYR A 24  ? TYR A 22  . ? 1_555  ? 
39 AC5 7  TLA B .   ? TLA A 201 . ? 1_555  ? 
40 AC5 7  HOH G .   ? HOH A 302 . ? 1_555  ? 
41 AC5 7  HOH G .   ? HOH A 303 . ? 1_555  ? 
# 
loop_
_pdbx_validate_close_contact.id 
_pdbx_validate_close_contact.PDB_model_num 
_pdbx_validate_close_contact.auth_atom_id_1 
_pdbx_validate_close_contact.auth_asym_id_1 
_pdbx_validate_close_contact.auth_comp_id_1 
_pdbx_validate_close_contact.auth_seq_id_1 
_pdbx_validate_close_contact.PDB_ins_code_1 
_pdbx_validate_close_contact.label_alt_id_1 
_pdbx_validate_close_contact.auth_atom_id_2 
_pdbx_validate_close_contact.auth_asym_id_2 
_pdbx_validate_close_contact.auth_comp_id_2 
_pdbx_validate_close_contact.auth_seq_id_2 
_pdbx_validate_close_contact.PDB_ins_code_2 
_pdbx_validate_close_contact.label_alt_id_2 
_pdbx_validate_close_contact.dist 
1 1 OE1 A GLU 18  ? ? O A HOH 302 ? ? 2.12 
2 1 O   A HOH 402 ? ? O A HOH 410 ? ? 2.19 
# 
_pdbx_validate_symm_contact.id                1 
_pdbx_validate_symm_contact.PDB_model_num     1 
_pdbx_validate_symm_contact.auth_atom_id_1    O 
_pdbx_validate_symm_contact.auth_asym_id_1    A 
_pdbx_validate_symm_contact.auth_comp_id_1    HOH 
_pdbx_validate_symm_contact.auth_seq_id_1     406 
_pdbx_validate_symm_contact.PDB_ins_code_1    ? 
_pdbx_validate_symm_contact.label_alt_id_1    ? 
_pdbx_validate_symm_contact.site_symmetry_1   1_555 
_pdbx_validate_symm_contact.auth_atom_id_2    O 
_pdbx_validate_symm_contact.auth_asym_id_2    A 
_pdbx_validate_symm_contact.auth_comp_id_2    HOH 
_pdbx_validate_symm_contact.auth_seq_id_2     413 
_pdbx_validate_symm_contact.PDB_ins_code_2    ? 
_pdbx_validate_symm_contact.label_alt_id_2    ? 
_pdbx_validate_symm_contact.site_symmetry_2   27_554 
_pdbx_validate_symm_contact.dist              2.19 
# 
loop_
_pdbx_validate_torsion.id 
_pdbx_validate_torsion.PDB_model_num 
_pdbx_validate_torsion.auth_comp_id 
_pdbx_validate_torsion.auth_asym_id 
_pdbx_validate_torsion.auth_seq_id 
_pdbx_validate_torsion.PDB_ins_code 
_pdbx_validate_torsion.label_alt_id 
_pdbx_validate_torsion.phi 
_pdbx_validate_torsion.psi 
1 1 ASN A 10  ? ? 77.84   -15.09  
2 1 TYR A 81  ? ? -158.57 -15.71  
3 1 VAL A 92  ? ? -113.88 67.63   
4 1 ARG A 108 ? ? -118.49 -158.39 
# 
loop_
_pdbx_struct_special_symmetry.id 
_pdbx_struct_special_symmetry.PDB_model_num 
_pdbx_struct_special_symmetry.auth_asym_id 
_pdbx_struct_special_symmetry.auth_comp_id 
_pdbx_struct_special_symmetry.auth_seq_id 
_pdbx_struct_special_symmetry.PDB_ins_code 
_pdbx_struct_special_symmetry.label_asym_id 
_pdbx_struct_special_symmetry.label_comp_id 
_pdbx_struct_special_symmetry.label_seq_id 
1 1 A PO4 204 ? E PO4 . 
2 1 A PO4 204 ? E PO4 . 
3 1 A HOH 319 ? G HOH . 
4 1 A HOH 337 ? G HOH . 
5 1 A HOH 355 ? G HOH . 
6 1 A HOH 418 ? G HOH . 
7 1 A HOH 434 ? G HOH . 
# 
_pdbx_phasing_MR.entry_id                     6HS8 
_pdbx_phasing_MR.method_rotation              ? 
_pdbx_phasing_MR.method_translation           ? 
_pdbx_phasing_MR.model_details                'Phaser MODE: MR_AUTO' 
_pdbx_phasing_MR.R_factor                     ? 
_pdbx_phasing_MR.R_rigid_body                 ? 
_pdbx_phasing_MR.correlation_coeff_Fo_to_Fc   ? 
_pdbx_phasing_MR.correlation_coeff_Io_to_Ic   ? 
_pdbx_phasing_MR.d_res_high_rotation          4.380 
_pdbx_phasing_MR.d_res_low_rotation           37.790 
_pdbx_phasing_MR.d_res_high_translation       4.380 
_pdbx_phasing_MR.d_res_low_translation        37.790 
_pdbx_phasing_MR.packing                      ? 
_pdbx_phasing_MR.reflns_percent_rotation      ? 
_pdbx_phasing_MR.reflns_percent_translation   ? 
_pdbx_phasing_MR.sigma_F_rotation             ? 
_pdbx_phasing_MR.sigma_F_translation          ? 
_pdbx_phasing_MR.sigma_I_rotation             ? 
_pdbx_phasing_MR.sigma_I_translation          ? 
# 
_phasing.method   MR 
# 
loop_
_chem_comp_atom.comp_id 
_chem_comp_atom.atom_id 
_chem_comp_atom.type_symbol 
_chem_comp_atom.pdbx_aromatic_flag 
_chem_comp_atom.pdbx_stereo_config 
_chem_comp_atom.pdbx_ordinal 
ALA N    N N N 1   
ALA CA   C N S 2   
ALA C    C N N 3   
ALA O    O N N 4   
ALA CB   C N N 5   
ALA OXT  O N N 6   
ALA H    H N N 7   
ALA H2   H N N 8   
ALA HA   H N N 9   
ALA HB1  H N N 10  
ALA HB2  H N N 11  
ALA HB3  H N N 12  
ALA HXT  H N N 13  
ARG N    N N N 14  
ARG CA   C N S 15  
ARG C    C N N 16  
ARG O    O N N 17  
ARG CB   C N N 18  
ARG CG   C N N 19  
ARG CD   C N N 20  
ARG NE   N N N 21  
ARG CZ   C N N 22  
ARG NH1  N N N 23  
ARG NH2  N N N 24  
ARG OXT  O N N 25  
ARG H    H N N 26  
ARG H2   H N N 27  
ARG HA   H N N 28  
ARG HB2  H N N 29  
ARG HB3  H N N 30  
ARG HG2  H N N 31  
ARG HG3  H N N 32  
ARG HD2  H N N 33  
ARG HD3  H N N 34  
ARG HE   H N N 35  
ARG HH11 H N N 36  
ARG HH12 H N N 37  
ARG HH21 H N N 38  
ARG HH22 H N N 39  
ARG HXT  H N N 40  
ASN N    N N N 41  
ASN CA   C N S 42  
ASN C    C N N 43  
ASN O    O N N 44  
ASN CB   C N N 45  
ASN CG   C N N 46  
ASN OD1  O N N 47  
ASN ND2  N N N 48  
ASN OXT  O N N 49  
ASN H    H N N 50  
ASN H2   H N N 51  
ASN HA   H N N 52  
ASN HB2  H N N 53  
ASN HB3  H N N 54  
ASN HD21 H N N 55  
ASN HD22 H N N 56  
ASN HXT  H N N 57  
ASP N    N N N 58  
ASP CA   C N S 59  
ASP C    C N N 60  
ASP O    O N N 61  
ASP CB   C N N 62  
ASP CG   C N N 63  
ASP OD1  O N N 64  
ASP OD2  O N N 65  
ASP OXT  O N N 66  
ASP H    H N N 67  
ASP H2   H N N 68  
ASP HA   H N N 69  
ASP HB2  H N N 70  
ASP HB3  H N N 71  
ASP HD2  H N N 72  
ASP HXT  H N N 73  
CYS N    N N N 74  
CYS CA   C N R 75  
CYS C    C N N 76  
CYS O    O N N 77  
CYS CB   C N N 78  
CYS SG   S N N 79  
CYS OXT  O N N 80  
CYS H    H N N 81  
CYS H2   H N N 82  
CYS HA   H N N 83  
CYS HB2  H N N 84  
CYS HB3  H N N 85  
CYS HG   H N N 86  
CYS HXT  H N N 87  
GLN N    N N N 88  
GLN CA   C N S 89  
GLN C    C N N 90  
GLN O    O N N 91  
GLN CB   C N N 92  
GLN CG   C N N 93  
GLN CD   C N N 94  
GLN OE1  O N N 95  
GLN NE2  N N N 96  
GLN OXT  O N N 97  
GLN H    H N N 98  
GLN H2   H N N 99  
GLN HA   H N N 100 
GLN HB2  H N N 101 
GLN HB3  H N N 102 
GLN HG2  H N N 103 
GLN HG3  H N N 104 
GLN HE21 H N N 105 
GLN HE22 H N N 106 
GLN HXT  H N N 107 
GLU N    N N N 108 
GLU CA   C N S 109 
GLU C    C N N 110 
GLU O    O N N 111 
GLU CB   C N N 112 
GLU CG   C N N 113 
GLU CD   C N N 114 
GLU OE1  O N N 115 
GLU OE2  O N N 116 
GLU OXT  O N N 117 
GLU H    H N N 118 
GLU H2   H N N 119 
GLU HA   H N N 120 
GLU HB2  H N N 121 
GLU HB3  H N N 122 
GLU HG2  H N N 123 
GLU HG3  H N N 124 
GLU HE2  H N N 125 
GLU HXT  H N N 126 
GLY N    N N N 127 
GLY CA   C N N 128 
GLY C    C N N 129 
GLY O    O N N 130 
GLY OXT  O N N 131 
GLY H    H N N 132 
GLY H2   H N N 133 
GLY HA2  H N N 134 
GLY HA3  H N N 135 
GLY HXT  H N N 136 
GOL C1   C N N 137 
GOL O1   O N N 138 
GOL C2   C N N 139 
GOL O2   O N N 140 
GOL C3   C N N 141 
GOL O3   O N N 142 
GOL H11  H N N 143 
GOL H12  H N N 144 
GOL HO1  H N N 145 
GOL H2   H N N 146 
GOL HO2  H N N 147 
GOL H31  H N N 148 
GOL H32  H N N 149 
GOL HO3  H N N 150 
HIS N    N N N 151 
HIS CA   C N S 152 
HIS C    C N N 153 
HIS O    O N N 154 
HIS CB   C N N 155 
HIS CG   C Y N 156 
HIS ND1  N Y N 157 
HIS CD2  C Y N 158 
HIS CE1  C Y N 159 
HIS NE2  N Y N 160 
HIS OXT  O N N 161 
HIS H    H N N 162 
HIS H2   H N N 163 
HIS HA   H N N 164 
HIS HB2  H N N 165 
HIS HB3  H N N 166 
HIS HD1  H N N 167 
HIS HD2  H N N 168 
HIS HE1  H N N 169 
HIS HE2  H N N 170 
HIS HXT  H N N 171 
HOH O    O N N 172 
HOH H1   H N N 173 
HOH H2   H N N 174 
ILE N    N N N 175 
ILE CA   C N S 176 
ILE C    C N N 177 
ILE O    O N N 178 
ILE CB   C N S 179 
ILE CG1  C N N 180 
ILE CG2  C N N 181 
ILE CD1  C N N 182 
ILE OXT  O N N 183 
ILE H    H N N 184 
ILE H2   H N N 185 
ILE HA   H N N 186 
ILE HB   H N N 187 
ILE HG12 H N N 188 
ILE HG13 H N N 189 
ILE HG21 H N N 190 
ILE HG22 H N N 191 
ILE HG23 H N N 192 
ILE HD11 H N N 193 
ILE HD12 H N N 194 
ILE HD13 H N N 195 
ILE HXT  H N N 196 
LEU N    N N N 197 
LEU CA   C N S 198 
LEU C    C N N 199 
LEU O    O N N 200 
LEU CB   C N N 201 
LEU CG   C N N 202 
LEU CD1  C N N 203 
LEU CD2  C N N 204 
LEU OXT  O N N 205 
LEU H    H N N 206 
LEU H2   H N N 207 
LEU HA   H N N 208 
LEU HB2  H N N 209 
LEU HB3  H N N 210 
LEU HG   H N N 211 
LEU HD11 H N N 212 
LEU HD12 H N N 213 
LEU HD13 H N N 214 
LEU HD21 H N N 215 
LEU HD22 H N N 216 
LEU HD23 H N N 217 
LEU HXT  H N N 218 
LYS N    N N N 219 
LYS CA   C N S 220 
LYS C    C N N 221 
LYS O    O N N 222 
LYS CB   C N N 223 
LYS CG   C N N 224 
LYS CD   C N N 225 
LYS CE   C N N 226 
LYS NZ   N N N 227 
LYS OXT  O N N 228 
LYS H    H N N 229 
LYS H2   H N N 230 
LYS HA   H N N 231 
LYS HB2  H N N 232 
LYS HB3  H N N 233 
LYS HG2  H N N 234 
LYS HG3  H N N 235 
LYS HD2  H N N 236 
LYS HD3  H N N 237 
LYS HE2  H N N 238 
LYS HE3  H N N 239 
LYS HZ1  H N N 240 
LYS HZ2  H N N 241 
LYS HZ3  H N N 242 
LYS HXT  H N N 243 
MET N    N N N 244 
MET CA   C N S 245 
MET C    C N N 246 
MET O    O N N 247 
MET CB   C N N 248 
MET CG   C N N 249 
MET SD   S N N 250 
MET CE   C N N 251 
MET OXT  O N N 252 
MET H    H N N 253 
MET H2   H N N 254 
MET HA   H N N 255 
MET HB2  H N N 256 
MET HB3  H N N 257 
MET HG2  H N N 258 
MET HG3  H N N 259 
MET HE1  H N N 260 
MET HE2  H N N 261 
MET HE3  H N N 262 
MET HXT  H N N 263 
PHE N    N N N 264 
PHE CA   C N S 265 
PHE C    C N N 266 
PHE O    O N N 267 
PHE CB   C N N 268 
PHE CG   C Y N 269 
PHE CD1  C Y N 270 
PHE CD2  C Y N 271 
PHE CE1  C Y N 272 
PHE CE2  C Y N 273 
PHE CZ   C Y N 274 
PHE OXT  O N N 275 
PHE H    H N N 276 
PHE H2   H N N 277 
PHE HA   H N N 278 
PHE HB2  H N N 279 
PHE HB3  H N N 280 
PHE HD1  H N N 281 
PHE HD2  H N N 282 
PHE HE1  H N N 283 
PHE HE2  H N N 284 
PHE HZ   H N N 285 
PHE HXT  H N N 286 
PO4 P    P N N 287 
PO4 O1   O N N 288 
PO4 O2   O N N 289 
PO4 O3   O N N 290 
PO4 O4   O N N 291 
PRO N    N N N 292 
PRO CA   C N S 293 
PRO C    C N N 294 
PRO O    O N N 295 
PRO CB   C N N 296 
PRO CG   C N N 297 
PRO CD   C N N 298 
PRO OXT  O N N 299 
PRO H    H N N 300 
PRO HA   H N N 301 
PRO HB2  H N N 302 
PRO HB3  H N N 303 
PRO HG2  H N N 304 
PRO HG3  H N N 305 
PRO HD2  H N N 306 
PRO HD3  H N N 307 
PRO HXT  H N N 308 
SER N    N N N 309 
SER CA   C N S 310 
SER C    C N N 311 
SER O    O N N 312 
SER CB   C N N 313 
SER OG   O N N 314 
SER OXT  O N N 315 
SER H    H N N 316 
SER H2   H N N 317 
SER HA   H N N 318 
SER HB2  H N N 319 
SER HB3  H N N 320 
SER HG   H N N 321 
SER HXT  H N N 322 
THR N    N N N 323 
THR CA   C N S 324 
THR C    C N N 325 
THR O    O N N 326 
THR CB   C N R 327 
THR OG1  O N N 328 
THR CG2  C N N 329 
THR OXT  O N N 330 
THR H    H N N 331 
THR H2   H N N 332 
THR HA   H N N 333 
THR HB   H N N 334 
THR HG1  H N N 335 
THR HG21 H N N 336 
THR HG22 H N N 337 
THR HG23 H N N 338 
THR HXT  H N N 339 
TLA O1   O N N 340 
TLA O11  O N N 341 
TLA C1   C N N 342 
TLA C2   C N R 343 
TLA O2   O N N 344 
TLA C3   C N R 345 
TLA O3   O N N 346 
TLA C4   C N N 347 
TLA O4   O N N 348 
TLA O41  O N N 349 
TLA H11  H N N 350 
TLA H2   H N N 351 
TLA HA   H N N 352 
TLA H3   H N N 353 
TLA HB   H N N 354 
TLA H41  H N N 355 
TYR N    N N N 356 
TYR CA   C N S 357 
TYR C    C N N 358 
TYR O    O N N 359 
TYR CB   C N N 360 
TYR CG   C Y N 361 
TYR CD1  C Y N 362 
TYR CD2  C Y N 363 
TYR CE1  C Y N 364 
TYR CE2  C Y N 365 
TYR CZ   C Y N 366 
TYR OH   O N N 367 
TYR OXT  O N N 368 
TYR H    H N N 369 
TYR H2   H N N 370 
TYR HA   H N N 371 
TYR HB2  H N N 372 
TYR HB3  H N N 373 
TYR HD1  H N N 374 
TYR HD2  H N N 375 
TYR HE1  H N N 376 
TYR HE2  H N N 377 
TYR HH   H N N 378 
TYR HXT  H N N 379 
VAL N    N N N 380 
VAL CA   C N S 381 
VAL C    C N N 382 
VAL O    O N N 383 
VAL CB   C N N 384 
VAL CG1  C N N 385 
VAL CG2  C N N 386 
VAL OXT  O N N 387 
VAL H    H N N 388 
VAL H2   H N N 389 
VAL HA   H N N 390 
VAL HB   H N N 391 
VAL HG11 H N N 392 
VAL HG12 H N N 393 
VAL HG13 H N N 394 
VAL HG21 H N N 395 
VAL HG22 H N N 396 
VAL HG23 H N N 397 
VAL HXT  H N N 398 
# 
loop_
_chem_comp_bond.comp_id 
_chem_comp_bond.atom_id_1 
_chem_comp_bond.atom_id_2 
_chem_comp_bond.value_order 
_chem_comp_bond.pdbx_aromatic_flag 
_chem_comp_bond.pdbx_stereo_config 
_chem_comp_bond.pdbx_ordinal 
ALA N   CA   sing N N 1   
ALA N   H    sing N N 2   
ALA N   H2   sing N N 3   
ALA CA  C    sing N N 4   
ALA CA  CB   sing N N 5   
ALA CA  HA   sing N N 6   
ALA C   O    doub N N 7   
ALA C   OXT  sing N N 8   
ALA CB  HB1  sing N N 9   
ALA CB  HB2  sing N N 10  
ALA CB  HB3  sing N N 11  
ALA OXT HXT  sing N N 12  
ARG N   CA   sing N N 13  
ARG N   H    sing N N 14  
ARG N   H2   sing N N 15  
ARG CA  C    sing N N 16  
ARG CA  CB   sing N N 17  
ARG CA  HA   sing N N 18  
ARG C   O    doub N N 19  
ARG C   OXT  sing N N 20  
ARG CB  CG   sing N N 21  
ARG CB  HB2  sing N N 22  
ARG CB  HB3  sing N N 23  
ARG CG  CD   sing N N 24  
ARG CG  HG2  sing N N 25  
ARG CG  HG3  sing N N 26  
ARG CD  NE   sing N N 27  
ARG CD  HD2  sing N N 28  
ARG CD  HD3  sing N N 29  
ARG NE  CZ   sing N N 30  
ARG NE  HE   sing N N 31  
ARG CZ  NH1  sing N N 32  
ARG CZ  NH2  doub N N 33  
ARG NH1 HH11 sing N N 34  
ARG NH1 HH12 sing N N 35  
ARG NH2 HH21 sing N N 36  
ARG NH2 HH22 sing N N 37  
ARG OXT HXT  sing N N 38  
ASN N   CA   sing N N 39  
ASN N   H    sing N N 40  
ASN N   H2   sing N N 41  
ASN CA  C    sing N N 42  
ASN CA  CB   sing N N 43  
ASN CA  HA   sing N N 44  
ASN C   O    doub N N 45  
ASN C   OXT  sing N N 46  
ASN CB  CG   sing N N 47  
ASN CB  HB2  sing N N 48  
ASN CB  HB3  sing N N 49  
ASN CG  OD1  doub N N 50  
ASN CG  ND2  sing N N 51  
ASN ND2 HD21 sing N N 52  
ASN ND2 HD22 sing N N 53  
ASN OXT HXT  sing N N 54  
ASP N   CA   sing N N 55  
ASP N   H    sing N N 56  
ASP N   H2   sing N N 57  
ASP CA  C    sing N N 58  
ASP CA  CB   sing N N 59  
ASP CA  HA   sing N N 60  
ASP C   O    doub N N 61  
ASP C   OXT  sing N N 62  
ASP CB  CG   sing N N 63  
ASP CB  HB2  sing N N 64  
ASP CB  HB3  sing N N 65  
ASP CG  OD1  doub N N 66  
ASP CG  OD2  sing N N 67  
ASP OD2 HD2  sing N N 68  
ASP OXT HXT  sing N N 69  
CYS N   CA   sing N N 70  
CYS N   H    sing N N 71  
CYS N   H2   sing N N 72  
CYS CA  C    sing N N 73  
CYS CA  CB   sing N N 74  
CYS CA  HA   sing N N 75  
CYS C   O    doub N N 76  
CYS C   OXT  sing N N 77  
CYS CB  SG   sing N N 78  
CYS CB  HB2  sing N N 79  
CYS CB  HB3  sing N N 80  
CYS SG  HG   sing N N 81  
CYS OXT HXT  sing N N 82  
GLN N   CA   sing N N 83  
GLN N   H    sing N N 84  
GLN N   H2   sing N N 85  
GLN CA  C    sing N N 86  
GLN CA  CB   sing N N 87  
GLN CA  HA   sing N N 88  
GLN C   O    doub N N 89  
GLN C   OXT  sing N N 90  
GLN CB  CG   sing N N 91  
GLN CB  HB2  sing N N 92  
GLN CB  HB3  sing N N 93  
GLN CG  CD   sing N N 94  
GLN CG  HG2  sing N N 95  
GLN CG  HG3  sing N N 96  
GLN CD  OE1  doub N N 97  
GLN CD  NE2  sing N N 98  
GLN NE2 HE21 sing N N 99  
GLN NE2 HE22 sing N N 100 
GLN OXT HXT  sing N N 101 
GLU N   CA   sing N N 102 
GLU N   H    sing N N 103 
GLU N   H2   sing N N 104 
GLU CA  C    sing N N 105 
GLU CA  CB   sing N N 106 
GLU CA  HA   sing N N 107 
GLU C   O    doub N N 108 
GLU C   OXT  sing N N 109 
GLU CB  CG   sing N N 110 
GLU CB  HB2  sing N N 111 
GLU CB  HB3  sing N N 112 
GLU CG  CD   sing N N 113 
GLU CG  HG2  sing N N 114 
GLU CG  HG3  sing N N 115 
GLU CD  OE1  doub N N 116 
GLU CD  OE2  sing N N 117 
GLU OE2 HE2  sing N N 118 
GLU OXT HXT  sing N N 119 
GLY N   CA   sing N N 120 
GLY N   H    sing N N 121 
GLY N   H2   sing N N 122 
GLY CA  C    sing N N 123 
GLY CA  HA2  sing N N 124 
GLY CA  HA3  sing N N 125 
GLY C   O    doub N N 126 
GLY C   OXT  sing N N 127 
GLY OXT HXT  sing N N 128 
GOL C1  O1   sing N N 129 
GOL C1  C2   sing N N 130 
GOL C1  H11  sing N N 131 
GOL C1  H12  sing N N 132 
GOL O1  HO1  sing N N 133 
GOL C2  O2   sing N N 134 
GOL C2  C3   sing N N 135 
GOL C2  H2   sing N N 136 
GOL O2  HO2  sing N N 137 
GOL C3  O3   sing N N 138 
GOL C3  H31  sing N N 139 
GOL C3  H32  sing N N 140 
GOL O3  HO3  sing N N 141 
HIS N   CA   sing N N 142 
HIS N   H    sing N N 143 
HIS N   H2   sing N N 144 
HIS CA  C    sing N N 145 
HIS CA  CB   sing N N 146 
HIS CA  HA   sing N N 147 
HIS C   O    doub N N 148 
HIS C   OXT  sing N N 149 
HIS CB  CG   sing N N 150 
HIS CB  HB2  sing N N 151 
HIS CB  HB3  sing N N 152 
HIS CG  ND1  sing Y N 153 
HIS CG  CD2  doub Y N 154 
HIS ND1 CE1  doub Y N 155 
HIS ND1 HD1  sing N N 156 
HIS CD2 NE2  sing Y N 157 
HIS CD2 HD2  sing N N 158 
HIS CE1 NE2  sing Y N 159 
HIS CE1 HE1  sing N N 160 
HIS NE2 HE2  sing N N 161 
HIS OXT HXT  sing N N 162 
HOH O   H1   sing N N 163 
HOH O   H2   sing N N 164 
ILE N   CA   sing N N 165 
ILE N   H    sing N N 166 
ILE N   H2   sing N N 167 
ILE CA  C    sing N N 168 
ILE CA  CB   sing N N 169 
ILE CA  HA   sing N N 170 
ILE C   O    doub N N 171 
ILE C   OXT  sing N N 172 
ILE CB  CG1  sing N N 173 
ILE CB  CG2  sing N N 174 
ILE CB  HB   sing N N 175 
ILE CG1 CD1  sing N N 176 
ILE CG1 HG12 sing N N 177 
ILE CG1 HG13 sing N N 178 
ILE CG2 HG21 sing N N 179 
ILE CG2 HG22 sing N N 180 
ILE CG2 HG23 sing N N 181 
ILE CD1 HD11 sing N N 182 
ILE CD1 HD12 sing N N 183 
ILE CD1 HD13 sing N N 184 
ILE OXT HXT  sing N N 185 
LEU N   CA   sing N N 186 
LEU N   H    sing N N 187 
LEU N   H2   sing N N 188 
LEU CA  C    sing N N 189 
LEU CA  CB   sing N N 190 
LEU CA  HA   sing N N 191 
LEU C   O    doub N N 192 
LEU C   OXT  sing N N 193 
LEU CB  CG   sing N N 194 
LEU CB  HB2  sing N N 195 
LEU CB  HB3  sing N N 196 
LEU CG  CD1  sing N N 197 
LEU CG  CD2  sing N N 198 
LEU CG  HG   sing N N 199 
LEU CD1 HD11 sing N N 200 
LEU CD1 HD12 sing N N 201 
LEU CD1 HD13 sing N N 202 
LEU CD2 HD21 sing N N 203 
LEU CD2 HD22 sing N N 204 
LEU CD2 HD23 sing N N 205 
LEU OXT HXT  sing N N 206 
LYS N   CA   sing N N 207 
LYS N   H    sing N N 208 
LYS N   H2   sing N N 209 
LYS CA  C    sing N N 210 
LYS CA  CB   sing N N 211 
LYS CA  HA   sing N N 212 
LYS C   O    doub N N 213 
LYS C   OXT  sing N N 214 
LYS CB  CG   sing N N 215 
LYS CB  HB2  sing N N 216 
LYS CB  HB3  sing N N 217 
LYS CG  CD   sing N N 218 
LYS CG  HG2  sing N N 219 
LYS CG  HG3  sing N N 220 
LYS CD  CE   sing N N 221 
LYS CD  HD2  sing N N 222 
LYS CD  HD3  sing N N 223 
LYS CE  NZ   sing N N 224 
LYS CE  HE2  sing N N 225 
LYS CE  HE3  sing N N 226 
LYS NZ  HZ1  sing N N 227 
LYS NZ  HZ2  sing N N 228 
LYS NZ  HZ3  sing N N 229 
LYS OXT HXT  sing N N 230 
MET N   CA   sing N N 231 
MET N   H    sing N N 232 
MET N   H2   sing N N 233 
MET CA  C    sing N N 234 
MET CA  CB   sing N N 235 
MET CA  HA   sing N N 236 
MET C   O    doub N N 237 
MET C   OXT  sing N N 238 
MET CB  CG   sing N N 239 
MET CB  HB2  sing N N 240 
MET CB  HB3  sing N N 241 
MET CG  SD   sing N N 242 
MET CG  HG2  sing N N 243 
MET CG  HG3  sing N N 244 
MET SD  CE   sing N N 245 
MET CE  HE1  sing N N 246 
MET CE  HE2  sing N N 247 
MET CE  HE3  sing N N 248 
MET OXT HXT  sing N N 249 
PHE N   CA   sing N N 250 
PHE N   H    sing N N 251 
PHE N   H2   sing N N 252 
PHE CA  C    sing N N 253 
PHE CA  CB   sing N N 254 
PHE CA  HA   sing N N 255 
PHE C   O    doub N N 256 
PHE C   OXT  sing N N 257 
PHE CB  CG   sing N N 258 
PHE CB  HB2  sing N N 259 
PHE CB  HB3  sing N N 260 
PHE CG  CD1  doub Y N 261 
PHE CG  CD2  sing Y N 262 
PHE CD1 CE1  sing Y N 263 
PHE CD1 HD1  sing N N 264 
PHE CD2 CE2  doub Y N 265 
PHE CD2 HD2  sing N N 266 
PHE CE1 CZ   doub Y N 267 
PHE CE1 HE1  sing N N 268 
PHE CE2 CZ   sing Y N 269 
PHE CE2 HE2  sing N N 270 
PHE CZ  HZ   sing N N 271 
PHE OXT HXT  sing N N 272 
PO4 P   O1   doub N N 273 
PO4 P   O2   sing N N 274 
PO4 P   O3   sing N N 275 
PO4 P   O4   sing N N 276 
PRO N   CA   sing N N 277 
PRO N   CD   sing N N 278 
PRO N   H    sing N N 279 
PRO CA  C    sing N N 280 
PRO CA  CB   sing N N 281 
PRO CA  HA   sing N N 282 
PRO C   O    doub N N 283 
PRO C   OXT  sing N N 284 
PRO CB  CG   sing N N 285 
PRO CB  HB2  sing N N 286 
PRO CB  HB3  sing N N 287 
PRO CG  CD   sing N N 288 
PRO CG  HG2  sing N N 289 
PRO CG  HG3  sing N N 290 
PRO CD  HD2  sing N N 291 
PRO CD  HD3  sing N N 292 
PRO OXT HXT  sing N N 293 
SER N   CA   sing N N 294 
SER N   H    sing N N 295 
SER N   H2   sing N N 296 
SER CA  C    sing N N 297 
SER CA  CB   sing N N 298 
SER CA  HA   sing N N 299 
SER C   O    doub N N 300 
SER C   OXT  sing N N 301 
SER CB  OG   sing N N 302 
SER CB  HB2  sing N N 303 
SER CB  HB3  sing N N 304 
SER OG  HG   sing N N 305 
SER OXT HXT  sing N N 306 
THR N   CA   sing N N 307 
THR N   H    sing N N 308 
THR N   H2   sing N N 309 
THR CA  C    sing N N 310 
THR CA  CB   sing N N 311 
THR CA  HA   sing N N 312 
THR C   O    doub N N 313 
THR C   OXT  sing N N 314 
THR CB  OG1  sing N N 315 
THR CB  CG2  sing N N 316 
THR CB  HB   sing N N 317 
THR OG1 HG1  sing N N 318 
THR CG2 HG21 sing N N 319 
THR CG2 HG22 sing N N 320 
THR CG2 HG23 sing N N 321 
THR OXT HXT  sing N N 322 
TLA O1  C1   doub N N 323 
TLA O11 C1   sing N N 324 
TLA O11 H11  sing N N 325 
TLA C1  C2   sing N N 326 
TLA C2  O2   sing N N 327 
TLA C2  C3   sing N N 328 
TLA C2  H2   sing N N 329 
TLA O2  HA   sing N N 330 
TLA C3  O3   sing N N 331 
TLA C3  C4   sing N N 332 
TLA C3  H3   sing N N 333 
TLA O3  HB   sing N N 334 
TLA C4  O4   doub N N 335 
TLA C4  O41  sing N N 336 
TLA O41 H41  sing N N 337 
TYR N   CA   sing N N 338 
TYR N   H    sing N N 339 
TYR N   H2   sing N N 340 
TYR CA  C    sing N N 341 
TYR CA  CB   sing N N 342 
TYR CA  HA   sing N N 343 
TYR C   O    doub N N 344 
TYR C   OXT  sing N N 345 
TYR CB  CG   sing N N 346 
TYR CB  HB2  sing N N 347 
TYR CB  HB3  sing N N 348 
TYR CG  CD1  doub Y N 349 
TYR CG  CD2  sing Y N 350 
TYR CD1 CE1  sing Y N 351 
TYR CD1 HD1  sing N N 352 
TYR CD2 CE2  doub Y N 353 
TYR CD2 HD2  sing N N 354 
TYR CE1 CZ   doub Y N 355 
TYR CE1 HE1  sing N N 356 
TYR CE2 CZ   sing Y N 357 
TYR CE2 HE2  sing N N 358 
TYR CZ  OH   sing N N 359 
TYR OH  HH   sing N N 360 
TYR OXT HXT  sing N N 361 
VAL N   CA   sing N N 362 
VAL N   H    sing N N 363 
VAL N   H2   sing N N 364 
VAL CA  C    sing N N 365 
VAL CA  CB   sing N N 366 
VAL CA  HA   sing N N 367 
VAL C   O    doub N N 368 
VAL C   OXT  sing N N 369 
VAL CB  CG1  sing N N 370 
VAL CB  CG2  sing N N 371 
VAL CB  HB   sing N N 372 
VAL CG1 HG11 sing N N 373 
VAL CG1 HG12 sing N N 374 
VAL CG1 HG13 sing N N 375 
VAL CG2 HG21 sing N N 376 
VAL CG2 HG22 sing N N 377 
VAL CG2 HG23 sing N N 378 
VAL OXT HXT  sing N N 379 
# 
_pdbx_initial_refinement_model.id               1 
_pdbx_initial_refinement_model.entity_id_list   ? 
_pdbx_initial_refinement_model.type             'experimental model' 
_pdbx_initial_refinement_model.source_name      PDB 
_pdbx_initial_refinement_model.accession_code   1GQO 
_pdbx_initial_refinement_model.details          ? 
# 
_atom_sites.entry_id                    6HS8 
_atom_sites.fract_transf_matrix[1][1]   0.00586490 
_atom_sites.fract_transf_matrix[1][2]   0.00285769 
_atom_sites.fract_transf_matrix[1][3]   0.00459358 
_atom_sites.fract_transf_matrix[2][1]   0.00539764 
_atom_sites.fract_transf_matrix[2][2]   -0.00354747 
_atom_sites.fract_transf_matrix[2][3]   -0.00468460 
_atom_sites.fract_transf_matrix[3][1]   0.00036451 
_atom_sites.fract_transf_matrix[3][2]   0.00655084 
_atom_sites.fract_transf_matrix[3][3]   -0.00454071 
_atom_sites.fract_transf_vector[1]      0.222703 
_atom_sites.fract_transf_vector[2]      -0.019410 
_atom_sites.fract_transf_vector[3]      -0.140368 
# 
loop_
_atom_type.symbol 
C 
N 
O 
P 
S 
# 
loop_
_atom_site.group_PDB 
_atom_site.id 
_atom_site.type_symbol 
_atom_site.label_atom_id 
_atom_site.label_alt_id 
_atom_site.label_comp_id 
_atom_site.label_asym_id 
_atom_site.label_entity_id 
_atom_site.label_seq_id 
_atom_site.pdbx_PDB_ins_code 
_atom_site.Cartn_x 
_atom_site.Cartn_y 
_atom_site.Cartn_z 
_atom_site.occupancy 
_atom_site.B_iso_or_equiv 
_atom_site.pdbx_formal_charge 
_atom_site.auth_seq_id 
_atom_site.auth_comp_id 
_atom_site.auth_asym_id 
_atom_site.auth_atom_id 
_atom_site.pdbx_PDB_model_num 
ATOM   1    N N   . SER A 1 1   ? 11.540  -11.170 -13.815 1.00 79.04 ? -1  SER A N   1 
ATOM   2    C CA  . SER A 1 1   ? 10.778  -11.026 -12.540 1.00 74.21 ? -1  SER A CA  1 
ATOM   3    C C   . SER A 1 1   ? 10.892  -12.308 -11.708 1.00 65.47 ? -1  SER A C   1 
ATOM   4    O O   . SER A 1 1   ? 10.286  -13.315 -12.053 1.00 78.47 ? -1  SER A O   1 
ATOM   5    C CB  . SER A 1 1   ? 9.325   -10.693 -12.816 1.00 66.93 ? -1  SER A CB  1 
ATOM   6    N N   . HIS A 1 2   ? 11.639  -12.266 -10.600 1.00 64.53 ? 0   HIS A N   1 
ATOM   7    C CA  . HIS A 1 2   ? 11.546  -13.357 -9.605  1.00 67.63 ? 0   HIS A CA  1 
ATOM   8    C C   . HIS A 1 2   ? 10.236  -13.237 -8.804  1.00 61.82 ? 0   HIS A C   1 
ATOM   9    O O   . HIS A 1 2   ? 9.786   -14.262 -8.303  1.00 73.00 ? 0   HIS A O   1 
ATOM   10   C CB  . HIS A 1 2   ? 12.808  -13.469 -8.714  1.00 76.03 ? 0   HIS A CB  1 
ATOM   11   C CG  . HIS A 1 2   ? 12.959  -12.423 -7.658  1.00 86.05 ? 0   HIS A CG  1 
ATOM   12   N ND1 . HIS A 1 2   ? 13.498  -11.173 -7.928  1.00 86.72 ? 0   HIS A ND1 1 
ATOM   13   C CD2 . HIS A 1 2   ? 12.690  -12.442 -6.330  1.00 84.16 ? 0   HIS A CD2 1 
ATOM   14   C CE1 . HIS A 1 2   ? 13.525  -10.461 -6.819  1.00 82.96 ? 0   HIS A CE1 1 
ATOM   15   N NE2 . HIS A 1 2   ? 13.026  -11.211 -5.827  1.00 77.71 ? 0   HIS A NE2 1 
ATOM   16   N N   . MET A 1 3   ? 9.621   -12.030 -8.741  1.00 44.50 ? 1   MET A N   1 
ATOM   17   C CA  A MET A 1 3   ? 8.448   -11.758 -7.889  0.70 40.97 ? 1   MET A CA  1 
ATOM   18   C CA  B MET A 1 3   ? 8.462   -11.746 -7.886  0.30 41.36 ? 1   MET A CA  1 
ATOM   19   C C   . MET A 1 3   ? 7.592   -10.658 -8.539  1.00 36.07 ? 1   MET A C   1 
ATOM   20   O O   . MET A 1 3   ? 8.129   -9.730  -9.176  1.00 34.29 ? 1   MET A O   1 
ATOM   21   C CB  A MET A 1 3   ? 8.881   -11.292 -6.494  0.70 45.63 ? 1   MET A CB  1 
ATOM   22   C CB  B MET A 1 3   ? 8.940   -11.268 -6.510  0.30 43.46 ? 1   MET A CB  1 
ATOM   23   C CG  A MET A 1 3   ? 7.791   -11.394 -5.449  0.70 52.69 ? 1   MET A CG  1 
ATOM   24   C CG  B MET A 1 3   ? 7.826   -10.875 -5.576  0.30 45.99 ? 1   MET A CG  1 
ATOM   25   S SD  A MET A 1 3   ? 8.314   -10.958 -3.764  0.70 56.08 ? 1   MET A SD  1 
ATOM   26   S SD  B MET A 1 3   ? 8.310   -10.879 -3.830  0.30 48.34 ? 1   MET A SD  1 
ATOM   27   C CE  A MET A 1 3   ? 9.315   -9.514  -4.095  0.70 49.32 ? 1   MET A CE  1 
ATOM   28   C CE  B MET A 1 3   ? 6.691   -11.031 -3.074  0.30 42.65 ? 1   MET A CE  1 
ATOM   29   N N   . LYS A 1 4   ? 6.262   -10.777 -8.382  1.00 32.69 ? 2   LYS A N   1 
ATOM   30   C CA  . LYS A 1 4   ? 5.293   -9.768  -8.889  1.00 32.52 ? 2   LYS A CA  1 
ATOM   31   C C   . LYS A 1 4   ? 4.523   -9.161  -7.701  1.00 27.82 ? 2   LYS A C   1 
ATOM   32   O O   . LYS A 1 4   ? 3.898   -9.896  -6.917  1.00 29.49 ? 2   LYS A O   1 
ATOM   33   C CB  . LYS A 1 4   ? 4.340   -10.436 -9.878  1.00 29.75 ? 2   LYS A CB  1 
ATOM   34   C CG  . LYS A 1 4   ? 3.289   -9.535  -10.510 1.00 32.91 ? 2   LYS A CG  1 
ATOM   35   C CD  . LYS A 1 4   ? 2.417   -10.301 -11.496 1.00 35.56 ? 2   LYS A CD  1 
ATOM   36   C CE  . LYS A 1 4   ? 1.434   -9.369  -12.185 1.00 37.29 ? 2   LYS A CE  1 
ATOM   37   N NZ  . LYS A 1 4   ? 0.529   -10.108 -13.104 1.00 39.19 ? 2   LYS A NZ  1 
ATOM   38   N N   . ILE A 1 5   ? 4.590   -7.848  -7.593  1.00 25.81 ? 3   ILE A N   1 
ATOM   39   C CA  . ILE A 1 5   ? 3.995   -7.078  -6.480  1.00 26.67 ? 3   ILE A CA  1 
ATOM   40   C C   . ILE A 1 5   ? 2.965   -6.103  -7.044  1.00 28.54 ? 3   ILE A C   1 
ATOM   41   O O   . ILE A 1 5   ? 3.190   -5.494  -8.101  1.00 26.17 ? 3   ILE A O   1 
ATOM   42   C CB  . ILE A 1 5   ? 5.093   -6.375  -5.653  1.00 30.36 ? 3   ILE A CB  1 
ATOM   43   C CG1 . ILE A 1 5   ? 5.967   -7.449  -4.984  1.00 35.42 ? 3   ILE A CG1 1 
ATOM   44   C CG2 . ILE A 1 5   ? 4.478   -5.420  -4.623  1.00 31.91 ? 3   ILE A CG2 1 
ATOM   45   C CD1 . ILE A 1 5   ? 7.103   -6.901  -4.119  1.00 39.73 ? 3   ILE A CD1 1 
ATOM   46   N N   . LEU A 1 6   ? 1.873   -5.919  -6.282  1.00 25.46 ? 4   LEU A N   1 
ATOM   47   C CA  . LEU A 1 6   ? 0.889   -4.866  -6.524  1.00 25.33 ? 4   LEU A CA  1 
ATOM   48   C C   . LEU A 1 6   ? 0.961   -3.871  -5.343  1.00 24.16 ? 4   LEU A C   1 
ATOM   49   O O   . LEU A 1 6   ? 0.859   -4.306  -4.182  1.00 25.10 ? 4   LEU A O   1 
ATOM   50   C CB  . LEU A 1 6   ? -0.501  -5.511  -6.618  1.00 25.14 ? 4   LEU A CB  1 
ATOM   51   C CG  . LEU A 1 6   ? -1.663  -4.512  -6.615  1.00 24.33 ? 4   LEU A CG  1 
ATOM   52   C CD1 . LEU A 1 6   ? -1.649  -3.634  -7.870  1.00 26.86 ? 4   LEU A CD1 1 
ATOM   53   C CD2 . LEU A 1 6   ? -2.961  -5.269  -6.499  1.00 26.00 ? 4   LEU A CD2 1 
ATOM   54   N N   . VAL A 1 7   ? 1.125   -2.583  -5.626  1.00 23.07 ? 5   VAL A N   1 
ATOM   55   C CA  . VAL A 1 7   ? 1.051   -1.523  -4.625  1.00 24.39 ? 5   VAL A CA  1 
ATOM   56   C C   . VAL A 1 7   ? -0.288  -0.810  -4.824  1.00 25.51 ? 5   VAL A C   1 
ATOM   57   O O   . VAL A 1 7   ? -0.539  -0.284  -5.888  1.00 25.85 ? 5   VAL A O   1 
ATOM   58   C CB  . VAL A 1 7   ? 2.210   -0.525  -4.756  1.00 25.38 ? 5   VAL A CB  1 
ATOM   59   C CG1 . VAL A 1 7   ? 2.059   0.618   -3.770  1.00 25.35 ? 5   VAL A CG1 1 
ATOM   60   C CG2 . VAL A 1 7   ? 3.565   -1.219  -4.672  1.00 27.38 ? 5   VAL A CG2 1 
ATOM   61   N N   . ILE A 1 8   ? -1.132  -0.811  -3.765  1.00 23.83 ? 6   ILE A N   1 
ATOM   62   C CA  . ILE A 1 8   ? -2.403  -0.102  -3.765  1.00 22.31 ? 6   ILE A CA  1 
ATOM   63   C C   . ILE A 1 8   ? -2.308  1.092   -2.822  1.00 22.64 ? 6   ILE A C   1 
ATOM   64   O O   . ILE A 1 8   ? -1.948  0.955   -1.626  1.00 24.03 ? 6   ILE A O   1 
ATOM   65   C CB  . ILE A 1 8   ? -3.551  -1.020  -3.333  1.00 22.04 ? 6   ILE A CB  1 
ATOM   66   C CG1 . ILE A 1 8   ? -3.756  -2.196  -4.282  1.00 25.57 ? 6   ILE A CG1 1 
ATOM   67   C CG2 . ILE A 1 8   ? -4.820  -0.211  -3.118  1.00 23.93 ? 6   ILE A CG2 1 
ATOM   68   C CD1 . ILE A 1 8   ? -4.671  -3.268  -3.729  1.00 23.77 ? 6   ILE A CD1 1 
ATOM   69   N N   . ASN A 1 9   ? -2.660  2.281   -3.324  1.00 21.74 ? 7   ASN A N   1 
ATOM   70   C CA  . ASN A 1 9   ? -2.925  3.479   -2.540  1.00 22.11 ? 7   ASN A CA  1 
ATOM   71   C C   . ASN A 1 9   ? -4.422  3.804   -2.611  1.00 23.35 ? 7   ASN A C   1 
ATOM   72   O O   . ASN A 1 9   ? -5.057  3.761   -3.704  1.00 23.09 ? 7   ASN A O   1 
ATOM   73   C CB  . ASN A 1 9   ? -2.042  4.638   -3.025  1.00 22.50 ? 7   ASN A CB  1 
ATOM   74   C CG  . ASN A 1 9   ? -0.659  4.541   -2.417  1.00 26.64 ? 7   ASN A CG  1 
ATOM   75   O OD1 . ASN A 1 9   ? -0.502  4.803   -1.209  1.00 25.47 ? 7   ASN A OD1 1 
ATOM   76   N ND2 . ASN A 1 9   ? 0.298   4.074   -3.202  1.00 26.19 ? 7   ASN A ND2 1 
ATOM   77   N N   . GLY A 1 10  ? -5.036  4.080   -1.436  1.00 21.42 ? 8   GLY A N   1 
ATOM   78   C CA  . GLY A 1 10  ? -6.452  4.413   -1.333  1.00 21.39 ? 8   GLY A CA  1 
ATOM   79   C C   . GLY A 1 10  ? -6.804  5.865   -1.575  1.00 21.81 ? 8   GLY A C   1 
ATOM   80   O O   . GLY A 1 10  ? -6.037  6.621   -2.199  1.00 20.45 ? 8   GLY A O   1 
ATOM   81   N N   . PRO A 1 11  ? -7.967  6.331   -1.042  1.00 20.74 ? 9   PRO A N   1 
ATOM   82   C CA  . PRO A 1 11  ? -8.518  7.629   -1.379  1.00 20.00 ? 9   PRO A CA  1 
ATOM   83   C C   . PRO A 1 11  ? -7.592  8.757   -0.935  1.00 22.03 ? 9   PRO A C   1 
ATOM   84   O O   . PRO A 1 11  ? -6.847  8.648   0.060   1.00 20.97 ? 9   PRO A O   1 
ATOM   85   C CB  . PRO A 1 11  ? -9.880  7.662   -0.686  1.00 20.79 ? 9   PRO A CB  1 
ATOM   86   C CG  . PRO A 1 11  ? -9.690  6.686   0.449   1.00 21.85 ? 9   PRO A CG  1 
ATOM   87   C CD  . PRO A 1 11  ? -8.851  5.573   -0.138  1.00 22.25 ? 9   PRO A CD  1 
ATOM   88   N N   . ASN A 1 12  ? -7.550  9.804   -1.766  1.00 21.69 ? 10  ASN A N   1 
ATOM   89   C CA  . ASN A 1 12  ? -6.882  11.060  -1.457  1.00 23.83 ? 10  ASN A CA  1 
ATOM   90   C C   . ASN A 1 12  ? -5.347  11.010  -1.610  1.00 22.63 ? 10  ASN A C   1 
ATOM   91   O O   . ASN A 1 12  ? -4.719  12.083  -1.659  1.00 22.29 ? 10  ASN A O   1 
ATOM   92   C CB  . ASN A 1 12  ? -7.302  11.586  -0.082  1.00 23.76 ? 10  ASN A CB  1 
ATOM   93   C CG  . ASN A 1 12  ? -8.794  11.759  0.103   1.00 22.96 ? 10  ASN A CG  1 
ATOM   94   O OD1 . ASN A 1 12  ? -9.423  12.592  -0.577  1.00 22.43 ? 10  ASN A OD1 1 
ATOM   95   N ND2 . ASN A 1 12  ? -9.383  11.020  1.068   1.00 22.35 ? 10  ASN A ND2 1 
ATOM   96   N N   . LEU A 1 13  ? -4.736  9.831   -1.697  1.00 21.39 ? 11  LEU A N   1 
ATOM   97   C CA  . LEU A 1 13  ? -3.269  9.716   -1.698  1.00 24.39 ? 11  LEU A CA  1 
ATOM   98   C C   . LEU A 1 13  ? -2.703  10.154  -3.072  1.00 26.00 ? 11  LEU A C   1 
ATOM   99   O O   . LEU A 1 13  ? -1.568  10.567  -3.125  1.00 24.36 ? 11  LEU A O   1 
ATOM   100  C CB  . LEU A 1 13  ? -2.889  8.292   -1.314  1.00 24.75 ? 11  LEU A CB  1 
ATOM   101  C CG  . LEU A 1 13  ? -3.045  8.059   0.192   1.00 27.23 ? 11  LEU A CG  1 
ATOM   102  C CD1 . LEU A 1 13  ? -3.338  6.643   0.483   1.00 26.58 ? 11  LEU A CD1 1 
ATOM   103  C CD2 . LEU A 1 13  ? -1.790  8.538   0.925   1.00 29.46 ? 11  LEU A CD2 1 
ATOM   104  N N   . ASN A 1 14  ? -3.555  10.254  -4.105  1.00 24.88 ? 12  ASN A N   1 
ATOM   105  C CA  . ASN A 1 14  ? -3.161  10.948  -5.378  1.00 22.58 ? 12  ASN A CA  1 
ATOM   106  C C   . ASN A 1 14  ? -2.858  12.441  -5.160  1.00 26.13 ? 12  ASN A C   1 
ATOM   107  O O   . ASN A 1 14  ? -2.248  13.043  -6.069  1.00 24.56 ? 12  ASN A O   1 
ATOM   108  C CB  . ASN A 1 14  ? -4.173  10.692  -6.506  1.00 23.21 ? 12  ASN A CB  1 
ATOM   109  C CG  . ASN A 1 14  ? -5.565  11.198  -6.206  1.00 24.59 ? 12  ASN A CG  1 
ATOM   110  O OD1 . ASN A 1 14  ? -6.019  11.059  -5.081  1.00 23.75 ? 12  ASN A OD1 1 
ATOM   111  N ND2 . ASN A 1 14  ? -6.249  11.735  -7.215  1.00 24.76 ? 12  ASN A ND2 1 
ATOM   112  N N   . PHE A 1 15  ? -3.273  13.058  -4.020  1.00 22.30 ? 13  PHE A N   1 
ATOM   113  C CA  . PHE A 1 15  ? -3.001  14.470  -3.691  1.00 22.84 ? 13  PHE A CA  1 
ATOM   114  C C   . PHE A 1 15  ? -1.791  14.662  -2.760  1.00 24.77 ? 13  PHE A C   1 
ATOM   115  O O   . PHE A 1 15  ? -1.549  15.774  -2.266  1.00 24.90 ? 13  PHE A O   1 
ATOM   116  C CB  . PHE A 1 15  ? -4.269  15.168  -3.141  1.00 24.62 ? 13  PHE A CB  1 
ATOM   117  C CG  . PHE A 1 15  ? -5.191  15.811  -4.174  1.00 23.39 ? 13  PHE A CG  1 
ATOM   118  C CD1 . PHE A 1 15  ? -5.212  15.411  -5.512  1.00 28.77 ? 13  PHE A CD1 1 
ATOM   119  C CD2 . PHE A 1 15  ? -6.073  16.805  -3.792  1.00 29.10 ? 13  PHE A CD2 1 
ATOM   120  C CE1 . PHE A 1 15  ? -6.063  16.019  -6.430  1.00 27.72 ? 13  PHE A CE1 1 
ATOM   121  C CE2 . PHE A 1 15  ? -6.910  17.426  -4.718  1.00 29.14 ? 13  PHE A CE2 1 
ATOM   122  C CZ  . PHE A 1 15  ? -6.902  17.034  -6.029  1.00 26.86 ? 13  PHE A CZ  1 
ATOM   123  N N   . LEU A 1 16  ? -0.980  13.631  -2.604  1.00 26.25 ? 14  LEU A N   1 
ATOM   124  C CA  . LEU A 1 16  ? 0.277   13.734  -1.890  1.00 25.84 ? 14  LEU A CA  1 
ATOM   125  C C   . LEU A 1 16  ? 1.092   14.919  -2.404  1.00 28.65 ? 14  LEU A C   1 
ATOM   126  O O   . LEU A 1 16  ? 1.246   15.152  -3.632  1.00 27.68 ? 14  LEU A O   1 
ATOM   127  C CB  . LEU A 1 16  ? 1.118   12.488  -2.123  1.00 30.39 ? 14  LEU A CB  1 
ATOM   128  C CG  . LEU A 1 16  ? 0.987   11.385  -1.093  1.00 37.09 ? 14  LEU A CG  1 
ATOM   129  C CD1 . LEU A 1 16  ? 1.771   10.159  -1.540  1.00 37.73 ? 14  LEU A CD1 1 
ATOM   130  C CD2 . LEU A 1 16  ? 1.483   11.877  0.265   1.00 36.13 ? 14  LEU A CD2 1 
ATOM   131  N N   . GLY A 1 17  ? 1.705   15.637  -1.473  1.00 28.42 ? 15  GLY A N   1 
ATOM   132  C CA  . GLY A 1 17  ? 2.741   16.600  -1.838  1.00 31.45 ? 15  GLY A CA  1 
ATOM   133  C C   . GLY A 1 17  ? 2.205   17.956  -2.218  1.00 36.47 ? 15  GLY A C   1 
ATOM   134  O O   . GLY A 1 17  ? 2.783   18.975  -1.865  1.00 38.97 ? 15  GLY A O   1 
ATOM   135  N N   . ILE A 1 18  ? 1.101   17.974  -2.960  1.00 38.28 ? 16  ILE A N   1 
ATOM   136  C CA  . ILE A 1 18  ? 0.504   19.244  -3.444  1.00 35.80 ? 16  ILE A CA  1 
ATOM   137  C C   . ILE A 1 18  ? -0.384  19.824  -2.342  1.00 34.80 ? 16  ILE A C   1 
ATOM   138  O O   . ILE A 1 18  ? -0.603  21.071  -2.283  1.00 34.17 ? 16  ILE A O   1 
ATOM   139  C CB  . ILE A 1 18  ? -0.202  19.046  -4.810  1.00 40.07 ? 16  ILE A CB  1 
ATOM   140  C CG1 . ILE A 1 18  ? -1.327  18.016  -4.784  1.00 39.96 ? 16  ILE A CG1 1 
ATOM   141  C CG2 . ILE A 1 18  ? 0.820   18.665  -5.882  1.00 41.38 ? 16  ILE A CG2 1 
ATOM   142  C CD1 . ILE A 1 18  ? -2.194  18.032  -6.036  1.00 36.88 ? 16  ILE A CD1 1 
ATOM   143  N N   . ARG A 1 19  ? -0.827  18.956  -1.432  1.00 36.04 ? 17  ARG A N   1 
ATOM   144  C CA  . ARG A 1 19  ? -1.712  19.354  -0.330  1.00 36.60 ? 17  ARG A CA  1 
ATOM   145  C C   . ARG A 1 19  ? -1.178  18.784  0.993   1.00 36.71 ? 17  ARG A C   1 
ATOM   146  O O   . ARG A 1 19  ? -0.471  17.792  1.007   1.00 36.57 ? 17  ARG A O   1 
ATOM   147  C CB  . ARG A 1 19  ? -3.145  18.832  -0.525  1.00 41.76 ? 17  ARG A CB  1 
ATOM   148  C CG  . ARG A 1 19  ? -3.742  19.007  -1.916  1.00 42.98 ? 17  ARG A CG  1 
ATOM   149  C CD  . ARG A 1 19  ? -3.812  20.469  -2.347  1.00 45.51 ? 17  ARG A CD  1 
ATOM   150  N NE  . ARG A 1 19  ? -4.372  21.366  -1.323  1.00 43.75 ? 17  ARG A NE  1 
ATOM   151  C CZ  . ARG A 1 19  ? -4.058  22.657  -1.179  1.00 50.21 ? 17  ARG A CZ  1 
ATOM   152  N NH1 . ARG A 1 19  ? -4.677  23.360  -0.243  1.00 47.26 ? 17  ARG A NH1 1 
ATOM   153  N NH2 . ARG A 1 19  ? -3.128  23.232  -1.953  1.00 42.21 ? 17  ARG A NH2 1 
ATOM   154  N N   . GLU A 1 20  ? -1.540  19.441  2.104   1.00 39.49 ? 18  GLU A N   1 
ATOM   155  C CA  . GLU A 1 20  ? -1.218  19.000  3.495   1.00 41.50 ? 18  GLU A CA  1 
ATOM   156  C C   . GLU A 1 20  ? 0.271   18.632  3.652   1.00 39.57 ? 18  GLU A C   1 
ATOM   157  O O   . GLU A 1 20  ? 0.631   17.575  4.247   1.00 39.39 ? 18  GLU A O   1 
ATOM   158  C CB  . GLU A 1 20  ? -2.150  17.855  3.915   1.00 45.69 ? 18  GLU A CB  1 
ATOM   159  C CG  . GLU A 1 20  ? -3.621  18.274  4.005   1.00 46.34 ? 18  GLU A CG  1 
ATOM   160  C CD  . GLU A 1 20  ? -4.574  17.159  4.429   1.00 56.33 ? 18  GLU A CD  1 
ATOM   161  O OE1 . GLU A 1 20  ? -5.484  16.830  3.641   1.00 49.94 ? 18  GLU A OE1 1 
ATOM   162  O OE2 . GLU A 1 20  ? -4.399  16.615  5.538   1.00 69.61 ? 18  GLU A OE2 1 
ATOM   163  N N   . LYS A 1 21  ? 1.145   19.524  3.191   1.00 37.25 ? 19  LYS A N   1 
ATOM   164  C CA  . LYS A 1 21  ? 2.612   19.263  3.165   1.00 40.05 ? 19  LYS A CA  1 
ATOM   165  C C   . LYS A 1 21  ? 3.190   19.001  4.565   1.00 39.03 ? 19  LYS A C   1 
ATOM   166  O O   . LYS A 1 21  ? 4.116   18.211  4.727   1.00 35.25 ? 19  LYS A O   1 
ATOM   167  C CB  . LYS A 1 21  ? 3.375   20.457  2.583   1.00 44.88 ? 19  LYS A CB  1 
ATOM   168  C CG  . LYS A 1 21  ? 3.219   20.708  1.088   1.00 50.00 ? 19  LYS A CG  1 
ATOM   169  C CD  . LYS A 1 21  ? 4.091   21.880  0.669   1.00 54.55 ? 19  LYS A CD  1 
ATOM   170  C CE  . LYS A 1 21  ? 4.251   22.015  -0.823  1.00 62.91 ? 19  LYS A CE  1 
ATOM   171  N NZ  . LYS A 1 21  ? 2.928   22.117  -1.475  1.00 67.64 ? 19  LYS A NZ  1 
ATOM   172  N N   . ASN A 1 22  ? 2.642   19.691  5.573   1.00 40.38 ? 20  ASN A N   1 
ATOM   173  C CA  . ASN A 1 22  ? 3.102   19.543  6.984   1.00 43.18 ? 20  ASN A CA  1 
ATOM   174  C C   . ASN A 1 22  ? 2.753   18.140  7.531   1.00 48.48 ? 20  ASN A C   1 
ATOM   175  O O   . ASN A 1 22  ? 3.366   17.702  8.503   1.00 48.66 ? 20  ASN A O   1 
ATOM   176  C CB  . ASN A 1 22  ? 2.546   20.679  7.843   1.00 41.03 ? 20  ASN A CB  1 
ATOM   177  C CG  . ASN A 1 22  ? 1.049   20.593  8.060   1.00 50.83 ? 20  ASN A CG  1 
ATOM   178  O OD1 . ASN A 1 22  ? 0.271   20.497  7.109   1.00 50.13 ? 20  ASN A OD1 1 
ATOM   179  N ND2 . ASN A 1 22  ? 0.626   20.599  9.317   1.00 48.78 ? 20  ASN A ND2 1 
ATOM   180  N N   . ILE A 1 23  ? 1.798   17.406  6.915   1.00 39.59 ? 21  ILE A N   1 
ATOM   181  C CA  . ILE A 1 23  ? 1.410   16.045  7.468   1.00 39.35 ? 21  ILE A CA  1 
ATOM   182  C C   . ILE A 1 23  ? 2.119   14.931  6.681   1.00 40.38 ? 21  ILE A C   1 
ATOM   183  O O   . ILE A 1 23  ? 2.698   14.065  7.278   1.00 39.74 ? 21  ILE A O   1 
ATOM   184  C CB  . ILE A 1 23  ? -0.121  15.864  7.534   1.00 42.81 ? 21  ILE A CB  1 
ATOM   185  C CG1 . ILE A 1 23  ? -0.755  16.856  8.520   1.00 47.53 ? 21  ILE A CG1 1 
ATOM   186  C CG2 . ILE A 1 23  ? -0.485  14.417  7.892   1.00 43.03 ? 21  ILE A CG2 1 
ATOM   187  C CD1 . ILE A 1 23  ? -2.195  17.208  8.187   1.00 48.07 ? 21  ILE A CD1 1 
ATOM   188  N N   . TYR A 1 24  ? 2.122   15.006  5.331   1.00 33.50 ? 22  TYR A N   1 
ATOM   189  C CA  . TYR A 1 24  ? 2.615   13.899  4.493   1.00 32.88 ? 22  TYR A CA  1 
ATOM   190  C C   . TYR A 1 24  ? 3.878   14.235  3.679   1.00 34.99 ? 22  TYR A C   1 
ATOM   191  O O   . TYR A 1 24  ? 4.336   13.397  2.921   1.00 34.72 ? 22  TYR A O   1 
ATOM   192  C CB  . TYR A 1 24  ? 1.548   13.502  3.473   1.00 36.07 ? 22  TYR A CB  1 
ATOM   193  C CG  . TYR A 1 24  ? 0.263   13.020  4.083   1.00 30.54 ? 22  TYR A CG  1 
ATOM   194  C CD1 . TYR A 1 24  ? 0.140   11.710  4.518   1.00 35.25 ? 22  TYR A CD1 1 
ATOM   195  C CD2 . TYR A 1 24  ? -0.795  13.877  4.303   1.00 30.90 ? 22  TYR A CD2 1 
ATOM   196  C CE1 . TYR A 1 24  ? -1.035  11.243  5.082   1.00 30.77 ? 22  TYR A CE1 1 
ATOM   197  C CE2 . TYR A 1 24  ? -1.984  13.420  4.874   1.00 32.69 ? 22  TYR A CE2 1 
ATOM   198  C CZ  . TYR A 1 24  ? -2.103  12.087  5.262   1.00 28.68 ? 22  TYR A CZ  1 
ATOM   199  O OH  . TYR A 1 24  ? -3.285  11.676  5.803   1.00 31.83 ? 22  TYR A OH  1 
ATOM   200  N N   . GLY A 1 25  ? 4.440   15.438  3.830   1.00 38.34 ? 23  GLY A N   1 
ATOM   201  C CA  . GLY A 1 25  ? 5.731   15.810  3.180   1.00 36.16 ? 23  GLY A CA  1 
ATOM   202  C C   . GLY A 1 25  ? 5.522   16.501  1.843   1.00 37.35 ? 23  GLY A C   1 
ATOM   203  O O   . GLY A 1 25  ? 4.347   16.746  1.403   1.00 35.79 ? 23  GLY A O   1 
ATOM   204  N N   . ASN A 1 26  ? 6.649   16.878  1.219   1.00 37.96 ? 24  ASN A N   1 
ATOM   205  C CA  . ASN A 1 26  ? 6.684   17.757  0.050   1.00 40.39 ? 24  ASN A CA  1 
ATOM   206  C C   . ASN A 1 26  ? 6.686   16.979  -1.276  1.00 34.98 ? 24  ASN A C   1 
ATOM   207  O O   . ASN A 1 26  ? 6.511   17.612  -2.303  1.00 37.48 ? 24  ASN A O   1 
ATOM   208  C CB  . ASN A 1 26  ? 7.954   18.620  0.053   1.00 42.09 ? 24  ASN A CB  1 
ATOM   209  C CG  . ASN A 1 26  ? 7.968   19.492  1.281   1.00 55.75 ? 24  ASN A CG  1 
ATOM   210  O OD1 . ASN A 1 26  ? 6.930   20.042  1.659   1.00 60.25 ? 24  ASN A OD1 1 
ATOM   211  N ND2 . ASN A 1 26  ? 9.118   19.581  1.926   1.00 60.94 ? 24  ASN A ND2 1 
ATOM   212  N N   . GLU A 1 27  ? 6.913   15.664  -1.239  1.00 31.62 ? 25  GLU A N   1 
ATOM   213  C CA  . GLU A 1 27  ? 7.076   14.842  -2.457  1.00 31.37 ? 25  GLU A CA  1 
ATOM   214  C C   . GLU A 1 27  ? 5.693   14.326  -2.883  1.00 32.01 ? 25  GLU A C   1 
ATOM   215  O O   . GLU A 1 27  ? 4.869   14.039  -2.021  1.00 28.95 ? 25  GLU A O   1 
ATOM   216  C CB  . GLU A 1 27  ? 7.981   13.636  -2.225  1.00 34.17 ? 25  GLU A CB  1 
ATOM   217  C CG  . GLU A 1 27  ? 9.458   13.962  -1.950  1.00 40.09 ? 25  GLU A CG  1 
ATOM   218  C CD  . GLU A 1 27  ? 10.127  15.067  -2.767  1.00 56.07 ? 25  GLU A CD  1 
ATOM   219  O OE1 . GLU A 1 27  ? 9.719   15.298  -3.956  1.00 47.46 ? 25  GLU A OE1 1 
ATOM   220  O OE2 . GLU A 1 27  ? 11.066  15.730  -2.211  1.00 61.90 ? 25  GLU A OE2 1 
ATOM   221  N N   . ASN A 1 28  ? 5.449   14.273  -4.203  1.00 25.86 ? 26  ASN A N   1 
ATOM   222  C CA  . ASN A 1 28  ? 4.076   14.046  -4.735  1.00 23.67 ? 26  ASN A CA  1 
ATOM   223  C C   . ASN A 1 28  ? 3.852   12.579  -5.118  1.00 24.44 ? 26  ASN A C   1 
ATOM   224  O O   . ASN A 1 28  ? 4.728   11.710  -5.026  1.00 26.98 ? 26  ASN A O   1 
ATOM   225  C CB  . ASN A 1 28  ? 3.782   15.109  -5.799  1.00 23.55 ? 26  ASN A CB  1 
ATOM   226  C CG  . ASN A 1 28  ? 4.686   15.055  -7.019  1.00 24.23 ? 26  ASN A CG  1 
ATOM   227  O OD1 . ASN A 1 28  ? 5.171   13.988  -7.376  1.00 25.88 ? 26  ASN A OD1 1 
ATOM   228  N ND2 . ASN A 1 28  ? 4.823   16.183  -7.720  1.00 25.40 ? 26  ASN A ND2 1 
ATOM   229  N N   . TYR A 1 29  ? 2.639   12.276  -5.626  1.00 22.96 ? 27  TYR A N   1 
ATOM   230  C CA  . TYR A 1 29  ? 2.262   10.914  -5.940  1.00 23.68 ? 27  TYR A CA  1 
ATOM   231  C C   . TYR A 1 29  ? 3.087   10.385  -7.148  1.00 22.87 ? 27  TYR A C   1 
ATOM   232  O O   . TYR A 1 29  ? 3.521   9.237   -7.164  1.00 23.13 ? 27  TYR A O   1 
ATOM   233  C CB  . TYR A 1 29  ? 0.748   10.797  -6.198  1.00 23.91 ? 27  TYR A CB  1 
ATOM   234  C CG  . TYR A 1 29  ? 0.289   9.412   -6.550  1.00 22.97 ? 27  TYR A CG  1 
ATOM   235  C CD1 . TYR A 1 29  ? 0.255   8.383   -5.601  1.00 23.98 ? 27  TYR A CD1 1 
ATOM   236  C CD2 . TYR A 1 29  ? -0.019  9.069   -7.867  1.00 26.16 ? 27  TYR A CD2 1 
ATOM   237  C CE1 . TYR A 1 29  ? -0.057  7.085   -5.952  1.00 25.55 ? 27  TYR A CE1 1 
ATOM   238  C CE2 . TYR A 1 29  ? -0.400  7.779   -8.204  1.00 24.98 ? 27  TYR A CE2 1 
ATOM   239  C CZ  . TYR A 1 29  ? -0.375  6.767   -7.257  1.00 25.95 ? 27  TYR A CZ  1 
ATOM   240  O OH  . TYR A 1 29  ? -0.699  5.479   -7.595  1.00 28.19 ? 27  TYR A OH  1 
ATOM   241  N N   . GLU A 1 30  ? 3.362   11.268  -8.118  1.00 22.84 ? 28  GLU A N   1 
ATOM   242  C CA  . GLU A 1 30  ? 4.182   10.877  -9.271  1.00 22.49 ? 28  GLU A CA  1 
ATOM   243  C C   . GLU A 1 30  ? 5.583   10.467  -8.820  1.00 23.55 ? 28  GLU A C   1 
ATOM   244  O O   . GLU A 1 30  ? 6.097   9.449   -9.290  1.00 24.88 ? 28  GLU A O   1 
ATOM   245  C CB  . GLU A 1 30  ? 4.243   12.004  -10.323 1.00 24.06 ? 28  GLU A CB  1 
ATOM   246  C CG  . GLU A 1 30  ? 5.144   11.575  -11.461 1.00 24.63 ? 28  GLU A CG  1 
ATOM   247  C CD  . GLU A 1 30  ? 5.594   12.597  -12.483 1.00 27.69 ? 28  GLU A CD  1 
ATOM   248  O OE1 . GLU A 1 30  ? 5.098   13.743  -12.468 1.00 25.60 ? 28  GLU A OE1 1 
ATOM   249  O OE2 . GLU A 1 30  ? 6.572   12.209  -13.236 1.00 27.87 ? 28  GLU A OE2 1 
ATOM   250  N N   . TYR A 1 31  ? 6.154   11.209  -7.883  1.00 23.58 ? 29  TYR A N   1 
ATOM   251  C CA  . TYR A 1 31  ? 7.468   10.896  -7.295  1.00 26.31 ? 29  TYR A CA  1 
ATOM   252  C C   . TYR A 1 31  ? 7.446   9.500   -6.663  1.00 26.96 ? 29  TYR A C   1 
ATOM   253  O O   . TYR A 1 31  ? 8.387   8.690   -6.827  1.00 26.41 ? 29  TYR A O   1 
ATOM   254  C CB  . TYR A 1 31  ? 7.839   11.968  -6.269  1.00 26.15 ? 29  TYR A CB  1 
ATOM   255  C CG  . TYR A 1 31  ? 9.109   11.654  -5.497  1.00 29.13 ? 29  TYR A CG  1 
ATOM   256  C CD1 . TYR A 1 31  ? 9.077   10.854  -4.371  1.00 32.26 ? 29  TYR A CD1 1 
ATOM   257  C CD2 . TYR A 1 31  ? 10.337  12.138  -5.909  1.00 35.25 ? 29  TYR A CD2 1 
ATOM   258  C CE1 . TYR A 1 31  ? 10.219  10.560  -3.644  1.00 34.70 ? 29  TYR A CE1 1 
ATOM   259  C CE2 . TYR A 1 31  ? 11.493  11.840  -5.200  1.00 35.37 ? 29  TYR A CE2 1 
ATOM   260  C CZ  . TYR A 1 31  ? 11.443  11.034  -4.083  1.00 39.40 ? 29  TYR A CZ  1 
ATOM   261  O OH  . TYR A 1 31  ? 12.588  10.718  -3.402  1.00 41.94 ? 29  TYR A OH  1 
ATOM   262  N N   . LEU A 1 32  ? 6.388   9.230   -5.879  1.00 26.76 ? 30  LEU A N   1 
ATOM   263  C CA  . LEU A 1 32  ? 6.267   7.957   -5.180  1.00 26.32 ? 30  LEU A CA  1 
ATOM   264  C C   . LEU A 1 32  ? 6.188   6.781   -6.161  1.00 27.03 ? 30  LEU A C   1 
ATOM   265  O O   . LEU A 1 32  ? 6.906   5.780   -6.007  1.00 27.49 ? 30  LEU A O   1 
ATOM   266  C CB  . LEU A 1 32  ? 5.046   7.998   -4.250  1.00 28.11 ? 30  LEU A CB  1 
ATOM   267  C CG  . LEU A 1 32  ? 4.701   6.641   -3.626  1.00 28.48 ? 30  LEU A CG  1 
ATOM   268  C CD1 . LEU A 1 32  ? 5.837   6.166   -2.718  1.00 27.97 ? 30  LEU A CD1 1 
ATOM   269  C CD2 . LEU A 1 32  ? 3.378   6.716   -2.857  1.00 28.33 ? 30  LEU A CD2 1 
ATOM   270  N N   . VAL A 1 33  ? 5.355   6.897   -7.206  1.00 24.96 ? 31  VAL A N   1 
ATOM   271  C CA  . VAL A 1 33  ? 5.214   5.853   -8.193  1.00 25.44 ? 31  VAL A CA  1 
ATOM   272  C C   . VAL A 1 33  ? 6.560   5.617   -8.897  1.00 27.43 ? 31  VAL A C   1 
ATOM   273  O O   . VAL A 1 33  ? 6.999   4.464   -9.030  1.00 27.71 ? 31  VAL A O   1 
ATOM   274  C CB  . VAL A 1 33  ? 4.100   6.155   -9.204  1.00 28.81 ? 31  VAL A CB  1 
ATOM   275  C CG1 . VAL A 1 33  ? 4.100   5.135   -10.345 1.00 29.47 ? 31  VAL A CG1 1 
ATOM   276  C CG2 . VAL A 1 33  ? 2.736   6.150   -8.476  1.00 29.23 ? 31  VAL A CG2 1 
ATOM   277  N N   . ASN A 1 34  ? 7.212   6.693   -9.339  1.00 24.94 ? 32  ASN A N   1 
ATOM   278  C CA  . ASN A 1 34  ? 8.479   6.513   -10.047 1.00 26.96 ? 32  ASN A CA  1 
ATOM   279  C C   . ASN A 1 34  ? 9.570   5.908   -9.123  1.00 31.28 ? 32  ASN A C   1 
ATOM   280  O O   . ASN A 1 34  ? 10.358  5.034   -9.581  1.00 29.52 ? 32  ASN A O   1 
ATOM   281  C CB  . ASN A 1 34  ? 8.966   7.815   -10.651 1.00 29.23 ? 32  ASN A CB  1 
ATOM   282  C CG  . ASN A 1 34  ? 10.255  7.591   -11.408 1.00 33.73 ? 32  ASN A CG  1 
ATOM   283  O OD1 . ASN A 1 34  ? 10.255  6.897   -12.455 1.00 32.19 ? 32  ASN A OD1 1 
ATOM   284  N ND2 . ASN A 1 34  ? 11.335  8.100   -10.816 1.00 29.70 ? 32  ASN A ND2 1 
ATOM   285  N N   . MET A 1 35  ? 9.636   6.344   -7.855  1.00 29.05 ? 33  MET A N   1 
ATOM   286  C CA  A MET A 1 35  ? 10.595  5.800   -6.853  0.70 32.14 ? 33  MET A CA  1 
ATOM   287  C CA  B MET A 1 35  ? 10.597  5.798   -6.870  0.30 28.56 ? 33  MET A CA  1 
ATOM   288  C C   . MET A 1 35  ? 10.371  4.284   -6.699  1.00 31.93 ? 33  MET A C   1 
ATOM   289  O O   . MET A 1 35  ? 11.335  3.470   -6.709  1.00 29.02 ? 33  MET A O   1 
ATOM   290  C CB  A MET A 1 35  ? 10.430  6.480   -5.484  0.70 35.40 ? 33  MET A CB  1 
ATOM   291  C CB  B MET A 1 35  ? 10.458  6.502   -5.513  0.30 26.96 ? 33  MET A CB  1 
ATOM   292  C CG  A MET A 1 35  ? 11.475  6.034   -4.450  0.70 40.58 ? 33  MET A CG  1 
ATOM   293  C CG  B MET A 1 35  ? 11.467  6.023   -4.472  0.30 26.43 ? 33  MET A CG  1 
ATOM   294  S SD  A MET A 1 35  ? 10.886  6.037   -2.721  0.70 48.87 ? 33  MET A SD  1 
ATOM   295  S SD  B MET A 1 35  ? 11.393  7.018   -2.962  0.30 24.60 ? 33  MET A SD  1 
ATOM   296  C CE  A MET A 1 35  ? 10.268  7.700   -2.524  0.70 46.15 ? 33  MET A CE  1 
ATOM   297  C CE  B MET A 1 35  ? 9.803   6.498   -2.327  0.30 23.21 ? 33  MET A CE  1 
ATOM   298  N N   . ILE A 1 36  ? 9.097   3.856   -6.544  1.00 26.39 ? 34  ILE A N   1 
ATOM   299  C CA  . ILE A 1 36  ? 8.776   2.441   -6.453  1.00 27.45 ? 34  ILE A CA  1 
ATOM   300  C C   . ILE A 1 36  ? 9.235   1.678   -7.709  1.00 28.78 ? 34  ILE A C   1 
ATOM   301  O O   . ILE A 1 36  ? 9.814   0.579   -7.656  1.00 30.05 ? 34  ILE A O   1 
ATOM   302  C CB  . ILE A 1 36  ? 7.283   2.224   -6.153  1.00 27.26 ? 34  ILE A CB  1 
ATOM   303  C CG1 . ILE A 1 36  ? 7.015   2.668   -4.695  1.00 25.93 ? 34  ILE A CG1 1 
ATOM   304  C CG2 . ILE A 1 36  ? 6.852   0.783   -6.411  1.00 29.88 ? 34  ILE A CG2 1 
ATOM   305  C CD1 . ILE A 1 36  ? 5.550   2.817   -4.353  1.00 26.90 ? 34  ILE A CD1 1 
ATOM   306  N N   . ASN A 1 37  ? 8.853   2.209   -8.863  1.00 30.88 ? 35  ASN A N   1 
ATOM   307  C CA  . ASN A 1 37  ? 9.062   1.568   -10.121 1.00 32.03 ? 35  ASN A CA  1 
ATOM   308  C C   . ASN A 1 37  ? 10.559  1.267   -10.299 1.00 29.54 ? 35  ASN A C   1 
ATOM   309  O O   . ASN A 1 37  ? 10.926  0.106   -10.693 1.00 34.21 ? 35  ASN A O   1 
ATOM   310  C CB  . ASN A 1 37  ? 8.468   2.416   -11.254 1.00 31.39 ? 35  ASN A CB  1 
ATOM   311  C CG  . ASN A 1 37  ? 6.941   2.294   -11.302 1.00 36.95 ? 35  ASN A CG  1 
ATOM   312  O OD1 . ASN A 1 37  ? 6.310   1.421   -10.684 1.00 41.99 ? 35  ASN A OD1 1 
ATOM   313  N ND2 . ASN A 1 37  ? 6.294   3.208   -11.988 1.00 36.41 ? 35  ASN A ND2 1 
ATOM   314  N N   . GLU A 1 38  ? 11.364  2.295   -10.074 1.00 30.75 ? 36  GLU A N   1 
ATOM   315  C CA  . GLU A 1 38  ? 12.825  2.284   -10.288 1.00 34.69 ? 36  GLU A CA  1 
ATOM   316  C C   . GLU A 1 38  ? 13.526  1.354   -9.279  1.00 33.74 ? 36  GLU A C   1 
ATOM   317  O O   . GLU A 1 38  ? 14.447  0.580   -9.670  1.00 29.35 ? 36  GLU A O   1 
ATOM   318  C CB  . GLU A 1 38  ? 13.352  3.712   -10.288 1.00 35.20 ? 36  GLU A CB  1 
ATOM   319  C CG  . GLU A 1 38  ? 12.965  4.472   -11.562 1.00 37.16 ? 36  GLU A CG  1 
ATOM   320  C CD  . GLU A 1 38  ? 13.359  3.778   -12.863 1.00 40.35 ? 36  GLU A CD  1 
ATOM   321  O OE1 . GLU A 1 38  ? 14.559  3.824   -13.215 1.00 39.43 ? 36  GLU A OE1 1 
ATOM   322  O OE2 . GLU A 1 38  ? 12.464  3.166   -13.521 1.00 38.81 ? 36  GLU A OE2 1 
ATOM   323  N N   . TYR A 1 39  ? 13.066  1.361   -8.017  1.00 32.19 ? 37  TYR A N   1 
ATOM   324  C CA  . TYR A 1 39  ? 13.597  0.445   -7.011  1.00 29.59 ? 37  TYR A CA  1 
ATOM   325  C C   . TYR A 1 39  ? 13.365  -0.979  -7.447  1.00 31.12 ? 37  TYR A C   1 
ATOM   326  O O   . TYR A 1 39  ? 14.323  -1.756  -7.437  1.00 32.52 ? 37  TYR A O   1 
ATOM   327  C CB  . TYR A 1 39  ? 12.994  0.690   -5.630  1.00 31.30 ? 37  TYR A CB  1 
ATOM   328  C CG  . TYR A 1 39  ? 13.629  -0.155  -4.565  1.00 31.11 ? 37  TYR A CG  1 
ATOM   329  C CD1 . TYR A 1 39  ? 14.915  0.120   -4.130  1.00 39.07 ? 37  TYR A CD1 1 
ATOM   330  C CD2 . TYR A 1 39  ? 12.989  -1.267  -4.047  1.00 32.36 ? 37  TYR A CD2 1 
ATOM   331  C CE1 . TYR A 1 39  ? 15.513  -0.644  -3.137  1.00 39.10 ? 37  TYR A CE1 1 
ATOM   332  C CE2 . TYR A 1 39  ? 13.584  -2.056  -3.070  1.00 35.62 ? 37  TYR A CE2 1 
ATOM   333  C CZ  . TYR A 1 39  ? 14.849  -1.736  -2.608  1.00 41.74 ? 37  TYR A CZ  1 
ATOM   334  O OH  . TYR A 1 39  ? 15.448  -2.489  -1.618  1.00 41.51 ? 37  TYR A OH  1 
ATOM   335  N N   . CYS A 1 40  ? 12.112  -1.324  -7.809  1.00 29.08 ? 38  CYS A N   1 
ATOM   336  C CA  . CYS A 1 40  ? 11.750  -2.675  -8.200  1.00 30.74 ? 38  CYS A CA  1 
ATOM   337  C C   . CYS A 1 40  ? 12.553  -3.112  -9.452  1.00 34.84 ? 38  CYS A C   1 
ATOM   338  O O   . CYS A 1 40  ? 13.098  -4.235  -9.544  1.00 32.39 ? 38  CYS A O   1 
ATOM   339  C CB  . CYS A 1 40  ? 10.257  -2.810  -8.443  1.00 30.81 ? 38  CYS A CB  1 
ATOM   340  S SG  . CYS A 1 40  ? 9.339   -2.741  -6.875  1.00 30.58 ? 38  CYS A SG  1 
ATOM   341  N N   . LYS A 1 41  ? 12.688  -2.214  -10.419 1.00 30.90 ? 39  LYS A N   1 
ATOM   342  C CA  . LYS A 1 41  ? 13.486  -2.498  -11.614 1.00 36.94 ? 39  LYS A CA  1 
ATOM   343  C C   . LYS A 1 41  ? 14.916  -2.927  -11.187 1.00 35.43 ? 39  LYS A C   1 
ATOM   344  O O   . LYS A 1 41  ? 15.432  -3.881  -11.704 1.00 36.01 ? 39  LYS A O   1 
ATOM   345  C CB  . LYS A 1 41  ? 13.433  -1.244  -12.493 1.00 37.15 ? 39  LYS A CB  1 
ATOM   346  C CG  . LYS A 1 41  ? 14.064  -1.356  -13.862 1.00 42.17 ? 39  LYS A CG  1 
ATOM   347  C CD  . LYS A 1 41  ? 14.016  -0.026  -14.631 1.00 46.75 ? 39  LYS A CD  1 
ATOM   348  C CE  . LYS A 1 41  ? 12.701  0.220   -15.370 1.00 44.70 ? 39  LYS A CE  1 
ATOM   349  N NZ  . LYS A 1 41  ? 12.636  1.609   -15.901 1.00 37.02 ? 39  LYS A NZ  1 
ATOM   350  N N   . SER A 1 42  ? 15.506  -2.245  -10.208 1.00 33.98 ? 40  SER A N   1 
ATOM   351  C CA  . SER A 1 42  ? 16.879  -2.531  -9.735  1.00 39.64 ? 40  SER A CA  1 
ATOM   352  C C   . SER A 1 42  ? 16.997  -3.903  -9.038  1.00 44.71 ? 40  SER A C   1 
ATOM   353  O O   . SER A 1 42  ? 18.112  -4.496  -8.990  1.00 42.58 ? 40  SER A O   1 
ATOM   354  C CB  . SER A 1 42  ? 17.399  -1.381  -8.920  1.00 38.38 ? 40  SER A CB  1 
ATOM   355  O OG  . SER A 1 42  ? 16.977  -1.425  -7.564  1.00 41.53 ? 40  SER A OG  1 
ATOM   356  N N   . LYS A 1 43  ? 15.873  -4.456  -8.553  1.00 36.24 ? 41  LYS A N   1 
ATOM   357  C CA  . LYS A 1 43  ? 15.836  -5.732  -7.852  1.00 36.12 ? 41  LYS A CA  1 
ATOM   358  C C   . LYS A 1 43  ? 15.201  -6.831  -8.707  1.00 33.76 ? 41  LYS A C   1 
ATOM   359  O O   . LYS A 1 43  ? 14.933  -7.930  -8.188  1.00 40.13 ? 41  LYS A O   1 
ATOM   360  C CB  . LYS A 1 43  ? 15.026  -5.600  -6.555  1.00 39.53 ? 41  LYS A CB  1 
ATOM   361  C CG  . LYS A 1 43  ? 15.493  -4.501  -5.612  1.00 44.85 ? 41  LYS A CG  1 
ATOM   362  C CD  . LYS A 1 43  ? 16.822  -4.833  -4.977  1.00 52.69 ? 41  LYS A CD  1 
ATOM   363  C CE  . LYS A 1 43  ? 17.446  -3.644  -4.291  1.00 58.79 ? 41  LYS A CE  1 
ATOM   364  N NZ  . LYS A 1 43  ? 18.070  -4.056  -3.017  1.00 74.61 ? 41  LYS A NZ  1 
ATOM   365  N N   . ASN A 1 44  ? 14.912  -6.562  -9.977  1.00 34.11 ? 42  ASN A N   1 
ATOM   366  C CA  A ASN A 1 44  ? 14.269  -7.533  -10.859 0.60 34.53 ? 42  ASN A CA  1 
ATOM   367  C CA  B ASN A 1 44  ? 14.220  -7.474  -10.920 0.40 36.28 ? 42  ASN A CA  1 
ATOM   368  C C   . ASN A 1 44  ? 12.903  -7.977  -10.304 1.00 40.10 ? 42  ASN A C   1 
ATOM   369  O O   . ASN A 1 44  ? 12.585  -9.168  -10.344 1.00 38.86 ? 42  ASN A O   1 
ATOM   370  C CB  A ASN A 1 44  ? 15.164  -8.763  -11.094 0.60 39.48 ? 42  ASN A CB  1 
ATOM   371  C CB  B ASN A 1 44  ? 15.138  -8.593  -11.431 0.40 41.58 ? 42  ASN A CB  1 
ATOM   372  C CG  A ASN A 1 44  ? 14.684  -9.612  -12.251 0.60 37.36 ? 42  ASN A CG  1 
ATOM   373  C CG  B ASN A 1 44  ? 15.956  -8.144  -12.624 0.40 40.63 ? 42  ASN A CG  1 
ATOM   374  O OD1 A ASN A 1 44  ? 14.120  -9.098  -13.214 0.60 41.87 ? 42  ASN A OD1 1 
ATOM   375  O OD1 B ASN A 1 44  ? 15.409  -7.850  -13.684 0.40 46.55 ? 42  ASN A OD1 1 
ATOM   376  N ND2 A ASN A 1 44  ? 14.832  -10.922 -12.130 0.60 43.29 ? 42  ASN A ND2 1 
ATOM   377  N ND2 B ASN A 1 44  ? 17.260  -8.043  -12.448 0.40 42.97 ? 42  ASN A ND2 1 
ATOM   378  N N   . ILE A 1 45  ? 12.136  -7.018  -9.746  1.00 36.00 ? 43  ILE A N   1 
ATOM   379  C CA  . ILE A 1 45  ? 10.724  -7.205  -9.280  1.00 31.85 ? 43  ILE A CA  1 
ATOM   380  C C   . ILE A 1 45  ? 9.793   -6.497  -10.271 1.00 28.14 ? 43  ILE A C   1 
ATOM   381  O O   . ILE A 1 45  ? 10.055  -5.328  -10.647 1.00 31.24 ? 43  ILE A O   1 
ATOM   382  C CB  . ILE A 1 45  ? 10.583  -6.603  -7.870  1.00 32.08 ? 43  ILE A CB  1 
ATOM   383  C CG1 . ILE A 1 45  ? 11.432  -7.338  -6.837  1.00 33.85 ? 43  ILE A CG1 1 
ATOM   384  C CG2 . ILE A 1 45  ? 9.117   -6.577  -7.446  1.00 31.09 ? 43  ILE A CG2 1 
ATOM   385  C CD1 . ILE A 1 45  ? 11.595  -6.576  -5.548  1.00 38.34 ? 43  ILE A CD1 1 
ATOM   386  N N   . GLU A 1 46  ? 8.773   -7.214  -10.715 1.00 30.24 ? 44  GLU A N   1 
ATOM   387  C CA  . GLU A 1 46  ? 7.729   -6.684  -11.503 1.00 31.14 ? 44  GLU A CA  1 
ATOM   388  C C   . GLU A 1 46  ? 6.744   -5.994  -10.532 1.00 33.35 ? 44  GLU A C   1 
ATOM   389  O O   . GLU A 1 46  ? 6.364   -6.607  -9.563  1.00 30.26 ? 44  GLU A O   1 
ATOM   390  C CB  . GLU A 1 46  ? 7.058   -7.821  -12.256 1.00 34.27 ? 44  GLU A CB  1 
ATOM   391  C CG  . GLU A 1 46  ? 5.882   -7.338  -13.063 1.00 35.79 ? 44  GLU A CG  1 
ATOM   392  C CD  . GLU A 1 46  ? 5.126   -8.411  -13.809 1.00 40.77 ? 44  GLU A CD  1 
ATOM   393  O OE1 . GLU A 1 46  ? 5.629   -9.538  -13.872 1.00 41.32 ? 44  GLU A OE1 1 
ATOM   394  O OE2 . GLU A 1 46  ? 4.036   -8.088  -14.301 1.00 41.84 ? 44  GLU A OE2 1 
ATOM   395  N N   . VAL A 1 47  ? 6.365   -4.746  -10.810 1.00 27.24 ? 45  VAL A N   1 
ATOM   396  C CA  . VAL A 1 47  ? 5.456   -3.974  -9.910  1.00 28.40 ? 45  VAL A CA  1 
ATOM   397  C C   . VAL A 1 47  ? 4.420   -3.204  -10.732 1.00 28.85 ? 45  VAL A C   1 
ATOM   398  O O   . VAL A 1 47  ? 4.704   -2.763  -11.859 1.00 28.40 ? 45  VAL A O   1 
ATOM   399  C CB  . VAL A 1 47  ? 6.290   -3.042  -9.011  1.00 27.41 ? 45  VAL A CB  1 
ATOM   400  C CG1 . VAL A 1 47  ? 6.959   -1.916  -9.790  1.00 30.49 ? 45  VAL A CG1 1 
ATOM   401  C CG2 . VAL A 1 47  ? 5.508   -2.485  -7.828  1.00 30.28 ? 45  VAL A CG2 1 
ATOM   402  N N   . GLU A 1 48  ? 3.198   -3.073  -10.172 1.00 26.50 ? 46  GLU A N   1 
ATOM   403  C CA  . GLU A 1 48  ? 2.168   -2.207  -10.683 1.00 26.43 ? 46  GLU A CA  1 
ATOM   404  C C   . GLU A 1 48  ? 1.775   -1.304  -9.499  1.00 26.67 ? 46  GLU A C   1 
ATOM   405  O O   . GLU A 1 48  ? 1.506   -1.855  -8.400  1.00 27.38 ? 46  GLU A O   1 
ATOM   406  C CB  . GLU A 1 48  ? 0.931   -2.989  -11.161 1.00 27.19 ? 46  GLU A CB  1 
ATOM   407  C CG  . GLU A 1 48  ? -0.210  -2.069  -11.577 1.00 27.74 ? 46  GLU A CG  1 
ATOM   408  C CD  . GLU A 1 48  ? -1.518  -2.728  -12.041 1.00 29.29 ? 46  GLU A CD  1 
ATOM   409  O OE1 . GLU A 1 48  ? -1.607  -3.976  -12.160 1.00 32.16 ? 46  GLU A OE1 1 
ATOM   410  O OE2 . GLU A 1 48  ? -2.412  -1.939  -12.376 1.00 33.00 ? 46  GLU A OE2 1 
ATOM   411  N N   . CYS A 1 49  ? 1.720   -0.002  -9.715  1.00 25.18 ? 47  CYS A N   1 
ATOM   412  C CA  . CYS A 1 49  ? 1.169   0.926   -8.683  1.00 26.18 ? 47  CYS A CA  1 
ATOM   413  C C   . CYS A 1 49  ? -0.243  1.352   -9.107  1.00 31.28 ? 47  CYS A C   1 
ATOM   414  O O   . CYS A 1 49  ? -0.415  1.815   -10.250 1.00 31.13 ? 47  CYS A O   1 
ATOM   415  C CB  . CYS A 1 49  ? 2.008   2.176   -8.535  1.00 26.98 ? 47  CYS A CB  1 
ATOM   416  S SG  . CYS A 1 49  ? 3.679   1.904   -7.866  1.00 28.80 ? 47  CYS A SG  1 
ATOM   417  N N   . TYR A 1 50  ? -1.222  1.195   -8.213  1.00 24.14 ? 48  TYR A N   1 
ATOM   418  C CA  . TYR A 1 50  ? -2.615  1.429   -8.481  1.00 24.00 ? 48  TYR A CA  1 
ATOM   419  C C   . TYR A 1 50  ? -3.153  2.391   -7.410  1.00 25.04 ? 48  TYR A C   1 
ATOM   420  O O   . TYR A 1 50  ? -2.788  2.251   -6.250  1.00 23.65 ? 48  TYR A O   1 
ATOM   421  C CB  . TYR A 1 50  ? -3.384  0.092   -8.431  1.00 25.77 ? 48  TYR A CB  1 
ATOM   422  C CG  . TYR A 1 50  ? -4.878  0.224   -8.559  1.00 23.82 ? 48  TYR A CG  1 
ATOM   423  C CD1 . TYR A 1 50  ? -5.494  0.379   -9.799  1.00 25.67 ? 48  TYR A CD1 1 
ATOM   424  C CD2 . TYR A 1 50  ? -5.691  0.299   -7.442  1.00 23.90 ? 48  TYR A CD2 1 
ATOM   425  C CE1 . TYR A 1 50  ? -6.865  0.554   -9.919  1.00 28.60 ? 48  TYR A CE1 1 
ATOM   426  C CE2 . TYR A 1 50  ? -7.059  0.474   -7.542  1.00 27.80 ? 48  TYR A CE2 1 
ATOM   427  C CZ  . TYR A 1 50  ? -7.665  0.583   -8.786  1.00 29.71 ? 48  TYR A CZ  1 
ATOM   428  O OH  . TYR A 1 50  ? -9.035  0.731   -8.862  1.00 30.06 ? 48  TYR A OH  1 
ATOM   429  N N   . GLN A 1 51  ? -3.949  3.387   -7.806  1.00 21.93 ? 49  GLN A N   1 
ATOM   430  C CA  . GLN A 1 51  ? -4.642  4.252   -6.821  1.00 22.77 ? 49  GLN A CA  1 
ATOM   431  C C   . GLN A 1 51  ? -6.099  4.381   -7.256  1.00 22.62 ? 49  GLN A C   1 
ATOM   432  O O   . GLN A 1 51  ? -6.371  4.518   -8.470  1.00 23.69 ? 49  GLN A O   1 
ATOM   433  C CB  . GLN A 1 51  ? -3.939  5.601   -6.708  1.00 21.78 ? 49  GLN A CB  1 
ATOM   434  C CG  . GLN A 1 51  ? -4.439  6.534   -5.589  1.00 22.69 ? 49  GLN A CG  1 
ATOM   435  C CD  . GLN A 1 51  ? -5.683  7.329   -5.970  1.00 23.96 ? 49  GLN A CD  1 
ATOM   436  O OE1 . GLN A 1 51  ? -5.909  7.728   -7.145  1.00 22.19 ? 49  GLN A OE1 1 
ATOM   437  N NE2 . GLN A 1 51  ? -6.489  7.667   -4.955  1.00 21.54 ? 49  GLN A NE2 1 
ATOM   438  N N   . SER A 1 52  ? -7.000  4.482   -6.281  1.00 22.10 ? 50  SER A N   1 
ATOM   439  C CA  . SER A 1 52  ? -8.394  4.813   -6.510  1.00 21.65 ? 50  SER A CA  1 
ATOM   440  C C   . SER A 1 52  ? -8.978  5.467   -5.244  1.00 23.24 ? 50  SER A C   1 
ATOM   441  O O   . SER A 1 52  ? -8.638  5.089   -4.118  1.00 21.48 ? 50  SER A O   1 
ATOM   442  C CB  . SER A 1 52  ? -9.227  3.575   -6.889  1.00 21.70 ? 50  SER A CB  1 
ATOM   443  O OG  . SER A 1 52  ? -10.599 3.911   -7.143  1.00 21.25 ? 50  SER A OG  1 
ATOM   444  N N   . ASN A 1 53  ? -9.941  6.357   -5.451  1.00 21.29 ? 51  ASN A N   1 
ATOM   445  C CA  . ASN A 1 53  ? -10.792 6.861   -4.344  1.00 22.49 ? 51  ASN A CA  1 
ATOM   446  C C   . ASN A 1 53  ? -11.971 5.934   -4.014  1.00 21.75 ? 51  ASN A C   1 
ATOM   447  O O   . ASN A 1 53  ? -12.688 6.190   -3.012  1.00 21.28 ? 51  ASN A O   1 
ATOM   448  C CB  . ASN A 1 53  ? -11.287 8.265   -4.657  1.00 21.15 ? 51  ASN A CB  1 
ATOM   449  C CG  . ASN A 1 53  ? -10.139 9.240   -4.840  1.00 22.45 ? 51  ASN A CG  1 
ATOM   450  O OD1 . ASN A 1 53  ? -9.119  9.163   -4.148  1.00 21.50 ? 51  ASN A OD1 1 
ATOM   451  N ND2 . ASN A 1 53  ? -10.295 10.161  -5.775  1.00 21.51 ? 51  ASN A ND2 1 
ATOM   452  N N   . HIS A 1 54  ? -12.228 4.928   -4.860  1.00 21.41 ? 52  HIS A N   1 
ATOM   453  C CA  . HIS A 1 54  ? -13.413 4.040   -4.756  1.00 22.25 ? 52  HIS A CA  1 
ATOM   454  C C   . HIS A 1 54  ? -13.070 2.770   -3.966  1.00 20.31 ? 52  HIS A C   1 
ATOM   455  O O   . HIS A 1 54  ? -12.255 1.958   -4.434  1.00 22.55 ? 52  HIS A O   1 
ATOM   456  C CB  . HIS A 1 54  ? -14.026 3.717   -6.140  1.00 20.80 ? 52  HIS A CB  1 
ATOM   457  C CG  . HIS A 1 54  ? -14.403 4.934   -6.945  1.00 23.18 ? 52  HIS A CG  1 
ATOM   458  N ND1 . HIS A 1 54  ? -15.715 5.174   -7.380  1.00 24.58 ? 52  HIS A ND1 1 
ATOM   459  C CD2 . HIS A 1 54  ? -13.670 5.954   -7.430  1.00 23.36 ? 52  HIS A CD2 1 
ATOM   460  C CE1 . HIS A 1 54  ? -15.755 6.316   -8.024  1.00 23.85 ? 52  HIS A CE1 1 
ATOM   461  N NE2 . HIS A 1 54  ? -14.508 6.799   -8.114  1.00 24.49 ? 52  HIS A NE2 1 
ATOM   462  N N   . GLU A 1 55  ? -13.782 2.588   -2.831  1.00 20.59 ? 53  GLU A N   1 
ATOM   463  C CA  . GLU A 1 55  ? -13.669 1.349   -2.004  1.00 21.14 ? 53  GLU A CA  1 
ATOM   464  C C   . GLU A 1 55  ? -13.894 0.096   -2.886  1.00 21.66 ? 53  GLU A C   1 
ATOM   465  O O   . GLU A 1 55  ? -13.123 -0.859  -2.836  1.00 20.99 ? 53  GLU A O   1 
ATOM   466  C CB  . GLU A 1 55  ? -14.631 1.532   -0.824  1.00 21.78 ? 53  GLU A CB  1 
ATOM   467  C CG  . GLU A 1 55  ? -14.627 0.407   0.180   1.00 23.71 ? 53  GLU A CG  1 
ATOM   468  C CD  . GLU A 1 55  ? -15.617 0.641   1.335   1.00 25.42 ? 53  GLU A CD  1 
ATOM   469  O OE1 . GLU A 1 55  ? -16.606 1.384   1.118   1.00 30.37 ? 53  GLU A OE1 1 
ATOM   470  O OE2 . GLU A 1 55  ? -15.427 0.029   2.400   1.00 26.34 ? 53  GLU A OE2 1 
ATOM   471  N N   . GLY A 1 56  ? -14.962 0.090   -3.703  1.00 21.33 ? 54  GLY A N   1 
ATOM   472  C CA  . GLY A 1 56  ? -15.293 -1.049  -4.520  1.00 22.87 ? 54  GLY A CA  1 
ATOM   473  C C   . GLY A 1 56  ? -14.243 -1.350  -5.581  1.00 21.83 ? 54  GLY A C   1 
ATOM   474  O O   . GLY A 1 56  ? -14.041 -2.493  -5.927  1.00 22.63 ? 54  GLY A O   1 
ATOM   475  N N   . ALA A 1 57  ? -13.619 -0.322  -6.137  1.00 21.56 ? 55  ALA A N   1 
ATOM   476  C CA  . ALA A 1 57  ? -12.534 -0.499  -7.167  1.00 22.07 ? 55  ALA A CA  1 
ATOM   477  C C   . ALA A 1 57  ? -11.257 -1.108  -6.537  1.00 21.99 ? 55  ALA A C   1 
ATOM   478  O O   . ALA A 1 57  ? -10.601 -2.005  -7.160  1.00 22.22 ? 55  ALA A O   1 
ATOM   479  C CB  . ALA A 1 57  ? -12.208 0.794   -7.886  1.00 22.09 ? 55  ALA A CB  1 
ATOM   480  N N   . ILE A 1 58  ? -10.949 -0.714  -5.290  1.00 20.21 ? 56  ILE A N   1 
ATOM   481  C CA  . ILE A 1 58  ? -9.858  -1.339  -4.539  1.00 20.97 ? 56  ILE A CA  1 
ATOM   482  C C   . ILE A 1 58  ? -10.146 -2.843  -4.318  1.00 19.96 ? 56  ILE A C   1 
ATOM   483  O O   . ILE A 1 58  ? -9.263  -3.687  -4.525  1.00 22.79 ? 56  ILE A O   1 
ATOM   484  C CB  . ILE A 1 58  ? -9.594  -0.567  -3.231  1.00 21.34 ? 56  ILE A CB  1 
ATOM   485  C CG1 . ILE A 1 58  ? -9.043  0.844   -3.490  1.00 23.22 ? 56  ILE A CG1 1 
ATOM   486  C CG2 . ILE A 1 58  ? -8.666  -1.377  -2.342  1.00 22.70 ? 56  ILE A CG2 1 
ATOM   487  C CD1 . ILE A 1 58  ? -9.245  1.848   -2.316  1.00 22.77 ? 56  ILE A CD1 1 
ATOM   488  N N   . ILE A 1 59  ? -11.388 -3.201  -3.921  1.00 19.75 ? 57  ILE A N   1 
ATOM   489  C CA  . ILE A 1 59  ? -11.753 -4.616  -3.713  1.00 22.27 ? 57  ILE A CA  1 
ATOM   490  C C   . ILE A 1 59  ? -11.601 -5.402  -5.048  1.00 23.75 ? 57  ILE A C   1 
ATOM   491  O O   . ILE A 1 59  ? -11.029 -6.499  -5.099  1.00 22.56 ? 57  ILE A O   1 
ATOM   492  C CB  . ILE A 1 59  ? -13.137 -4.743  -3.082  1.00 21.25 ? 57  ILE A CB  1 
ATOM   493  C CG1 . ILE A 1 59  ? -13.163 -4.102  -1.686  1.00 23.12 ? 57  ILE A CG1 1 
ATOM   494  C CG2 . ILE A 1 59  ? -13.618 -6.198  -3.096  1.00 20.62 ? 57  ILE A CG2 1 
ATOM   495  C CD1 . ILE A 1 59  ? -14.542 -3.816  -1.130  1.00 23.14 ? 57  ILE A CD1 1 
ATOM   496  N N   . ASP A 1 60  ? -12.134 -4.837  -6.119  1.00 22.03 ? 58  ASP A N   1 
ATOM   497  C CA  . ASP A 1 60  ? -12.075 -5.460  -7.475  1.00 21.45 ? 58  ASP A CA  1 
ATOM   498  C C   . ASP A 1 60  ? -10.604 -5.743  -7.846  1.00 22.42 ? 58  ASP A C   1 
ATOM   499  O O   . ASP A 1 60  ? -10.271 -6.833  -8.374  1.00 23.43 ? 58  ASP A O   1 
ATOM   500  C CB  . ASP A 1 60  ? -12.677 -4.534  -8.557  1.00 22.64 ? 58  ASP A CB  1 
ATOM   501  C CG  . ASP A 1 60  ? -14.161 -4.239  -8.502  1.00 24.06 ? 58  ASP A CG  1 
ATOM   502  O OD1 . ASP A 1 60  ? -14.929 -5.052  -7.875  1.00 22.33 ? 58  ASP A OD1 1 
ATOM   503  O OD2 . ASP A 1 60  ? -14.558 -3.227  -9.203  1.00 24.11 ? 58  ASP A OD2 1 
ATOM   504  N N   . LYS A 1 61  ? -9.700  -4.799  -7.532  1.00 23.60 ? 59  LYS A N   1 
ATOM   505  C CA  . LYS A 1 61  ? -8.269  -4.878  -7.888  1.00 23.52 ? 59  LYS A CA  1 
ATOM   506  C C   . LYS A 1 61  ? -7.585  -5.987  -7.060  1.00 23.45 ? 59  LYS A C   1 
ATOM   507  O O   . LYS A 1 61  ? -6.795  -6.797  -7.579  1.00 24.30 ? 59  LYS A O   1 
ATOM   508  C CB  . LYS A 1 61  ? -7.563  -3.536  -7.668  1.00 23.43 ? 59  LYS A CB  1 
ATOM   509  C CG  . LYS A 1 61  ? -6.161  -3.446  -8.262  1.00 24.42 ? 59  LYS A CG  1 
ATOM   510  C CD  . LYS A 1 61  ? -6.203  -3.296  -9.817  1.00 27.26 ? 59  LYS A CD  1 
ATOM   511  C CE  . LYS A 1 61  ? -4.805  -3.263  -10.390 1.00 28.11 ? 59  LYS A CE  1 
ATOM   512  N NZ  . LYS A 1 61  ? -4.812  -3.385  -11.868 1.00 30.05 ? 59  LYS A NZ  1 
ATOM   513  N N   . ILE A 1 62  ? -7.966  -6.083  -5.784  1.00 23.25 ? 60  ILE A N   1 
ATOM   514  C CA  . ILE A 1 62  ? -7.493  -7.184  -4.901  1.00 22.48 ? 60  ILE A CA  1 
ATOM   515  C C   . ILE A 1 62  ? -7.951  -8.534  -5.437  1.00 25.10 ? 60  ILE A C   1 
ATOM   516  O O   . ILE A 1 62  ? -7.102  -9.450  -5.532  1.00 25.85 ? 60  ILE A O   1 
ATOM   517  C CB  . ILE A 1 62  ? -7.894  -6.956  -3.433  1.00 23.05 ? 60  ILE A CB  1 
ATOM   518  C CG1 . ILE A 1 62  ? -7.168  -5.726  -2.858  1.00 23.07 ? 60  ILE A CG1 1 
ATOM   519  C CG2 . ILE A 1 62  ? -7.616  -8.227  -2.637  1.00 24.13 ? 60  ILE A CG2 1 
ATOM   520  C CD1 . ILE A 1 62  ? -7.805  -5.211  -1.558  1.00 23.08 ? 60  ILE A CD1 1 
ATOM   521  N N   . GLN A 1 63  ? -9.222  -8.669  -5.859  1.00 24.71 ? 61  GLN A N   1 
ATOM   522  C CA  . GLN A 1 63  ? -9.737  -9.905  -6.431  1.00 25.30 ? 61  GLN A CA  1 
ATOM   523  C C   . GLN A 1 63  ? -8.970  -10.282 -7.718  1.00 24.11 ? 61  GLN A C   1 
ATOM   524  O O   . GLN A 1 63  ? -8.625  -11.512 -7.908  1.00 26.17 ? 61  GLN A O   1 
ATOM   525  C CB  . GLN A 1 63  ? -11.238 -9.829  -6.687  1.00 23.16 ? 61  GLN A CB  1 
ATOM   526  C CG  . GLN A 1 63  ? -12.061 -9.680  -5.387  1.00 24.04 ? 61  GLN A CG  1 
ATOM   527  C CD  . GLN A 1 63  ? -13.540 -9.881  -5.609  1.00 25.43 ? 61  GLN A CD  1 
ATOM   528  O OE1 . GLN A 1 63  ? -14.076 -9.472  -6.642  1.00 24.41 ? 61  GLN A OE1 1 
ATOM   529  N NE2 . GLN A 1 63  ? -14.214 -10.475 -4.633  1.00 22.17 ? 61  GLN A NE2 1 
ATOM   530  N N   . GLU A 1 64  ? -8.673  -9.290  -8.562  1.00 24.71 ? 62  GLU A N   1 
ATOM   531  C CA  A GLU A 1 64  ? -7.962  -9.588  -9.798  0.60 25.47 ? 62  GLU A CA  1 
ATOM   532  C CA  B GLU A 1 64  ? -7.920  -9.504  -9.809  0.40 24.42 ? 62  GLU A CA  1 
ATOM   533  C C   . GLU A 1 64  ? -6.560  -10.148 -9.507  1.00 25.97 ? 62  GLU A C   1 
ATOM   534  O O   . GLU A 1 64  ? -6.042  -10.977 -10.293 1.00 25.40 ? 62  GLU A O   1 
ATOM   535  C CB  A GLU A 1 64  ? -7.947  -8.340  -10.699 0.60 27.05 ? 62  GLU A CB  1 
ATOM   536  C CB  B GLU A 1 64  ? -7.768  -8.169  -10.568 0.40 23.48 ? 62  GLU A CB  1 
ATOM   537  C CG  A GLU A 1 64  ? -9.302  -8.038  -11.326 0.60 29.08 ? 62  GLU A CG  1 
ATOM   538  C CG  B GLU A 1 64  ? -6.842  -8.216  -11.782 0.40 23.85 ? 62  GLU A CG  1 
ATOM   539  C CD  A GLU A 1 64  ? -9.495  -6.586  -11.752 0.60 35.51 ? 62  GLU A CD  1 
ATOM   540  C CD  B GLU A 1 64  ? -6.596  -6.871  -12.473 0.40 24.63 ? 62  GLU A CD  1 
ATOM   541  O OE1 A GLU A 1 64  ? -8.504  -5.847  -11.747 0.60 32.20 ? 62  GLU A OE1 1 
ATOM   542  O OE1 B GLU A 1 64  ? -7.179  -6.636  -13.552 0.40 29.29 ? 62  GLU A OE1 1 
ATOM   543  O OE2 A GLU A 1 64  ? -10.642 -6.191  -12.069 0.60 34.42 ? 62  GLU A OE2 1 
ATOM   544  O OE2 B GLU A 1 64  ? -5.783  -6.088  -11.973 0.40 23.31 ? 62  GLU A OE2 1 
ATOM   545  N N   . ALA A 1 65  ? -5.931  -9.766  -8.389  1.00 24.39 ? 63  ALA A N   1 
ATOM   546  C CA  . ALA A 1 65  ? -4.597  -10.256 -8.006  1.00 27.70 ? 63  ALA A CA  1 
ATOM   547  C C   . ALA A 1 65  ? -4.569  -11.786 -7.765  1.00 26.16 ? 63  ALA A C   1 
ATOM   548  O O   . ALA A 1 65  ? -3.503  -12.418 -7.901  1.00 25.88 ? 63  ALA A O   1 
ATOM   549  C CB  . ALA A 1 65  ? -4.097  -9.514  -6.788  1.00 29.56 ? 63  ALA A CB  1 
ATOM   550  N N   . TYR A 1 66  ? -5.711  -12.374 -7.369  1.00 24.90 ? 64  TYR A N   1 
ATOM   551  C CA  . TYR A 1 66  ? -5.866  -13.840 -7.222  1.00 25.89 ? 64  TYR A CA  1 
ATOM   552  C C   . TYR A 1 66  ? -5.630  -14.615 -8.541  1.00 27.20 ? 64  TYR A C   1 
ATOM   553  O O   . TYR A 1 66  ? -5.255  -15.774 -8.508  1.00 27.25 ? 64  TYR A O   1 
ATOM   554  C CB  . TYR A 1 66  ? -7.258  -14.166 -6.686  1.00 28.15 ? 64  TYR A CB  1 
ATOM   555  C CG  . TYR A 1 66  ? -7.537  -15.606 -6.360  1.00 29.02 ? 64  TYR A CG  1 
ATOM   556  C CD1 . TYR A 1 66  ? -6.835  -16.301 -5.386  1.00 31.68 ? 64  TYR A CD1 1 
ATOM   557  C CD2 . TYR A 1 66  ? -8.520  -16.280 -7.038  1.00 32.14 ? 64  TYR A CD2 1 
ATOM   558  C CE1 . TYR A 1 66  ? -7.106  -17.625 -5.101  1.00 30.78 ? 64  TYR A CE1 1 
ATOM   559  C CE2 . TYR A 1 66  ? -8.826  -17.603 -6.742  1.00 34.42 ? 64  TYR A CE2 1 
ATOM   560  C CZ  . TYR A 1 66  ? -8.137  -18.277 -5.753  1.00 31.03 ? 64  TYR A CZ  1 
ATOM   561  O OH  . TYR A 1 66  ? -8.472  -19.596 -5.493  1.00 34.69 ? 64  TYR A OH  1 
ATOM   562  N N   . PHE A 1 67  ? -5.885  -13.988 -9.686  1.00 26.88 ? 65  PHE A N   1 
ATOM   563  C CA  . PHE A 1 67  ? -5.858  -14.685 -10.987 1.00 27.74 ? 65  PHE A CA  1 
ATOM   564  C C   . PHE A 1 67  ? -4.675  -14.316 -11.884 1.00 29.71 ? 65  PHE A C   1 
ATOM   565  O O   . PHE A 1 67  ? -4.527  -14.925 -12.917 1.00 31.43 ? 65  PHE A O   1 
ATOM   566  C CB  . PHE A 1 67  ? -7.111  -14.343 -11.791 1.00 33.06 ? 65  PHE A CB  1 
ATOM   567  C CG  . PHE A 1 67  ? -8.379  -14.785 -11.122 1.00 32.37 ? 65  PHE A CG  1 
ATOM   568  C CD1 . PHE A 1 67  ? -8.750  -16.116 -11.130 1.00 37.87 ? 65  PHE A CD1 1 
ATOM   569  C CD2 . PHE A 1 67  ? -9.214  -13.846 -10.515 1.00 36.60 ? 65  PHE A CD2 1 
ATOM   570  C CE1 . PHE A 1 67  ? -9.938  -16.526 -10.538 1.00 43.55 ? 65  PHE A CE1 1 
ATOM   571  C CE2 . PHE A 1 67  ? -10.383 -14.266 -9.907  1.00 36.36 ? 65  PHE A CE2 1 
ATOM   572  C CZ  . PHE A 1 67  ? -10.747 -15.595 -9.925  1.00 39.85 ? 65  PHE A CZ  1 
ATOM   573  N N   . ASN A 1 68  ? -3.818  -13.364 -11.517 1.00 28.20 ? 66  ASN A N   1 
ATOM   574  C CA  . ASN A 1 68  ? -2.815  -12.830 -12.459 1.00 29.03 ? 66  ASN A CA  1 
ATOM   575  C C   . ASN A 1 68  ? -1.365  -13.073 -11.967 1.00 28.94 ? 66  ASN A C   1 
ATOM   576  O O   . ASN A 1 68  ? -0.448  -12.400 -12.419 1.00 32.22 ? 66  ASN A O   1 
ATOM   577  C CB  . ASN A 1 68  ? -3.081  -11.354 -12.751 1.00 28.91 ? 66  ASN A CB  1 
ATOM   578  C CG  . ASN A 1 68  ? -2.755  -10.471 -11.565 1.00 28.10 ? 66  ASN A CG  1 
ATOM   579  O OD1 . ASN A 1 68  ? -2.366  -10.969 -10.494 1.00 28.06 ? 66  ASN A OD1 1 
ATOM   580  N ND2 . ASN A 1 68  ? -2.917  -9.170  -11.737 1.00 27.71 ? 66  ASN A ND2 1 
ATOM   581  N N   . GLY A 1 69  ? -1.182  -13.992 -11.042 1.00 28.97 ? 67  GLY A N   1 
ATOM   582  C CA  . GLY A 1 69  ? 0.134   -14.371 -10.496 1.00 31.80 ? 67  GLY A CA  1 
ATOM   583  C C   . GLY A 1 69  ? 0.760   -13.384 -9.526  1.00 32.46 ? 67  GLY A C   1 
ATOM   584  O O   . GLY A 1 69  ? 2.023   -13.374 -9.396  1.00 32.70 ? 67  GLY A O   1 
ATOM   585  N N   . THR A 1 70  ? -0.043  -12.513 -8.862  1.00 29.14 ? 68  THR A N   1 
ATOM   586  C CA  . THR A 1 70  ? 0.526   -11.621 -7.883  1.00 27.32 ? 68  THR A CA  1 
ATOM   587  C C   . THR A 1 70  ? 1.049   -12.461 -6.690  1.00 28.47 ? 68  THR A C   1 
ATOM   588  O O   . THR A 1 70  ? 0.304   -13.263 -6.126  1.00 26.43 ? 68  THR A O   1 
ATOM   589  C CB  . THR A 1 70  ? -0.475  -10.558 -7.414  1.00 28.45 ? 68  THR A CB  1 
ATOM   590  O OG1 . THR A 1 70  ? -0.870  -9.825  -8.577  1.00 25.83 ? 68  THR A OG1 1 
ATOM   591  C CG2 . THR A 1 70  ? 0.122   -9.625  -6.390  1.00 25.25 ? 68  THR A CG2 1 
ATOM   592  N N   . ASP A 1 71  ? 2.251   -12.124 -6.232  1.00 30.29 ? 69  ASP A N   1 
ATOM   593  C CA  . ASP A 1 71  ? 2.931   -12.760 -5.043  1.00 31.73 ? 69  ASP A CA  1 
ATOM   594  C C   . ASP A 1 71  ? 2.720   -11.960 -3.745  1.00 32.18 ? 69  ASP A C   1 
ATOM   595  O O   . ASP A 1 71  ? 2.669   -12.531 -2.650  1.00 32.50 ? 69  ASP A O   1 
ATOM   596  C CB  . ASP A 1 71  ? 4.429   -12.916 -5.326  1.00 35.07 ? 69  ASP A CB  1 
ATOM   597  C CG  . ASP A 1 71  ? 4.709   -13.860 -6.500  1.00 37.84 ? 69  ASP A CG  1 
ATOM   598  O OD1 . ASP A 1 71  ? 4.134   -14.986 -6.514  1.00 37.93 ? 69  ASP A OD1 1 
ATOM   599  O OD2 . ASP A 1 71  ? 5.418   -13.429 -7.429  1.00 34.07 ? 69  ASP A OD2 1 
ATOM   600  N N   . GLY A 1 72  ? 2.705   -10.619 -3.847  1.00 26.85 ? 70  GLY A N   1 
ATOM   601  C CA  . GLY A 1 72  ? 2.613   -9.772  -2.721  1.00 27.66 ? 70  GLY A CA  1 
ATOM   602  C C   . GLY A 1 72  ? 1.900   -8.463  -3.011  1.00 27.57 ? 70  GLY A C   1 
ATOM   603  O O   . GLY A 1 72  ? 1.910   -7.994  -4.148  1.00 27.27 ? 70  GLY A O   1 
ATOM   604  N N   . ILE A 1 73  ? 1.306   -7.915  -1.952  1.00 25.25 ? 71  ILE A N   1 
ATOM   605  C CA  . ILE A 1 73  ? 0.577   -6.642  -1.963  1.00 27.28 ? 71  ILE A CA  1 
ATOM   606  C C   . ILE A 1 73  ? 1.147   -5.717  -0.877  1.00 26.85 ? 71  ILE A C   1 
ATOM   607  O O   . ILE A 1 73  ? 1.275   -6.130  0.269   1.00 26.13 ? 71  ILE A O   1 
ATOM   608  C CB  . ILE A 1 73  ? -0.919  -6.846  -1.773  1.00 24.97 ? 71  ILE A CB  1 
ATOM   609  C CG1 . ILE A 1 73  ? -1.559  -7.539  -2.977  1.00 26.70 ? 71  ILE A CG1 1 
ATOM   610  C CG2 . ILE A 1 73  ? -1.584  -5.522  -1.443  1.00 28.41 ? 71  ILE A CG2 1 
ATOM   611  C CD1 . ILE A 1 73  ? -2.950  -8.018  -2.709  1.00 28.64 ? 71  ILE A CD1 1 
ATOM   612  N N   . VAL A 1 74  ? 1.490   -4.497  -1.273  1.00 21.86 ? 72  VAL A N   1 
ATOM   613  C CA  . VAL A 1 74  ? 1.735   -3.391  -0.397  1.00 23.96 ? 72  VAL A CA  1 
ATOM   614  C C   . VAL A 1 74  ? 0.490   -2.500  -0.447  1.00 25.78 ? 72  VAL A C   1 
ATOM   615  O O   . VAL A 1 74  ? 0.108   -2.097  -1.537  1.00 23.64 ? 72  VAL A O   1 
ATOM   616  C CB  . VAL A 1 74  ? 2.986   -2.584  -0.786  1.00 25.93 ? 72  VAL A CB  1 
ATOM   617  C CG1 . VAL A 1 74  ? 3.227   -1.425  0.180   1.00 25.67 ? 72  VAL A CG1 1 
ATOM   618  C CG2 . VAL A 1 74  ? 4.214   -3.480  -0.902  1.00 28.41 ? 72  VAL A CG2 1 
ATOM   619  N N   . ILE A 1 75  ? -0.134  -2.186  0.696   1.00 22.95 ? 73  ILE A N   1 
ATOM   620  C CA  . ILE A 1 75  ? -1.353  -1.401  0.659   1.00 22.37 ? 73  ILE A CA  1 
ATOM   621  C C   . ILE A 1 75  ? -1.318  -0.302  1.723   1.00 24.70 ? 73  ILE A C   1 
ATOM   622  O O   . ILE A 1 75  ? -1.069  -0.548  2.871   1.00 22.10 ? 73  ILE A O   1 
ATOM   623  C CB  . ILE A 1 75  ? -2.628  -2.260  0.767   1.00 23.08 ? 73  ILE A CB  1 
ATOM   624  C CG1 . ILE A 1 75  ? -3.871  -1.380  0.668   1.00 22.03 ? 73  ILE A CG1 1 
ATOM   625  C CG2 . ILE A 1 75  ? -2.702  -3.142  2.029   1.00 24.60 ? 73  ILE A CG2 1 
ATOM   626  C CD1 . ILE A 1 75  ? -5.141  -2.145  0.406   1.00 24.35 ? 73  ILE A CD1 1 
ATOM   627  N N   . ASN A 1 76  ? -1.599  0.927   1.295   1.00 21.92 ? 74  ASN A N   1 
ATOM   628  C CA  . ASN A 1 76  ? -1.942  2.052   2.126   1.00 23.27 ? 74  ASN A CA  1 
ATOM   629  C C   . ASN A 1 76  ? -3.407  2.361   1.861   1.00 24.65 ? 74  ASN A C   1 
ATOM   630  O O   . ASN A 1 76  ? -3.703  3.098   0.918   1.00 22.65 ? 74  ASN A O   1 
ATOM   631  C CB  . ASN A 1 76  ? -1.030  3.270   1.871   1.00 24.01 ? 74  ASN A CB  1 
ATOM   632  C CG  . ASN A 1 76  ? -1.301  4.455   2.751   1.00 23.39 ? 74  ASN A CG  1 
ATOM   633  O OD1 . ASN A 1 76  ? -2.341  4.492   3.435   1.00 22.41 ? 74  ASN A OD1 1 
ATOM   634  N ND2 . ASN A 1 76  ? -0.441  5.467   2.693   1.00 23.21 ? 74  ASN A ND2 1 
ATOM   635  N N   . PRO A 1 77  ? -4.352  1.919   2.726   1.00 23.10 ? 75  PRO A N   1 
ATOM   636  C CA  . PRO A 1 77  ? -5.768  2.144   2.439   1.00 23.05 ? 75  PRO A CA  1 
ATOM   637  C C   . PRO A 1 77  ? -6.212  3.593   2.674   1.00 22.55 ? 75  PRO A C   1 
ATOM   638  O O   . PRO A 1 77  ? -7.403  3.895   2.474   1.00 22.48 ? 75  PRO A O   1 
ATOM   639  C CB  . PRO A 1 77  ? -6.519  1.171   3.341   1.00 22.68 ? 75  PRO A CB  1 
ATOM   640  C CG  . PRO A 1 77  ? -5.431  0.262   3.908   1.00 23.40 ? 75  PRO A CG  1 
ATOM   641  C CD  . PRO A 1 77  ? -4.131  1.037   3.889   1.00 24.19 ? 75  PRO A CD  1 
ATOM   642  N N   . GLY A 1 78  ? -5.330  4.469   3.187   1.00 21.60 ? 76  GLY A N   1 
ATOM   643  C CA  . GLY A 1 78  ? -5.757  5.867   3.460   1.00 21.85 ? 76  GLY A CA  1 
ATOM   644  C C   . GLY A 1 78  ? -6.835  5.861   4.534   1.00 21.37 ? 76  GLY A C   1 
ATOM   645  O O   . GLY A 1 78  ? -6.800  4.996   5.464   1.00 21.39 ? 76  GLY A O   1 
ATOM   646  N N   . ALA A 1 79  ? -7.850  6.726   4.396   1.00 22.48 ? 77  ALA A N   1 
ATOM   647  C CA  . ALA A 1 79  ? -8.881  6.852   5.422   1.00 23.76 ? 77  ALA A CA  1 
ATOM   648  C C   . ALA A 1 79  ? -9.657  5.531   5.575   1.00 24.18 ? 77  ALA A C   1 
ATOM   649  O O   . ALA A 1 79  ? -10.203 5.309   6.654   1.00 21.44 ? 77  ALA A O   1 
ATOM   650  C CB  . ALA A 1 79  ? -9.784  8.027   5.148   1.00 25.30 ? 77  ALA A CB  1 
ATOM   651  N N   . TYR A 1 80  ? -9.745  4.685   4.518   1.00 21.22 ? 78  TYR A N   1 
ATOM   652  C CA  . TYR A 1 80  ? -10.455 3.395   4.608   1.00 22.28 ? 78  TYR A CA  1 
ATOM   653  C C   . TYR A 1 80  ? -9.795  2.451   5.636   1.00 21.39 ? 78  TYR A C   1 
ATOM   654  O O   . TYR A 1 80  ? -10.454 1.515   6.115   1.00 22.63 ? 78  TYR A O   1 
ATOM   655  C CB  . TYR A 1 80  ? -10.598 2.701   3.245   1.00 20.83 ? 78  TYR A CB  1 
ATOM   656  C CG  . TYR A 1 80  ? -11.447 3.411   2.211   1.00 21.82 ? 78  TYR A CG  1 
ATOM   657  C CD1 . TYR A 1 80  ? -12.595 4.101   2.550   1.00 22.27 ? 78  TYR A CD1 1 
ATOM   658  C CD2 . TYR A 1 80  ? -11.123 3.380   0.862   1.00 21.97 ? 78  TYR A CD2 1 
ATOM   659  C CE1 . TYR A 1 80  ? -13.396 4.721   1.601   1.00 21.77 ? 78  TYR A CE1 1 
ATOM   660  C CE2 . TYR A 1 80  ? -11.914 3.985   -0.114  1.00 21.93 ? 78  TYR A CE2 1 
ATOM   661  C CZ  . TYR A 1 80  ? -13.057 4.680   0.252   1.00 23.57 ? 78  TYR A CZ  1 
ATOM   662  O OH  . TYR A 1 80  ? -13.823 5.362   -0.633  1.00 22.41 ? 78  TYR A OH  1 
ATOM   663  N N   . THR A 1 81  ? -8.540  2.722   6.017   1.00 20.62 ? 79  THR A N   1 
ATOM   664  C CA  . THR A 1 81  ? -7.880  1.917   7.063   1.00 22.69 ? 79  THR A CA  1 
ATOM   665  C C   . THR A 1 81  ? -8.749  1.853   8.337   1.00 20.25 ? 79  THR A C   1 
ATOM   666  O O   . THR A 1 81  ? -8.776  0.846   9.058   1.00 22.01 ? 79  THR A O   1 
ATOM   667  C CB  . THR A 1 81  ? -6.549  2.578   7.468   1.00 24.92 ? 79  THR A CB  1 
ATOM   668  O OG1 . THR A 1 81  ? -5.721  2.743   6.318   1.00 25.14 ? 79  THR A OG1 1 
ATOM   669  C CG2 . THR A 1 81  ? -5.837  1.816   8.556   1.00 26.27 ? 79  THR A CG2 1 
ATOM   670  N N   . HIS A 1 82  ? -9.418  2.958   8.621   1.00 21.96 ? 80  HIS A N   1 
ATOM   671  C CA  . HIS A 1 82  ? -10.075 3.223   9.927   1.00 22.02 ? 80  HIS A CA  1 
ATOM   672  C C   . HIS A 1 82  ? -11.504 2.693   9.988   1.00 25.15 ? 80  HIS A C   1 
ATOM   673  O O   . HIS A 1 82  ? -12.099 2.782   11.094  1.00 23.82 ? 80  HIS A O   1 
ATOM   674  C CB  . HIS A 1 82  ? -9.952  4.714   10.298  1.00 23.45 ? 80  HIS A CB  1 
ATOM   675  C CG  . HIS A 1 82  ? -8.581  5.243   10.050  1.00 23.12 ? 80  HIS A CG  1 
ATOM   676  N ND1 . HIS A 1 82  ? -7.471  4.621   10.536  1.00 23.40 ? 80  HIS A ND1 1 
ATOM   677  C CD2 . HIS A 1 82  ? -8.161  6.268   9.280   1.00 24.24 ? 80  HIS A CD2 1 
ATOM   678  C CE1 . HIS A 1 82  ? -6.409  5.253   10.112  1.00 24.23 ? 80  HIS A CE1 1 
ATOM   679  N NE2 . HIS A 1 82  ? -6.799  6.253   9.286   1.00 25.30 ? 80  HIS A NE2 1 
ATOM   680  N N   . TYR A 1 83  ? -12.072 2.138   8.893   1.00 22.26 ? 81  TYR A N   1 
ATOM   681  C CA  . TYR A 1 83  ? -13.450 1.662   8.896   1.00 21.62 ? 81  TYR A CA  1 
ATOM   682  C C   . TYR A 1 83  ? -13.837 0.631   7.835   1.00 23.18 ? 81  TYR A C   1 
ATOM   683  O O   . TYR A 1 83  ? -14.873 0.029   7.981   1.00 21.34 ? 81  TYR A O   1 
ATOM   684  C CB  . TYR A 1 83  ? -14.422 2.842   8.830   1.00 21.98 ? 81  TYR A CB  1 
ATOM   685  C CG  . TYR A 1 83  ? -14.451 3.720   7.589   1.00 22.73 ? 81  TYR A CG  1 
ATOM   686  C CD1 . TYR A 1 83  ? -13.434 4.635   7.325   1.00 22.48 ? 81  TYR A CD1 1 
ATOM   687  C CD2 . TYR A 1 83  ? -15.500 3.642   6.681   1.00 22.55 ? 81  TYR A CD2 1 
ATOM   688  C CE1 . TYR A 1 83  ? -13.481 5.485   6.219   1.00 20.44 ? 81  TYR A CE1 1 
ATOM   689  C CE2 . TYR A 1 83  ? -15.545 4.474   5.553   1.00 22.61 ? 81  TYR A CE2 1 
ATOM   690  C CZ  . TYR A 1 83  ? -14.558 5.415   5.338   1.00 21.54 ? 81  TYR A CZ  1 
ATOM   691  O OH  . TYR A 1 83  ? -14.577 6.317   4.275   1.00 21.53 ? 81  TYR A OH  1 
ATOM   692  N N   . SER A 1 84  ? -13.047 0.424   6.759   1.00 21.55 ? 82  SER A N   1 
ATOM   693  C CA  . SER A 1 84  ? -13.489 -0.477  5.657   1.00 21.13 ? 82  SER A CA  1 
ATOM   694  C C   . SER A 1 84  ? -13.313 -1.963  5.989   1.00 22.17 ? 82  SER A C   1 
ATOM   695  O O   . SER A 1 84  ? -12.314 -2.613  5.550   1.00 22.10 ? 82  SER A O   1 
ATOM   696  C CB  . SER A 1 84  ? -12.757 -0.136  4.365   1.00 24.55 ? 82  SER A CB  1 
ATOM   697  O OG  . SER A 1 84  ? -13.214 -0.990  3.298   1.00 22.71 ? 82  SER A OG  1 
ATOM   698  N N   . TYR A 1 85  ? -14.303 -2.555  6.681   1.00 22.04 ? 83  TYR A N   1 
ATOM   699  C CA  . TYR A 1 85  ? -14.277 -4.012  6.869   1.00 22.24 ? 83  TYR A CA  1 
ATOM   700  C C   . TYR A 1 85  ? -14.401 -4.729  5.491   1.00 22.35 ? 83  TYR A C   1 
ATOM   701  O O   . TYR A 1 85  ? -13.996 -5.909  5.368   1.00 21.62 ? 83  TYR A O   1 
ATOM   702  C CB  . TYR A 1 85  ? -15.357 -4.457  7.841   1.00 23.30 ? 83  TYR A CB  1 
ATOM   703  C CG  . TYR A 1 85  ? -15.098 -3.978  9.256   1.00 23.46 ? 83  TYR A CG  1 
ATOM   704  C CD1 . TYR A 1 85  ? -14.068 -4.539  9.995   1.00 26.53 ? 83  TYR A CD1 1 
ATOM   705  C CD2 . TYR A 1 85  ? -15.908 -3.022  9.844   1.00 27.98 ? 83  TYR A CD2 1 
ATOM   706  C CE1 . TYR A 1 85  ? -13.836 -4.136  11.310  1.00 26.39 ? 83  TYR A CE1 1 
ATOM   707  C CE2 . TYR A 1 85  ? -15.696 -2.625  11.167  1.00 27.49 ? 83  TYR A CE2 1 
ATOM   708  C CZ  . TYR A 1 85  ? -14.663 -3.195  11.883  1.00 26.63 ? 83  TYR A CZ  1 
ATOM   709  O OH  . TYR A 1 85  ? -14.485 -2.783  13.192  1.00 31.97 ? 83  TYR A OH  1 
ATOM   710  N N   . ALA A 1 86  ? -14.949 -4.069  4.446   1.00 20.43 ? 84  ALA A N   1 
ATOM   711  C CA  . ALA A 1 86  ? -15.055 -4.717  3.107   1.00 21.36 ? 84  ALA A CA  1 
ATOM   712  C C   . ALA A 1 86  ? -13.650 -4.928  2.487   1.00 22.58 ? 84  ALA A C   1 
ATOM   713  O O   . ALA A 1 86  ? -13.353 -5.996  1.910   1.00 20.92 ? 84  ALA A O   1 
ATOM   714  C CB  . ALA A 1 86  ? -15.969 -3.918  2.183   1.00 20.99 ? 84  ALA A CB  1 
ATOM   715  N N   . ILE A 1 87  ? -12.746 -3.948  2.635   1.00 21.86 ? 85  ILE A N   1 
ATOM   716  C CA  . ILE A 1 87  ? -11.360 -4.076  2.155   1.00 22.62 ? 85  ILE A CA  1 
ATOM   717  C C   . ILE A 1 87  ? -10.610 -5.101  3.026   1.00 25.32 ? 85  ILE A C   1 
ATOM   718  O O   . ILE A 1 87  ? -9.852  -5.918  2.484   1.00 22.72 ? 85  ILE A O   1 
ATOM   719  C CB  . ILE A 1 87  ? -10.622 -2.713  2.056   1.00 20.69 ? 85  ILE A CB  1 
ATOM   720  C CG1 . ILE A 1 87  ? -11.198 -1.857  0.927   1.00 21.81 ? 85  ILE A CG1 1 
ATOM   721  C CG2 . ILE A 1 87  ? -9.108  -2.950  1.903   1.00 23.82 ? 85  ILE A CG2 1 
ATOM   722  C CD1 . ILE A 1 87  ? -10.782 -0.386  0.901   1.00 21.95 ? 85  ILE A CD1 1 
ATOM   723  N N   . ARG A 1 88  ? -10.851 -5.128  4.355   1.00 22.76 ? 86  ARG A N   1 
ATOM   724  C CA  . ARG A 1 88  ? -10.259 -6.160  5.219   1.00 22.86 ? 86  ARG A CA  1 
ATOM   725  C C   . ARG A 1 88  ? -10.641 -7.563  4.695   1.00 20.28 ? 86  ARG A C   1 
ATOM   726  O O   . ARG A 1 88  ? -9.771  -8.441  4.466   1.00 23.19 ? 86  ARG A O   1 
ATOM   727  C CB  . ARG A 1 88  ? -10.777 -6.021  6.654   1.00 23.15 ? 86  ARG A CB  1 
ATOM   728  C CG  . ARG A 1 88  ? -10.366 -7.158  7.590   1.00 24.47 ? 86  ARG A CG  1 
ATOM   729  C CD  . ARG A 1 88  ? -11.362 -7.271  8.732   1.00 24.80 ? 86  ARG A CD  1 
ATOM   730  N NE  . ARG A 1 88  ? -10.986 -8.279  9.726   1.00 28.73 ? 86  ARG A NE  1 
ATOM   731  C CZ  . ARG A 1 88  ? -10.573 -8.007  10.987  1.00 34.74 ? 86  ARG A CZ  1 
ATOM   732  N NH1 . ARG A 1 88  ? -10.292 -6.766  11.388  1.00 31.37 ? 86  ARG A NH1 1 
ATOM   733  N NH2 . ARG A 1 88  ? -10.498 -9.011  11.866  1.00 33.73 ? 86  ARG A NH2 1 
ATOM   734  N N   . ASP A 1 89  ? -11.925 -7.774  4.421   1.00 22.44 ? 87  ASP A N   1 
ATOM   735  C CA  . ASP A 1 89  ? -12.407 -9.074  3.966   1.00 21.44 ? 87  ASP A CA  1 
ATOM   736  C C   . ASP A 1 89  ? -11.851 -9.433  2.576   1.00 23.59 ? 87  ASP A C   1 
ATOM   737  O O   . ASP A 1 89  ? -11.639 -10.620 2.282   1.00 24.37 ? 87  ASP A O   1 
ATOM   738  C CB  . ASP A 1 89  ? -13.924 -9.203  4.073   1.00 22.31 ? 87  ASP A CB  1 
ATOM   739  C CG  . ASP A 1 89  ? -14.418 -9.576  5.476   1.00 25.53 ? 87  ASP A CG  1 
ATOM   740  O OD1 . ASP A 1 89  ? -13.551 -9.692  6.409   1.00 29.03 ? 87  ASP A OD1 1 
ATOM   741  O OD2 . ASP A 1 89  ? -15.650 -9.653  5.653   1.00 28.58 ? 87  ASP A OD2 1 
ATOM   742  N N   . ALA A 1 90  ? -11.636 -8.433  1.709   1.00 21.96 ? 88  ALA A N   1 
ATOM   743  C CA  . ALA A 1 90  ? -10.998 -8.684  0.404   1.00 23.51 ? 88  ALA A CA  1 
ATOM   744  C C   . ALA A 1 90  ? -9.567  -9.182  0.603   1.00 21.67 ? 88  ALA A C   1 
ATOM   745  O O   . ALA A 1 90  ? -9.131  -10.206 0.000   1.00 23.36 ? 88  ALA A O   1 
ATOM   746  C CB  . ALA A 1 90  ? -11.066 -7.438  -0.452  1.00 24.16 ? 88  ALA A CB  1 
ATOM   747  N N   . LEU A 1 91  ? -8.825  -8.525  1.505   1.00 21.62 ? 89  LEU A N   1 
ATOM   748  C CA  . LEU A 1 91  ? -7.429  -8.986  1.800   1.00 23.99 ? 89  LEU A CA  1 
ATOM   749  C C   . LEU A 1 91  ? -7.395  -10.426 2.377   1.00 27.11 ? 89  LEU A C   1 
ATOM   750  O O   . LEU A 1 91  ? -6.498  -11.238 2.004   1.00 27.80 ? 89  LEU A O   1 
ATOM   751  C CB  . LEU A 1 91  ? -6.750  -7.958  2.716   1.00 23.66 ? 89  LEU A CB  1 
ATOM   752  C CG  . LEU A 1 91  ? -6.476  -6.558  2.129   1.00 23.06 ? 89  LEU A CG  1 
ATOM   753  C CD1 . LEU A 1 91  ? -5.990  -5.569  3.182   1.00 23.45 ? 89  LEU A CD1 1 
ATOM   754  C CD2 . LEU A 1 91  ? -5.480  -6.618  0.972   1.00 25.33 ? 89  LEU A CD2 1 
ATOM   755  N N   . ALA A 1 92  ? -8.359  -10.762 3.256   1.00 25.08 ? 90  ALA A N   1 
ATOM   756  C CA  . ALA A 1 92  ? -8.434  -12.070 3.883   1.00 28.25 ? 90  ALA A CA  1 
ATOM   757  C C   . ALA A 1 92  ? -8.748  -13.144 2.831   1.00 28.23 ? 90  ALA A C   1 
ATOM   758  O O   . ALA A 1 92  ? -8.346  -14.326 2.978   1.00 29.21 ? 90  ALA A O   1 
ATOM   759  C CB  . ALA A 1 92  ? -9.484  -12.063 4.976   1.00 29.29 ? 90  ALA A CB  1 
ATOM   760  N N   . SER A 1 93  ? -9.490  -12.761 1.787   1.00 28.40 ? 91  SER A N   1 
ATOM   761  C CA  . SER A 1 93  ? -9.943  -13.698 0.751   1.00 27.54 ? 91  SER A CA  1 
ATOM   762  C C   . SER A 1 93  ? -8.769  -14.144 -0.149  1.00 29.95 ? 91  SER A C   1 
ATOM   763  O O   . SER A 1 93  ? -8.919  -15.129 -0.929  1.00 31.37 ? 91  SER A O   1 
ATOM   764  C CB  . SER A 1 93  ? -11.088 -13.138 -0.071  1.00 29.80 ? 91  SER A CB  1 
ATOM   765  O OG  . SER A 1 93  ? -10.610 -12.192 -1.006  1.00 25.93 ? 91  SER A OG  1 
ATOM   766  N N   . VAL A 1 94  ? -7.627  -13.448 -0.098  1.00 27.80 ? 92  VAL A N   1 
ATOM   767  C CA  . VAL A 1 94  ? -6.420  -13.856 -0.910  1.00 29.59 ? 92  VAL A CA  1 
ATOM   768  C C   . VAL A 1 94  ? -5.315  -14.292 0.082   1.00 31.06 ? 92  VAL A C   1 
ATOM   769  O O   . VAL A 1 94  ? -4.245  -13.663 0.249   1.00 29.66 ? 92  VAL A O   1 
ATOM   770  C CB  . VAL A 1 94  ? -5.993  -12.762 -1.909  1.00 26.95 ? 92  VAL A CB  1 
ATOM   771  C CG1 . VAL A 1 94  ? -6.993  -12.645 -3.035  1.00 30.00 ? 92  VAL A CG1 1 
ATOM   772  C CG2 . VAL A 1 94  ? -5.741  -11.400 -1.272  1.00 27.42 ? 92  VAL A CG2 1 
ATOM   773  N N   . SER A 1 95  ? -5.586  -15.427 0.762   1.00 31.27 ? 93  SER A N   1 
ATOM   774  C CA  . SER A 1 95  ? -4.812  -15.818 1.959   1.00 33.67 ? 93  SER A CA  1 
ATOM   775  C C   . SER A 1 95  ? -3.356  -16.200 1.627   1.00 38.08 ? 93  SER A C   1 
ATOM   776  O O   . SER A 1 95  ? -2.489  -16.114 2.519   1.00 37.81 ? 93  SER A O   1 
ATOM   777  C CB  . SER A 1 95  ? -5.481  -16.952 2.705   1.00 39.04 ? 93  SER A CB  1 
ATOM   778  O OG  . SER A 1 95  ? -5.603  -18.076 1.841   1.00 37.92 ? 93  SER A OG  1 
ATOM   779  N N   . HIS A 1 96  ? -3.073  -16.574 0.389   1.00 33.96 ? 94  HIS A N   1 
ATOM   780  C CA  . HIS A 1 96  ? -1.725  -16.969 -0.043  1.00 38.37 ? 94  HIS A CA  1 
ATOM   781  C C   . HIS A 1 96  ? -0.961  -15.850 -0.771  1.00 38.11 ? 94  HIS A C   1 
ATOM   782  O O   . HIS A 1 96  ? 0.078   -16.095 -1.363  1.00 36.33 ? 94  HIS A O   1 
ATOM   783  C CB  . HIS A 1 96  ? -1.828  -18.226 -0.917  1.00 43.90 ? 94  HIS A CB  1 
ATOM   784  C CG  . HIS A 1 96  ? -1.983  -19.437 -0.058  1.00 55.85 ? 94  HIS A CG  1 
ATOM   785  N ND1 . HIS A 1 96  ? -3.148  -19.700 0.648   1.00 61.51 ? 94  HIS A ND1 1 
ATOM   786  C CD2 . HIS A 1 96  ? -1.098  -20.401 0.286   1.00 65.30 ? 94  HIS A CD2 1 
ATOM   787  C CE1 . HIS A 1 96  ? -2.995  -20.801 1.353   1.00 65.48 ? 94  HIS A CE1 1 
ATOM   788  N NE2 . HIS A 1 96  ? -1.736  -21.245 1.156   1.00 74.04 ? 94  HIS A NE2 1 
ATOM   789  N N   . ILE A 1 97  ? -1.479  -14.624 -0.752  1.00 30.15 ? 95  ILE A N   1 
ATOM   790  C CA  . ILE A 1 97  ? -0.723  -13.458 -1.177  1.00 27.00 ? 95  ILE A CA  1 
ATOM   791  C C   . ILE A 1 97  ? -0.220  -12.768 0.094   1.00 27.91 ? 95  ILE A C   1 
ATOM   792  O O   . ILE A 1 97  ? -1.021  -12.441 0.993   1.00 30.23 ? 95  ILE A O   1 
ATOM   793  C CB  . ILE A 1 97  ? -1.590  -12.545 -2.092  1.00 29.07 ? 95  ILE A CB  1 
ATOM   794  C CG1 . ILE A 1 97  ? -2.114  -13.288 -3.335  1.00 31.04 ? 95  ILE A CG1 1 
ATOM   795  C CG2 . ILE A 1 97  ? -0.820  -11.287 -2.479  1.00 31.31 ? 95  ILE A CG2 1 
ATOM   796  C CD1 . ILE A 1 97  ? -2.879  -12.429 -4.307  1.00 29.67 ? 95  ILE A CD1 1 
ATOM   797  N N   . LYS A 1 98  ? 1.098   -12.592 0.233   1.00 28.99 ? 96  LYS A N   1 
ATOM   798  C CA  . LYS A 1 98  ? 1.643   -11.832 1.368   1.00 29.72 ? 96  LYS A CA  1 
ATOM   799  C C   . LYS A 1 98  ? 1.249   -10.350 1.262   1.00 31.81 ? 96  LYS A C   1 
ATOM   800  O O   . LYS A 1 98  ? 1.286   -9.784  0.188   1.00 30.53 ? 96  LYS A O   1 
ATOM   801  C CB  . LYS A 1 98  ? 3.159   -11.979 1.373   1.00 36.53 ? 96  LYS A CB  1 
ATOM   802  C CG  . LYS A 1 98  ? 3.620   -13.418 1.509   1.00 43.61 ? 96  LYS A CG  1 
ATOM   803  C CD  . LYS A 1 98  ? 5.122   -13.571 1.289   1.00 54.50 ? 96  LYS A CD  1 
ATOM   804  C CE  . LYS A 1 98  ? 5.613   -14.952 1.686   1.00 67.80 ? 96  LYS A CE  1 
ATOM   805  N NZ  . LYS A 1 98  ? 7.090   -15.055 1.605   1.00 73.26 ? 96  LYS A NZ  1 
ATOM   806  N N   . LYS A 1 99  ? 0.963   -9.731  2.404   1.00 31.76 ? 97  LYS A N   1 
ATOM   807  C CA  . LYS A 1 99  ? 0.488   -8.359  2.455   1.00 27.98 ? 97  LYS A CA  1 
ATOM   808  C C   . LYS A 1 99  ? 1.237   -7.556  3.517   1.00 28.47 ? 97  LYS A C   1 
ATOM   809  O O   . LYS A 1 99  ? 1.342   -8.000  4.647   1.00 27.49 ? 97  LYS A O   1 
ATOM   810  C CB  . LYS A 1 99  ? -0.995  -8.298  2.802   1.00 32.15 ? 97  LYS A CB  1 
ATOM   811  C CG  . LYS A 1 99  ? -1.919  -8.946  1.792   1.00 38.74 ? 97  LYS A CG  1 
ATOM   812  C CD  . LYS A 1 99  ? -3.067  -9.618  2.450   1.00 36.34 ? 97  LYS A CD  1 
ATOM   813  C CE  . LYS A 1 99  ? -3.361  -10.933 1.832   1.00 43.96 ? 97  LYS A CE  1 
ATOM   814  N NZ  . LYS A 1 99  ? -3.629  -11.908 2.881   1.00 42.29 ? 97  LYS A NZ  1 
ATOM   815  N N   . ILE A 1 100 ? 1.636   -6.325  3.168   1.00 25.84 ? 98  ILE A N   1 
ATOM   816  C CA  . ILE A 1 100 ? 2.221   -5.352  4.100   1.00 26.06 ? 98  ILE A CA  1 
ATOM   817  C C   . ILE A 1 100 ? 1.389   -4.068  4.036   1.00 27.35 ? 98  ILE A C   1 
ATOM   818  O O   . ILE A 1 100 ? 1.198   -3.506  2.973   1.00 25.36 ? 98  ILE A O   1 
ATOM   819  C CB  . ILE A 1 100 ? 3.714   -5.059  3.816   1.00 27.33 ? 98  ILE A CB  1 
ATOM   820  C CG1 . ILE A 1 100 ? 4.539   -6.333  3.656   1.00 29.06 ? 98  ILE A CG1 1 
ATOM   821  C CG2 . ILE A 1 100 ? 4.313   -4.103  4.843   1.00 27.71 ? 98  ILE A CG2 1 
ATOM   822  C CD1 . ILE A 1 100 ? 4.630   -7.189  4.917   1.00 32.43 ? 98  ILE A CD1 1 
ATOM   823  N N   . GLU A 1 101 ? 0.932   -3.606  5.209   1.00 27.22 ? 99  GLU A N   1 
ATOM   824  C CA  . GLU A 1 101 ? 0.238   -2.303  5.388   1.00 26.35 ? 99  GLU A CA  1 
ATOM   825  C C   . GLU A 1 101 ? 1.246   -1.184  5.614   1.00 29.21 ? 99  GLU A C   1 
ATOM   826  O O   . GLU A 1 101 ? 2.151   -1.303  6.452   1.00 26.63 ? 99  GLU A O   1 
ATOM   827  C CB  . GLU A 1 101 ? -0.762  -2.422  6.545   1.00 26.70 ? 99  GLU A CB  1 
ATOM   828  C CG  . GLU A 1 101 ? -1.623  -1.189  6.771   1.00 25.50 ? 99  GLU A CG  1 
ATOM   829  C CD  . GLU A 1 101 ? -2.839  -1.433  7.657   1.00 27.91 ? 99  GLU A CD  1 
ATOM   830  O OE1 . GLU A 1 101 ? -3.542  -2.441  7.444   1.00 31.27 ? 99  GLU A OE1 1 
ATOM   831  O OE2 . GLU A 1 101 ? -3.178  -0.528  8.495   1.00 28.30 ? 99  GLU A OE2 1 
ATOM   832  N N   . VAL A 1 102 ? 1.053   -0.073  4.900   1.00 24.27 ? 100 VAL A N   1 
ATOM   833  C CA  . VAL A 1 102 ? 1.902   1.115   5.011   1.00 26.07 ? 100 VAL A CA  1 
ATOM   834  C C   . VAL A 1 102 ? 1.061   2.346   5.341   1.00 26.84 ? 100 VAL A C   1 
ATOM   835  O O   . VAL A 1 102 ? 0.031   2.583   4.690   1.00 25.46 ? 100 VAL A O   1 
ATOM   836  C CB  . VAL A 1 102 ? 2.723   1.344   3.723   1.00 26.17 ? 100 VAL A CB  1 
ATOM   837  C CG1 . VAL A 1 102 ? 3.535   2.627   3.824   1.00 28.53 ? 100 VAL A CG1 1 
ATOM   838  C CG2 . VAL A 1 102 ? 3.631   0.177   3.456   1.00 28.56 ? 100 VAL A CG2 1 
ATOM   839  N N   . HIS A 1 103 ? 1.532   3.149   6.309   1.00 24.22 ? 101 HIS A N   1 
ATOM   840  C CA  . HIS A 1 103 ? 1.059   4.522   6.556   1.00 25.40 ? 101 HIS A CA  1 
ATOM   841  C C   . HIS A 1 103 ? 2.242   5.483   6.515   1.00 26.28 ? 101 HIS A C   1 
ATOM   842  O O   . HIS A 1 103 ? 3.322   5.178   7.119   1.00 27.65 ? 101 HIS A O   1 
ATOM   843  C CB  . HIS A 1 103 ? 0.312   4.652   7.896   1.00 26.29 ? 101 HIS A CB  1 
ATOM   844  C CG  . HIS A 1 103 ? -0.804  3.676   7.969   1.00 26.91 ? 101 HIS A CG  1 
ATOM   845  N ND1 . HIS A 1 103 ? -1.973  3.820   7.189   1.00 26.14 ? 101 HIS A ND1 1 
ATOM   846  C CD2 . HIS A 1 103 ? -0.880  2.461   8.551   1.00 28.07 ? 101 HIS A CD2 1 
ATOM   847  C CE1 . HIS A 1 103 ? -2.728  2.760   7.373   1.00 25.19 ? 101 HIS A CE1 1 
ATOM   848  N NE2 . HIS A 1 103 ? -2.084  1.900   8.206   1.00 27.40 ? 101 HIS A NE2 1 
ATOM   849  N N   . ILE A 1 104 ? 2.087   6.576   5.743   1.00 25.47 ? 102 ILE A N   1 
ATOM   850  C CA  . ILE A 1 104 ? 3.111   7.579   5.567   1.00 25.47 ? 102 ILE A CA  1 
ATOM   851  C C   . ILE A 1 104 ? 3.321   8.392   6.860   1.00 26.65 ? 102 ILE A C   1 
ATOM   852  O O   . ILE A 1 104 ? 4.494   8.595   7.287   1.00 27.41 ? 102 ILE A O   1 
ATOM   853  C CB  . ILE A 1 104 ? 2.772   8.504   4.374   1.00 26.26 ? 102 ILE A CB  1 
ATOM   854  C CG1 . ILE A 1 104 ? 2.653   7.704   3.063   1.00 27.41 ? 102 ILE A CG1 1 
ATOM   855  C CG2 . ILE A 1 104 ? 3.734   9.682   4.255   1.00 29.44 ? 102 ILE A CG2 1 
ATOM   856  C CD1 . ILE A 1 104 ? 2.061   8.485   1.897   1.00 27.58 ? 102 ILE A CD1 1 
ATOM   857  N N   . SER A 1 105 ? 2.222   8.904   7.416   1.00 25.97 ? 103 SER A N   1 
ATOM   858  C CA  . SER A 1 105 ? 2.222   9.750   8.589   1.00 28.95 ? 103 SER A CA  1 
ATOM   859  C C   . SER A 1 105 ? 2.316   8.861   9.833   1.00 29.26 ? 103 SER A C   1 
ATOM   860  O O   . SER A 1 105 ? 2.057   7.647   9.778   1.00 27.24 ? 103 SER A O   1 
ATOM   861  C CB  . SER A 1 105 ? 1.010   10.668  8.613   1.00 28.37 ? 103 SER A CB  1 
ATOM   862  O OG  . SER A 1 105 ? -0.221  9.985   8.965   1.00 28.20 ? 103 SER A OG  1 
ATOM   863  N N   . ASN A 1 106 ? 2.691   9.490   10.962  1.00 32.60 ? 104 ASN A N   1 
ATOM   864  C CA  . ASN A 1 106 ? 2.588   8.880   12.301  1.00 30.97 ? 104 ASN A CA  1 
ATOM   865  C C   . ASN A 1 106 ? 1.158   8.981   12.856  1.00 24.89 ? 104 ASN A C   1 
ATOM   866  O O   . ASN A 1 106 ? 0.778   9.971   13.508  1.00 27.88 ? 104 ASN A O   1 
ATOM   867  C CB  . ASN A 1 106 ? 3.571   9.527   13.270  1.00 34.59 ? 104 ASN A CB  1 
ATOM   868  C CG  . ASN A 1 106 ? 3.594   8.785   14.593  1.00 40.68 ? 104 ASN A CG  1 
ATOM   869  O OD1 . ASN A 1 106 ? 2.723   7.953   14.869  1.00 33.75 ? 104 ASN A OD1 1 
ATOM   870  N ND2 . ASN A 1 106 ? 4.567   9.126   15.432  1.00 39.41 ? 104 ASN A ND2 1 
ATOM   871  N N   . VAL A 1 107 ? 0.340   7.976   12.539  1.00 29.26 ? 105 VAL A N   1 
ATOM   872  C CA  . VAL A 1 107 ? -1.080  8.036   12.745  1.00 28.40 ? 105 VAL A CA  1 
ATOM   873  C C   . VAL A 1 107 ? -1.366  8.101   14.255  1.00 32.88 ? 105 VAL A C   1 
ATOM   874  O O   . VAL A 1 107 ? -2.411  8.624   14.648  1.00 33.58 ? 105 VAL A O   1 
ATOM   875  C CB  . VAL A 1 107 ? -1.852  6.880   12.074  1.00 29.73 ? 105 VAL A CB  1 
ATOM   876  C CG1 . VAL A 1 107 ? -1.776  6.997   10.549  1.00 33.45 ? 105 VAL A CG1 1 
ATOM   877  C CG2 . VAL A 1 107 ? -1.418  5.480   12.527  1.00 35.20 ? 105 VAL A CG2 1 
ATOM   878  N N   . ASN A 1 108 ? -0.413  7.630   15.080  1.00 32.90 ? 106 ASN A N   1 
ATOM   879  C CA  . ASN A 1 108 ? -0.621  7.614   16.537  1.00 33.60 ? 106 ASN A CA  1 
ATOM   880  C C   . ASN A 1 108 ? -0.484  9.008   17.147  1.00 34.35 ? 106 ASN A C   1 
ATOM   881  O O   . ASN A 1 108 ? -0.798  9.179   18.320  1.00 37.82 ? 106 ASN A O   1 
ATOM   882  C CB  . ASN A 1 108 ? 0.336   6.647   17.241  1.00 33.95 ? 106 ASN A CB  1 
ATOM   883  C CG  . ASN A 1 108 ? 0.025   5.189   16.988  1.00 35.69 ? 106 ASN A CG  1 
ATOM   884  O OD1 . ASN A 1 108 ? -1.115  4.791   16.830  1.00 44.05 ? 106 ASN A OD1 1 
ATOM   885  N ND2 . ASN A 1 108 ? 1.049   4.372   16.944  1.00 44.19 ? 106 ASN A ND2 1 
ATOM   886  N N   . GLU A 1 109 ? 0.000   9.986   16.376  1.00 31.05 ? 107 GLU A N   1 
ATOM   887  C CA  . GLU A 1 109 ? 0.139   11.379  16.790  1.00 31.60 ? 107 GLU A CA  1 
ATOM   888  C C   . GLU A 1 109 ? -1.018  12.245  16.284  1.00 31.26 ? 107 GLU A C   1 
ATOM   889  O O   . GLU A 1 109 ? -0.893  13.436  16.395  1.00 30.80 ? 107 GLU A O   1 
ATOM   890  C CB  . GLU A 1 109 ? 1.422   11.999  16.184  1.00 35.16 ? 107 GLU A CB  1 
ATOM   891  C CG  . GLU A 1 109 ? 2.658   11.733  16.993  1.00 41.90 ? 107 GLU A CG  1 
ATOM   892  C CD  . GLU A 1 109 ? 4.007   12.189  16.432  1.00 44.07 ? 107 GLU A CD  1 
ATOM   893  O OE1 . GLU A 1 109 ? 4.136   12.458  15.193  1.00 37.98 ? 107 GLU A OE1 1 
ATOM   894  O OE2 . GLU A 1 109 ? 4.976   12.183  17.236  1.00 56.10 ? 107 GLU A OE2 1 
ATOM   895  N N   . ARG A 1 110 ? -2.074  11.665  15.651  1.00 26.34 ? 108 ARG A N   1 
ATOM   896  C CA  . ARG A 1 110 ? -3.112  12.433  14.956  1.00 28.30 ? 108 ARG A CA  1 
ATOM   897  C C   . ARG A 1 110 ? -4.454  12.158  15.634  1.00 27.03 ? 108 ARG A C   1 
ATOM   898  O O   . ARG A 1 110 ? -4.474  11.779  16.789  1.00 27.37 ? 108 ARG A O   1 
ATOM   899  C CB  . ARG A 1 110 ? -3.045  12.093  13.448  1.00 28.21 ? 108 ARG A CB  1 
ATOM   900  C CG  . ARG A 1 110 ? -1.689  12.414  12.835  1.00 27.96 ? 108 ARG A CG  1 
ATOM   901  C CD  . ARG A 1 110 ? -1.700  12.161  11.318  1.00 27.12 ? 108 ARG A CD  1 
ATOM   902  N NE  . ARG A 1 110 ? -2.621  12.999  10.580  1.00 26.31 ? 108 ARG A NE  1 
ATOM   903  C CZ  . ARG A 1 110 ? -3.034  12.739  9.337   1.00 26.80 ? 108 ARG A CZ  1 
ATOM   904  N NH1 . ARG A 1 110 ? -2.582  11.670  8.680   1.00 25.76 ? 108 ARG A NH1 1 
ATOM   905  N NH2 . ARG A 1 110 ? -3.958  13.531  8.798   1.00 25.53 ? 108 ARG A NH2 1 
ATOM   906  N N   . GLU A 1 111 ? -5.578  12.380  14.937  1.00 26.45 ? 109 GLU A N   1 
ATOM   907  C CA  . GLU A 1 111 ? -6.918  12.225  15.530  1.00 27.02 ? 109 GLU A CA  1 
ATOM   908  C C   . GLU A 1 111 ? -7.072  10.785  16.056  1.00 28.75 ? 109 GLU A C   1 
ATOM   909  O O   . GLU A 1 111 ? -6.441  9.842   15.541  1.00 29.25 ? 109 GLU A O   1 
ATOM   910  C CB  . GLU A 1 111 ? -8.016  12.569  14.522  1.00 30.14 ? 109 GLU A CB  1 
ATOM   911  C CG  . GLU A 1 111 ? -7.887  13.945  13.951  1.00 30.00 ? 109 GLU A CG  1 
ATOM   912  C CD  . GLU A 1 111 ? -7.184  14.007  12.605  1.00 34.94 ? 109 GLU A CD  1 
ATOM   913  O OE1 . GLU A 1 111 ? -6.141  13.360  12.432  1.00 30.85 ? 109 GLU A OE1 1 
ATOM   914  O OE2 . GLU A 1 111 ? -7.739  14.685  11.701  1.00 48.85 ? 109 GLU A OE2 1 
ATOM   915  N N   . GLU A 1 112 ? -7.905  10.594  17.086  1.00 26.91 ? 110 GLU A N   1 
ATOM   916  C CA  . GLU A 1 112 ? -8.083  9.281   17.720  1.00 27.98 ? 110 GLU A CA  1 
ATOM   917  C C   . GLU A 1 112 ? -8.545  8.191   16.708  1.00 26.21 ? 110 GLU A C   1 
ATOM   918  O O   . GLU A 1 112 ? -8.118  7.061   16.833  1.00 27.07 ? 110 GLU A O   1 
ATOM   919  C CB  . GLU A 1 112 ? -9.096  9.326   18.877  1.00 31.26 ? 110 GLU A CB  1 
ATOM   920  C CG  . GLU A 1 112 ? -8.784  10.381  19.921  1.00 47.63 ? 110 GLU A CG  1 
ATOM   921  C CD  . GLU A 1 112 ? -7.583  10.123  20.824  1.00 64.75 ? 110 GLU A CD  1 
ATOM   922  O OE1 . GLU A 1 112 ? -6.903  9.079   20.641  1.00 62.92 ? 110 GLU A OE1 1 
ATOM   923  O OE2 . GLU A 1 112 ? -7.326  10.981  21.719  1.00 78.72 ? 110 GLU A OE2 1 
ATOM   924  N N   . PHE A 1 113 ? -9.411  8.567   15.744  1.00 28.38 ? 111 PHE A N   1 
ATOM   925  C CA  . PHE A 1 113 ? -9.970  7.618   14.788  1.00 26.21 ? 111 PHE A CA  1 
ATOM   926  C C   . PHE A 1 113 ? -8.832  6.994   13.950  1.00 25.43 ? 111 PHE A C   1 
ATOM   927  O O   . PHE A 1 113 ? -8.950  5.849   13.471  1.00 27.95 ? 111 PHE A O   1 
ATOM   928  C CB  . PHE A 1 113 ? -11.067 8.247   13.911  1.00 25.49 ? 111 PHE A CB  1 
ATOM   929  C CG  . PHE A 1 113 ? -10.615 9.198   12.830  1.00 26.87 ? 111 PHE A CG  1 
ATOM   930  C CD1 . PHE A 1 113 ? -10.121 8.721   11.608  1.00 27.91 ? 111 PHE A CD1 1 
ATOM   931  C CD2 . PHE A 1 113 ? -10.696 10.565  12.991  1.00 27.90 ? 111 PHE A CD2 1 
ATOM   932  C CE1 . PHE A 1 113 ? -9.768  9.593   10.586  1.00 27.04 ? 111 PHE A CE1 1 
ATOM   933  C CE2 . PHE A 1 113 ? -10.308 11.432  11.980  1.00 27.52 ? 111 PHE A CE2 1 
ATOM   934  C CZ  . PHE A 1 113 ? -9.842  10.950  10.782  1.00 28.95 ? 111 PHE A CZ  1 
ATOM   935  N N   . ARG A 1 114 ? -7.703  7.686   13.800  1.00 24.16 ? 112 ARG A N   1 
ATOM   936  C CA  . ARG A 1 114 ? -6.586  7.175   12.960  1.00 25.60 ? 112 ARG A CA  1 
ATOM   937  C C   . ARG A 1 114 ? -5.771  6.086   13.685  1.00 27.67 ? 112 ARG A C   1 
ATOM   938  O O   . ARG A 1 114 ? -4.945  5.416   13.092  1.00 27.07 ? 112 ARG A O   1 
ATOM   939  C CB  . ARG A 1 114 ? -5.681  8.295   12.446  1.00 25.77 ? 112 ARG A CB  1 
ATOM   940  C CG  . ARG A 1 114 ? -6.380  9.396   11.651  1.00 27.69 ? 112 ARG A CG  1 
ATOM   941  C CD  . ARG A 1 114 ? -5.396  10.215  10.811  1.00 27.59 ? 112 ARG A CD  1 
ATOM   942  N NE  . ARG A 1 114 ? -5.983  11.460  10.316  1.00 26.86 ? 112 ARG A NE  1 
ATOM   943  C CZ  . ARG A 1 114 ? -6.712  11.565  9.201   1.00 30.23 ? 112 ARG A CZ  1 
ATOM   944  N NH1 . ARG A 1 114 ? -6.786  10.531  8.374   1.00 26.12 ? 112 ARG A NH1 1 
ATOM   945  N NH2 . ARG A 1 114 ? -7.331  12.704  8.920   1.00 26.46 ? 112 ARG A NH2 1 
ATOM   946  N N   . HIS A 1 115 ? -6.008  5.907   14.987  1.00 27.32 ? 113 HIS A N   1 
ATOM   947  C CA  . HIS A 1 115 ? -5.362  4.856   15.680  1.00 29.51 ? 113 HIS A CA  1 
ATOM   948  C C   . HIS A 1 115 ? -5.936  3.494   15.320  1.00 27.48 ? 113 HIS A C   1 
ATOM   949  O O   . HIS A 1 115 ? -5.347  2.501   15.681  1.00 33.90 ? 113 HIS A O   1 
ATOM   950  C CB  . HIS A 1 115 ? -5.530  5.028   17.198  1.00 32.14 ? 113 HIS A CB  1 
ATOM   951  C CG  . HIS A 1 115 ? -4.704  6.137   17.718  1.00 35.16 ? 113 HIS A CG  1 
ATOM   952  N ND1 . HIS A 1 115 ? -3.581  5.899   18.518  1.00 43.01 ? 113 HIS A ND1 1 
ATOM   953  C CD2 . HIS A 1 115 ? -4.828  7.482   17.583  1.00 37.99 ? 113 HIS A CD2 1 
ATOM   954  C CE1 . HIS A 1 115 ? -3.086  7.080   18.899  1.00 47.58 ? 113 HIS A CE1 1 
ATOM   955  N NE2 . HIS A 1 115 ? -3.844  8.072   18.336  1.00 46.08 ? 113 HIS A NE2 1 
ATOM   956  N N   . ILE A 1 116 ? -7.157  3.433   14.805  1.00 27.69 ? 114 ILE A N   1 
ATOM   957  C CA  . ILE A 1 116 ? -7.801  2.141   14.499  1.00 30.45 ? 114 ILE A CA  1 
ATOM   958  C C   . ILE A 1 116 ? -7.360  1.664   13.106  1.00 25.84 ? 114 ILE A C   1 
ATOM   959  O O   . ILE A 1 116 ? -7.521  2.413   12.124  1.00 28.79 ? 114 ILE A O   1 
ATOM   960  C CB  . ILE A 1 116 ? -9.332  2.331   14.515  1.00 38.95 ? 114 ILE A CB  1 
ATOM   961  C CG1 . ILE A 1 116 ? -9.805  2.786   15.896  1.00 46.07 ? 114 ILE A CG1 1 
ATOM   962  C CG2 . ILE A 1 116 ? -10.061 1.079   14.017  1.00 39.79 ? 114 ILE A CG2 1 
ATOM   963  C CD1 . ILE A 1 116 ? -11.224 3.322   15.900  1.00 54.50 ? 114 ILE A CD1 1 
ATOM   964  N N   . SER A 1 117 ? -6.886  0.420   12.986  1.00 26.17 ? 115 SER A N   1 
ATOM   965  C CA  . SER A 1 117 ? -6.729  -0.207  11.656  1.00 25.67 ? 115 SER A CA  1 
ATOM   966  C C   . SER A 1 117 ? -7.554  -1.492  11.620  1.00 24.95 ? 115 SER A C   1 
ATOM   967  O O   . SER A 1 117 ? -7.183  -2.504  12.286  1.00 25.97 ? 115 SER A O   1 
ATOM   968  C CB  . SER A 1 117 ? -5.281  -0.489  11.264  1.00 28.55 ? 115 SER A CB  1 
ATOM   969  O OG  . SER A 1 117 ? -5.238  -1.273  10.053  1.00 27.76 ? 115 SER A OG  1 
ATOM   970  N N   . VAL A 1 118 ? -8.607  -1.516  10.781  1.00 23.48 ? 116 VAL A N   1 
ATOM   971  C CA  . VAL A 1 118 ? -9.439  -2.702  10.607  1.00 23.58 ? 116 VAL A CA  1 
ATOM   972  C C   . VAL A 1 118 ? -8.794  -3.676  9.610   1.00 24.33 ? 116 VAL A C   1 
ATOM   973  O O   . VAL A 1 118 ? -9.196  -4.821  9.567   1.00 24.37 ? 116 VAL A O   1 
ATOM   974  C CB  . VAL A 1 118 ? -10.867 -2.352  10.179  1.00 25.42 ? 116 VAL A CB  1 
ATOM   975  C CG1 . VAL A 1 118 ? -11.487 -1.386  11.141  1.00 29.20 ? 116 VAL A CG1 1 
ATOM   976  C CG2 . VAL A 1 118 ? -10.953 -1.857  8.735   1.00 27.62 ? 116 VAL A CG2 1 
ATOM   977  N N   . THR A 1 119 ? -7.800  -3.208  8.842   1.00 25.29 ? 117 THR A N   1 
ATOM   978  C CA  . THR A 1 119 ? -7.121  -4.020  7.875   1.00 25.62 ? 117 THR A CA  1 
ATOM   979  C C   . THR A 1 119 ? -5.886  -4.747  8.460   1.00 26.53 ? 117 THR A C   1 
ATOM   980  O O   . THR A 1 119 ? -5.536  -5.845  8.022   1.00 26.31 ? 117 THR A O   1 
ATOM   981  C CB  . THR A 1 119 ? -6.769  -3.197  6.632   1.00 27.29 ? 117 THR A CB  1 
ATOM   982  O OG1 . THR A 1 119 ? -6.094  -2.012  7.057   1.00 26.01 ? 117 THR A OG1 1 
ATOM   983  C CG2 . THR A 1 119 ? -7.978  -2.846  5.790   1.00 26.00 ? 117 THR A CG2 1 
ATOM   984  N N   . GLU A 1 120 ? -5.212  -4.156  9.455   1.00 27.85 ? 118 GLU A N   1 
ATOM   985  C CA  . GLU A 1 120 ? -3.921  -4.699  9.940   1.00 28.84 ? 118 GLU A CA  1 
ATOM   986  C C   . GLU A 1 120 ? -4.015  -6.168  10.394  1.00 27.48 ? 118 GLU A C   1 
ATOM   987  O O   . GLU A 1 120 ? -3.092  -6.943  10.141  1.00 26.03 ? 118 GLU A O   1 
ATOM   988  C CB  . GLU A 1 120 ? -3.376  -3.814  11.063  1.00 31.78 ? 118 GLU A CB  1 
ATOM   989  C CG  . GLU A 1 120 ? -2.097  -4.369  11.653  1.00 41.23 ? 118 GLU A CG  1 
ATOM   990  C CD  . GLU A 1 120 ? -2.298  -5.499  12.669  1.00 36.47 ? 118 GLU A CD  1 
ATOM   991  O OE1 . GLU A 1 120 ? -3.325  -5.492  13.411  1.00 38.25 ? 118 GLU A OE1 1 
ATOM   992  O OE2 . GLU A 1 120 ? -1.406  -6.341  12.724  1.00 47.10 ? 118 GLU A OE2 1 
ATOM   993  N N   . PRO A 1 121 ? -5.100  -6.631  11.044  1.00 25.50 ? 119 PRO A N   1 
ATOM   994  C CA  . PRO A 1 121 ? -5.139  -8.020  11.524  1.00 29.30 ? 119 PRO A CA  1 
ATOM   995  C C   . PRO A 1 121 ? -5.058  -9.097  10.423  1.00 27.66 ? 119 PRO A C   1 
ATOM   996  O O   . PRO A 1 121 ? -4.724  -10.235 10.701  1.00 28.87 ? 119 PRO A O   1 
ATOM   997  C CB  . PRO A 1 121 ? -6.455  -8.097  12.327  1.00 29.42 ? 119 PRO A CB  1 
ATOM   998  C CG  . PRO A 1 121 ? -6.698  -6.689  12.747  1.00 28.13 ? 119 PRO A CG  1 
ATOM   999  C CD  . PRO A 1 121 ? -6.218  -5.828  11.567  1.00 26.93 ? 119 PRO A CD  1 
ATOM   1000 N N   . VAL A 1 122 ? -5.340  -8.754  9.165   1.00 26.83 ? 120 VAL A N   1 
ATOM   1001 C CA  . VAL A 1 122 ? -5.274  -9.770  8.101   1.00 29.42 ? 120 VAL A CA  1 
ATOM   1002 C C   . VAL A 1 122 ? -4.037  -9.591  7.209   1.00 30.10 ? 120 VAL A C   1 
ATOM   1003 O O   . VAL A 1 122 ? -3.873  -10.307 6.235   1.00 30.82 ? 120 VAL A O   1 
ATOM   1004 C CB  . VAL A 1 122 ? -6.569  -9.790  7.268   1.00 26.42 ? 120 VAL A CB  1 
ATOM   1005 C CG1 . VAL A 1 122 ? -7.762  -10.131 8.122   1.00 27.66 ? 120 VAL A CG1 1 
ATOM   1006 C CG2 . VAL A 1 122 ? -6.817  -8.483  6.555   1.00 26.83 ? 120 VAL A CG2 1 
ATOM   1007 N N   . CYS A 1 123 ? -3.138  -8.697  7.591   1.00 27.20 ? 121 CYS A N   1 
ATOM   1008 C CA  . CYS A 1 123 ? -1.887  -8.474  6.878   1.00 28.09 ? 121 CYS A CA  1 
ATOM   1009 C C   . CYS A 1 123 ? -0.723  -9.218  7.575   1.00 30.57 ? 121 CYS A C   1 
ATOM   1010 O O   . CYS A 1 123 ? -0.924  -9.889  8.627   1.00 32.52 ? 121 CYS A O   1 
ATOM   1011 C CB  . CYS A 1 123 ? -1.594  -7.000  6.744   1.00 25.43 ? 121 CYS A CB  1 
ATOM   1012 S SG  . CYS A 1 123 ? -2.778  -6.088  5.659   1.00 29.95 ? 121 CYS A SG  1 
ATOM   1013 N N   . ASN A 1 124 ? 0.460   -9.168  6.956   1.00 27.42 ? 122 ASN A N   1 
ATOM   1014 C CA  . ASN A 1 124 ? 1.659   -9.878  7.427   1.00 27.63 ? 122 ASN A CA  1 
ATOM   1015 C C   . ASN A 1 124 ? 2.721   -8.929  7.950   1.00 31.70 ? 122 ASN A C   1 
ATOM   1016 O O   . ASN A 1 124 ? 3.895   -9.332  8.123   1.00 29.93 ? 122 ASN A O   1 
ATOM   1017 C CB  . ASN A 1 124 ? 2.237   -10.746 6.307   1.00 27.53 ? 122 ASN A CB  1 
ATOM   1018 C CG  . ASN A 1 124 ? 1.215   -11.729 5.783   1.00 32.37 ? 122 ASN A CG  1 
ATOM   1019 O OD1 . ASN A 1 124 ? 0.702   -11.602 4.671   1.00 32.20 ? 122 ASN A OD1 1 
ATOM   1020 N ND2 . ASN A 1 124 ? 0.898   -12.729 6.584   1.00 29.28 ? 122 ASN A ND2 1 
ATOM   1021 N N   . GLY A 1 125 ? 2.317   -7.693  8.259   1.00 29.38 ? 123 GLY A N   1 
ATOM   1022 C CA  . GLY A 1 125 ? 3.237   -6.669  8.735   1.00 31.07 ? 123 GLY A CA  1 
ATOM   1023 C C   . GLY A 1 125 ? 2.744   -5.275  8.435   1.00 32.24 ? 123 GLY A C   1 
ATOM   1024 O O   . GLY A 1 125 ? 1.904   -5.111  7.559   1.00 30.08 ? 123 GLY A O   1 
ATOM   1025 N N   . GLN A 1 126 ? 3.262   -4.288  9.180   1.00 30.77 ? 124 GLN A N   1 
ATOM   1026 C CA  . GLN A 1 126 ? 2.791   -2.915  9.086   1.00 30.28 ? 124 GLN A CA  1 
ATOM   1027 C C   . GLN A 1 126 ? 3.986   -1.980  9.307   1.00 34.77 ? 124 GLN A C   1 
ATOM   1028 O O   . GLN A 1 126 ? 4.808   -2.216  10.214  1.00 32.97 ? 124 GLN A O   1 
ATOM   1029 C CB  . GLN A 1 126 ? 1.650   -2.691  10.086  1.00 32.82 ? 124 GLN A CB  1 
ATOM   1030 C CG  . GLN A 1 126 ? 1.008   -1.310  9.981   1.00 37.75 ? 124 GLN A CG  1 
ATOM   1031 C CD  . GLN A 1 126 ? -0.036  -0.995  11.034  1.00 42.57 ? 124 GLN A CD  1 
ATOM   1032 O OE1 . GLN A 1 126 ? -0.054  -1.558  12.139  1.00 44.25 ? 124 GLN A OE1 1 
ATOM   1033 N NE2 . GLN A 1 126 ? -0.869  -0.014  10.741  1.00 35.05 ? 124 GLN A NE2 1 
ATOM   1034 N N   . ILE A 1 127 ? 4.059   -0.909  8.524   1.00 28.12 ? 125 ILE A N   1 
ATOM   1035 C CA  . ILE A 1 127 ? 5.063   0.148   8.635   1.00 31.07 ? 125 ILE A CA  1 
ATOM   1036 C C   . ILE A 1 127 ? 4.336   1.486   8.786   1.00 35.20 ? 125 ILE A C   1 
ATOM   1037 O O   . ILE A 1 127 ? 3.495   1.804   7.953   1.00 30.73 ? 125 ILE A O   1 
ATOM   1038 C CB  . ILE A 1 127 ? 6.016   0.149   7.419   1.00 33.49 ? 125 ILE A CB  1 
ATOM   1039 C CG1 . ILE A 1 127 ? 6.722   -1.201  7.267   1.00 37.00 ? 125 ILE A CG1 1 
ATOM   1040 C CG2 . ILE A 1 127 ? 6.993   1.316   7.522   1.00 34.67 ? 125 ILE A CG2 1 
ATOM   1041 C CD1 . ILE A 1 127 ? 7.230   -1.491  5.890   1.00 44.74 ? 125 ILE A CD1 1 
ATOM   1042 N N   . VAL A 1 128 ? 4.638   2.240   9.863   1.00 28.80 ? 126 VAL A N   1 
ATOM   1043 C CA  . VAL A 1 128 ? 3.926   3.467   10.250  1.00 30.59 ? 126 VAL A CA  1 
ATOM   1044 C C   . VAL A 1 128 ? 4.938   4.606   10.456  1.00 32.26 ? 126 VAL A C   1 
ATOM   1045 O O   . VAL A 1 128 ? 5.941   4.410   11.147  1.00 31.76 ? 126 VAL A O   1 
ATOM   1046 C CB  . VAL A 1 128 ? 3.096   3.283   11.551  1.00 31.98 ? 126 VAL A CB  1 
ATOM   1047 C CG1 . VAL A 1 128 ? 2.495   4.605   12.008  1.00 33.40 ? 126 VAL A CG1 1 
ATOM   1048 C CG2 . VAL A 1 128 ? 2.020   2.217   11.403  1.00 33.87 ? 126 VAL A CG2 1 
ATOM   1049 N N   . GLY A 1 129 ? 4.680   5.763   9.842   1.00 28.53 ? 127 GLY A N   1 
ATOM   1050 C CA  . GLY A 1 129 ? 5.333   7.043   10.162  1.00 30.61 ? 127 GLY A CA  1 
ATOM   1051 C C   . GLY A 1 129 ? 6.770   7.118   9.702   1.00 34.70 ? 127 GLY A C   1 
ATOM   1052 O O   . GLY A 1 129 ? 7.581   7.882   10.324  1.00 35.16 ? 127 GLY A O   1 
ATOM   1053 N N   . GLN A 1 130 ? 7.117   6.327   8.686   1.00 31.33 ? 128 GLN A N   1 
ATOM   1054 C CA  . GLN A 1 130 ? 8.445   6.396   8.086   1.00 32.11 ? 128 GLN A CA  1 
ATOM   1055 C C   . GLN A 1 130 ? 8.459   7.221   6.784   1.00 33.29 ? 128 GLN A C   1 
ATOM   1056 O O   . GLN A 1 130 ? 9.492   7.238   6.078   1.00 34.30 ? 128 GLN A O   1 
ATOM   1057 C CB  . GLN A 1 130 ? 8.997   5.017   7.763   1.00 33.09 ? 128 GLN A CB  1 
ATOM   1058 C CG  . GLN A 1 130 ? 9.132   4.083   8.963   1.00 39.41 ? 128 GLN A CG  1 
ATOM   1059 C CD  . GLN A 1 130 ? 10.022  4.692   10.016  1.00 48.22 ? 128 GLN A CD  1 
ATOM   1060 O OE1 . GLN A 1 130 ? 11.116  5.163   9.730   1.00 51.18 ? 128 GLN A OE1 1 
ATOM   1061 N NE2 . GLN A 1 130 ? 9.490   4.805   11.216  1.00 53.38 ? 128 GLN A NE2 1 
ATOM   1062 N N   . GLY A 1 131 ? 7.367   7.913   6.451   1.00 28.43 ? 129 GLY A N   1 
ATOM   1063 C CA  . GLY A 1 131 ? 7.358   8.702   5.221   1.00 31.44 ? 129 GLY A CA  1 
ATOM   1064 C C   . GLY A 1 131 ? 7.320   7.782   4.008   1.00 27.38 ? 129 GLY A C   1 
ATOM   1065 O O   . GLY A 1 131 ? 6.967   6.560   4.143   1.00 29.39 ? 129 GLY A O   1 
ATOM   1066 N N   . LEU A 1 132 ? 7.727   8.299   2.836   1.00 29.81 ? 130 LEU A N   1 
ATOM   1067 C CA  . LEU A 1 132 ? 7.604   7.532   1.573   1.00 30.30 ? 130 LEU A CA  1 
ATOM   1068 C C   . LEU A 1 132 ? 8.548   6.320   1.548   1.00 30.93 ? 130 LEU A C   1 
ATOM   1069 O O   . LEU A 1 132 ? 8.251   5.250   0.940   1.00 29.49 ? 130 LEU A O   1 
ATOM   1070 C CB  . LEU A 1 132 ? 7.853   8.467   0.382   1.00 31.45 ? 130 LEU A CB  1 
ATOM   1071 C CG  . LEU A 1 132 ? 6.904   9.641   0.212   1.00 30.61 ? 130 LEU A CG  1 
ATOM   1072 C CD1 . LEU A 1 132 ? 7.060   10.256  -1.169  1.00 32.26 ? 130 LEU A CD1 1 
ATOM   1073 C CD2 . LEU A 1 132 ? 5.458   9.233   0.381   1.00 31.66 ? 130 LEU A CD2 1 
ATOM   1074 N N   . LYS A 1 133 ? 9.663   6.395   2.303   1.00 31.65 ? 131 LYS A N   1 
ATOM   1075 C CA  . LYS A 1 133 ? 10.552  5.242   2.335   1.00 33.22 ? 131 LYS A CA  1 
ATOM   1076 C C   . LYS A 1 133 ? 9.867   4.018   2.977   1.00 30.82 ? 131 LYS A C   1 
ATOM   1077 O O   . LYS A 1 133 ? 10.354  2.907   2.760   1.00 31.85 ? 131 LYS A O   1 
ATOM   1078 C CB  . LYS A 1 133 ? 11.912  5.597   2.972   1.00 40.18 ? 131 LYS A CB  1 
ATOM   1079 C CG  . LYS A 1 133 ? 12.008  5.459   4.480   1.00 46.70 ? 131 LYS A CG  1 
ATOM   1080 C CD  . LYS A 1 133 ? 13.375  5.897   5.088   1.00 45.79 ? 131 LYS A CD  1 
ATOM   1081 C CE  . LYS A 1 133 ? 13.276  6.108   6.589   1.00 49.31 ? 131 LYS A CE  1 
ATOM   1082 N NZ  . LYS A 1 133 ? 12.440  7.285   6.955   1.00 49.79 ? 131 LYS A NZ  1 
ATOM   1083 N N   . GLY A 1 134 ? 8.735   4.166   3.718   1.00 29.70 ? 132 GLY A N   1 
ATOM   1084 C CA  . GLY A 1 134 ? 8.001   3.006   4.218   1.00 28.23 ? 132 GLY A CA  1 
ATOM   1085 C C   . GLY A 1 134 ? 7.572   2.023   3.119   1.00 29.24 ? 132 GLY A C   1 
ATOM   1086 O O   . GLY A 1 134 ? 7.516   0.822   3.342   1.00 28.74 ? 132 GLY A O   1 
ATOM   1087 N N   . TYR A 1 135 ? 7.298   2.526   1.893   1.00 26.36 ? 133 TYR A N   1 
ATOM   1088 C CA  . TYR A 1 135 ? 6.936   1.661   0.771   1.00 25.83 ? 133 TYR A CA  1 
ATOM   1089 C C   . TYR A 1 135 ? 8.110   0.769   0.325   1.00 26.91 ? 133 TYR A C   1 
ATOM   1090 O O   . TYR A 1 135 ? 7.873   -0.393  -0.001  1.00 25.35 ? 133 TYR A O   1 
ATOM   1091 C CB  . TYR A 1 135 ? 6.400   2.444   -0.444  1.00 26.02 ? 133 TYR A CB  1 
ATOM   1092 C CG  . TYR A 1 135 ? 5.068   3.135   -0.215  1.00 25.99 ? 133 TYR A CG  1 
ATOM   1093 C CD1 . TYR A 1 135 ? 5.016   4.400   0.338   1.00 24.21 ? 133 TYR A CD1 1 
ATOM   1094 C CD2 . TYR A 1 135 ? 3.851   2.540   -0.555  1.00 25.10 ? 133 TYR A CD2 1 
ATOM   1095 C CE1 . TYR A 1 135 ? 3.830   5.070   0.588   1.00 25.02 ? 133 TYR A CE1 1 
ATOM   1096 C CE2 . TYR A 1 135 ? 2.657   3.227   -0.337  1.00 23.92 ? 133 TYR A CE2 1 
ATOM   1097 C CZ  . TYR A 1 135 ? 2.632   4.476   0.248   1.00 23.88 ? 133 TYR A CZ  1 
ATOM   1098 O OH  . TYR A 1 135 ? 1.466   5.187   0.444   1.00 25.10 ? 133 TYR A OH  1 
ATOM   1099 N N   . ILE A 1 136 ? 9.333   1.318   0.326   1.00 27.00 ? 134 ILE A N   1 
ATOM   1100 C CA  . ILE A 1 136 ? 10.571  0.533   -0.008  1.00 30.31 ? 134 ILE A CA  1 
ATOM   1101 C C   . ILE A 1 136 ? 10.819  -0.539  1.067   1.00 27.58 ? 134 ILE A C   1 
ATOM   1102 O O   . ILE A 1 136 ? 11.039  -1.697  0.766   1.00 28.54 ? 134 ILE A O   1 
ATOM   1103 C CB  . ILE A 1 136 ? 11.788  1.467   -0.164  1.00 35.30 ? 134 ILE A CB  1 
ATOM   1104 C CG1 . ILE A 1 136 ? 11.506  2.580   -1.183  1.00 35.35 ? 134 ILE A CG1 1 
ATOM   1105 C CG2 . ILE A 1 136 ? 13.046  0.641   -0.512  1.00 34.39 ? 134 ILE A CG2 1 
ATOM   1106 C CD1 . ILE A 1 136 ? 11.072  2.048   -2.515  1.00 36.90 ? 134 ILE A CD1 1 
ATOM   1107 N N   . MET A 1 137 ? 10.695  -0.125  2.344   1.00 30.47 ? 135 MET A N   1 
ATOM   1108 C CA  . MET A 1 137 ? 10.825  -1.048  3.500   1.00 29.90 ? 135 MET A CA  1 
ATOM   1109 C C   . MET A 1 137 ? 9.799   -2.197  3.338   1.00 33.71 ? 135 MET A C   1 
ATOM   1110 O O   . MET A 1 137 ? 10.088  -3.370  3.492   1.00 30.30 ? 135 MET A O   1 
ATOM   1111 C CB  . MET A 1 137 ? 10.627  -0.292  4.833   1.00 30.68 ? 135 MET A CB  1 
ATOM   1112 C CG  . MET A 1 137 ? 11.680  0.741   5.148   1.00 36.45 ? 135 MET A CG  1 
ATOM   1113 S SD  . MET A 1 137 ? 11.264  1.783   6.600   1.00 41.90 ? 135 MET A SD  1 
ATOM   1114 C CE  . MET A 1 137 ? 10.990  0.472   7.787   1.00 45.56 ? 135 MET A CE  1 
ATOM   1115 N N   . ALA A 1 138 ? 8.567   -1.879  2.909   1.00 29.16 ? 136 ALA A N   1 
ATOM   1116 C CA  . ALA A 1 138 ? 7.545   -2.946  2.688   1.00 28.54 ? 136 ALA A CA  1 
ATOM   1117 C C   . ALA A 1 138 ? 7.955   -3.912  1.570   1.00 28.35 ? 136 ALA A C   1 
ATOM   1118 O O   . ALA A 1 138 ? 7.749   -5.119  1.682   1.00 28.71 ? 136 ALA A O   1 
ATOM   1119 C CB  . ALA A 1 138 ? 6.204   -2.322  2.359   1.00 28.03 ? 136 ALA A CB  1 
ATOM   1120 N N   . ILE A 1 139 ? 8.423   -3.374  0.442   1.00 29.79 ? 137 ILE A N   1 
ATOM   1121 C CA  . ILE A 1 139 ? 8.876   -4.236  -0.676  1.00 29.14 ? 137 ILE A CA  1 
ATOM   1122 C C   . ILE A 1 139 ? 10.002  -5.185  -0.210  1.00 29.76 ? 137 ILE A C   1 
ATOM   1123 O O   . ILE A 1 139 ? 9.976   -6.391  -0.539  1.00 31.42 ? 137 ILE A O   1 
ATOM   1124 C CB  . ILE A 1 139 ? 9.290   -3.367  -1.877  1.00 29.02 ? 137 ILE A CB  1 
ATOM   1125 C CG1 . ILE A 1 139 ? 8.042   -2.760  -2.558  1.00 31.11 ? 137 ILE A CG1 1 
ATOM   1126 C CG2 . ILE A 1 139 ? 10.117  -4.114  -2.913  1.00 32.36 ? 137 ILE A CG2 1 
ATOM   1127 C CD1 . ILE A 1 139 ? 8.332   -1.466  -3.216  1.00 32.85 ? 137 ILE A CD1 1 
ATOM   1128 N N   . ASP A 1 140 ? 10.944  -4.658  0.589   1.00 33.92 ? 138 ASP A N   1 
ATOM   1129 C CA  . ASP A 1 140 ? 12.050  -5.493  1.125   1.00 36.03 ? 138 ASP A CA  1 
ATOM   1130 C C   . ASP A 1 140 ? 11.512  -6.608  2.057   1.00 33.90 ? 138 ASP A C   1 
ATOM   1131 O O   . ASP A 1 140 ? 12.017  -7.695  2.001   1.00 34.58 ? 138 ASP A O   1 
ATOM   1132 C CB  . ASP A 1 140 ? 13.082  -4.639  1.845   1.00 35.17 ? 138 ASP A CB  1 
ATOM   1133 C CG  . ASP A 1 140 ? 13.895  -3.761  0.918   1.00 35.21 ? 138 ASP A CG  1 
ATOM   1134 O OD1 . ASP A 1 140 ? 14.027  -4.087  -0.296  1.00 36.25 ? 138 ASP A OD1 1 
ATOM   1135 O OD2 . ASP A 1 140 ? 14.435  -2.808  1.444   1.00 36.83 ? 138 ASP A OD2 1 
ATOM   1136 N N   . MET A 1 141 ? 10.435  -6.357  2.822   1.00 32.37 ? 139 MET A N   1 
ATOM   1137 C CA  A MET A 1 141 ? 9.821   -7.409  3.670   0.60 34.16 ? 139 MET A CA  1 
ATOM   1138 C CA  B MET A 1 141 ? 9.836   -7.401  3.675   0.40 35.43 ? 139 MET A CA  1 
ATOM   1139 C C   . MET A 1 141 ? 9.220   -8.483  2.769   1.00 39.90 ? 139 MET A C   1 
ATOM   1140 O O   . MET A 1 141 ? 9.337   -9.707  3.044   1.00 42.09 ? 139 MET A O   1 
ATOM   1141 C CB  A MET A 1 141 ? 8.696   -6.891  4.577   0.60 35.62 ? 139 MET A CB  1 
ATOM   1142 C CB  B MET A 1 141 ? 8.801   -6.810  4.653   0.40 37.18 ? 139 MET A CB  1 
ATOM   1143 C CG  A MET A 1 141 ? 9.133   -5.941  5.660   0.60 34.73 ? 139 MET A CG  1 
ATOM   1144 C CG  B MET A 1 141 ? 9.429   -6.051  5.840   0.40 37.86 ? 139 MET A CG  1 
ATOM   1145 S SD  A MET A 1 141 ? 7.797   -5.496  6.823   0.60 39.99 ? 139 MET A SD  1 
ATOM   1146 S SD  B MET A 1 141 ? 8.360   -4.919  6.853   0.40 41.73 ? 139 MET A SD  1 
ATOM   1147 C CE  A MET A 1 141 ? 7.515   -7.083  7.601   0.60 42.80 ? 139 MET A CE  1 
ATOM   1148 C CE  B MET A 1 141 ? 7.328   -6.112  7.702   0.40 40.50 ? 139 MET A CE  1 
ATOM   1149 N N   . LEU A 1 142 ? 8.560   -8.055  1.675   1.00 32.46 ? 140 LEU A N   1 
ATOM   1150 C CA  . LEU A 1 142 ? 7.994   -9.000  0.755   1.00 34.22 ? 140 LEU A CA  1 
ATOM   1151 C C   . LEU A 1 142 ? 9.100   -9.806  0.050   1.00 38.22 ? 140 LEU A C   1 
ATOM   1152 O O   . LEU A 1 142 ? 8.849   -10.927 -0.336  1.00 39.89 ? 140 LEU A O   1 
ATOM   1153 C CB  . LEU A 1 142 ? 7.133   -8.255  -0.284  1.00 32.35 ? 140 LEU A CB  1 
ATOM   1154 C CG  . LEU A 1 142 ? 5.821   -7.697  0.258   1.00 32.35 ? 140 LEU A CG  1 
ATOM   1155 C CD1 . LEU A 1 142 ? 5.082   -6.953  -0.832  1.00 35.67 ? 140 LEU A CD1 1 
ATOM   1156 C CD2 . LEU A 1 142 ? 4.954   -8.812  0.811   1.00 38.01 ? 140 LEU A CD2 1 
ATOM   1157 N N   . ASN A 1 143 ? 10.276  -9.202  -0.164  1.00 40.76 ? 141 ASN A N   1 
ATOM   1158 C CA  . ASN A 1 143 ? 11.339  -9.773  -1.022  1.00 42.17 ? 141 ASN A CA  1 
ATOM   1159 C C   . ASN A 1 143 ? 12.345  -10.522 -0.146  1.00 48.94 ? 141 ASN A C   1 
ATOM   1160 O O   . ASN A 1 143 ? 13.445  -10.789 -0.574  1.00 52.83 ? 141 ASN A O   1 
ATOM   1161 C CB  . ASN A 1 143 ? 12.069  -8.685  -1.817  1.00 41.27 ? 141 ASN A CB  1 
ATOM   1162 C CG  . ASN A 1 143 ? 12.892  -9.186  -2.990  1.00 44.10 ? 141 ASN A CG  1 
ATOM   1163 O OD1 . ASN A 1 143 ? 12.498  -10.147 -3.655  1.00 43.61 ? 141 ASN A OD1 1 
ATOM   1164 N ND2 . ASN A 1 143 ? 13.975  -8.476  -3.305  1.00 41.91 ? 141 ASN A ND2 1 
ATOM   1165 N N   . SER A 1 144 ? 11.982  -10.759 1.116   1.00 57.28 ? 142 SER A N   1 
ATOM   1166 C CA  . SER A 1 144 ? 12.841  -11.422 2.069   1.00 62.20 ? 142 SER A CA  1 
ATOM   1167 C C   . SER A 1 144 ? 12.107  -12.671 2.563   1.00 72.15 ? 142 SER A C   1 
ATOM   1168 O O   . SER A 1 144 ? 11.481  -13.364 1.759   1.00 72.87 ? 142 SER A O   1 
ATOM   1169 C CB  . SER A 1 144 ? 13.223  -10.490 3.195   1.00 60.76 ? 142 SER A CB  1 
ATOM   1170 O OG  . SER A 1 144 ? 12.168  -10.379 4.137   1.00 65.04 ? 142 SER A OG  1 
ATOM   1171 O OXT . SER A 1 144 ? 12.091  -12.991 3.747   1.00 85.13 ? 142 SER A OXT 1 
HETATM 1172 O O1  . TLA B 2 .   ? -4.893  7.756   8.262   1.00 29.87 ? 201 TLA A O1  1 
HETATM 1173 O O11 . TLA B 2 .   ? -5.924  8.125   6.344   1.00 26.54 ? 201 TLA A O11 1 
HETATM 1174 C C1  . TLA B 2 .   ? -4.869  8.030   7.027   1.00 29.49 ? 201 TLA A C1  1 
HETATM 1175 C C2  . TLA B 2 .   ? -3.511  8.306   6.407   1.00 26.65 ? 201 TLA A C2  1 
HETATM 1176 O O2  . TLA B 2 .   ? -3.643  8.656   5.040   1.00 30.10 ? 201 TLA A O2  1 
HETATM 1177 C C3  . TLA B 2 .   ? -2.521  7.174   6.518   1.00 24.23 ? 201 TLA A C3  1 
HETATM 1178 O O3  . TLA B 2 .   ? -2.962  6.016   5.784   1.00 25.34 ? 201 TLA A O3  1 
HETATM 1179 C C4  . TLA B 2 .   ? -1.134  7.671   6.102   1.00 26.72 ? 201 TLA A C4  1 
HETATM 1180 O O4  . TLA B 2 .   ? -0.633  7.084   5.094   1.00 25.98 ? 201 TLA A O4  1 
HETATM 1181 O O41 . TLA B 2 .   ? -0.531  8.525   6.831   1.00 26.70 ? 201 TLA A O41 1 
HETATM 1182 O O1  . TLA C 2 .   ? -2.913  21.790  2.391   1.00 43.00 ? 202 TLA A O1  1 
HETATM 1183 O O11 . TLA C 2 .   ? -3.250  23.782  3.278   1.00 44.68 ? 202 TLA A O11 1 
HETATM 1184 C C1  . TLA C 2 .   ? -2.460  22.906  2.835   1.00 45.20 ? 202 TLA A C1  1 
HETATM 1185 C C2  . TLA C 2 .   ? -0.955  23.223  2.858   1.00 43.00 ? 202 TLA A C2  1 
HETATM 1186 O O2  . TLA C 2 .   ? -0.112  22.220  2.210   1.00 41.75 ? 202 TLA A O2  1 
HETATM 1187 C C3  . TLA C 2 .   ? -0.585  23.239  4.349   1.00 45.15 ? 202 TLA A C3  1 
HETATM 1188 O O3  . TLA C 2 .   ? -1.078  21.996  4.909   1.00 43.80 ? 202 TLA A O3  1 
HETATM 1189 C C4  . TLA C 2 .   ? 0.930   23.346  4.507   1.00 50.05 ? 202 TLA A C4  1 
HETATM 1190 O O4  . TLA C 2 .   ? 1.558   22.459  5.147   1.00 44.67 ? 202 TLA A O4  1 
HETATM 1191 O O41 . TLA C 2 .   ? 1.511   24.324  3.950   1.00 52.94 ? 202 TLA A O41 1 
HETATM 1192 O O1  . TLA D 2 .   ? 4.258   -14.049 7.008   0.50 75.28 ? 203 TLA A O1  1 
HETATM 1193 O O11 . TLA D 2 .   ? 4.440   -15.286 5.213   0.50 83.92 ? 203 TLA A O11 1 
HETATM 1194 C C1  . TLA D 2 .   ? 4.940   -14.510 6.066   0.50 82.02 ? 203 TLA A C1  1 
HETATM 1195 C C2  . TLA D 2 .   ? 6.418   -14.187 5.972   0.50 83.64 ? 203 TLA A C2  1 
HETATM 1196 O O2  . TLA D 2 .   ? 7.002   -14.486 7.260   0.50 73.25 ? 203 TLA A O2  1 
HETATM 1197 C C3  . TLA D 2 .   ? 6.794   -12.760 5.437   0.50 88.77 ? 203 TLA A C3  1 
HETATM 1198 O O3  . TLA D 2 .   ? 5.830   -12.224 4.504   0.50 89.72 ? 203 TLA A O3  1 
HETATM 1199 C C4  . TLA D 2 .   ? 7.044   -11.700 6.489   0.50 90.57 ? 203 TLA A C4  1 
HETATM 1200 O O4  . TLA D 2 .   ? 7.898   -11.914 7.382   0.50 98.67 ? 203 TLA A O4  1 
HETATM 1201 O O41 . TLA D 2 .   ? 6.420   -10.613 6.420   0.50 86.18 ? 203 TLA A O41 1 
HETATM 1202 P P   . PO4 E 3 .   ? -17.901 3.130   -5.191  0.33 25.82 ? 204 PO4 A P   1 
HETATM 1203 O O1  . PO4 E 3 .   ? -17.034 2.020   -4.762  0.33 29.08 ? 204 PO4 A O1  1 
HETATM 1204 O O2  . PO4 E 3 .   ? -17.912 3.146   -6.689  0.33 32.61 ? 204 PO4 A O2  1 
HETATM 1205 O O3  . PO4 E 3 .   ? -19.286 2.931   -4.736  0.33 29.08 ? 204 PO4 A O3  1 
HETATM 1206 O O4  . PO4 E 3 .   ? -17.371 4.426   -4.734  0.33 29.08 ? 204 PO4 A O4  1 
HETATM 1207 C C1  . GOL F 4 .   ? -5.123  12.704  2.595   1.00 37.15 ? 205 GOL A C1  1 
HETATM 1208 O O1  . GOL F 4 .   ? -4.743  11.348  2.917   1.00 53.51 ? 205 GOL A O1  1 
HETATM 1209 C C2  . GOL F 4 .   ? -3.823  13.334  2.042   1.00 47.00 ? 205 GOL A C2  1 
HETATM 1210 O O2  . GOL F 4 .   ? -2.931  12.349  1.461   1.00 49.48 ? 205 GOL A O2  1 
HETATM 1211 C C3  . GOL F 4 .   ? -3.844  14.583  1.130   1.00 46.92 ? 205 GOL A C3  1 
HETATM 1212 O O3  . GOL F 4 .   ? -2.436  14.899  0.881   1.00 52.59 ? 205 GOL A O3  1 
HETATM 1213 O O   . HOH G 5 .   ? -5.364  -6.100  -12.325 0.50 36.05 ? 301 HOH A O   1 
HETATM 1214 O O   . HOH G 5 .   ? -6.673  15.078  3.718   1.00 38.99 ? 302 HOH A O   1 
HETATM 1215 O O   . HOH G 5 .   ? -6.094  10.188  4.220   1.00 31.30 ? 303 HOH A O   1 
HETATM 1216 O O   . HOH G 5 .   ? -4.613  -12.583 4.939   1.00 56.24 ? 304 HOH A O   1 
HETATM 1217 O O   . HOH G 5 .   ? -0.060  -15.668 -6.308  1.00 54.29 ? 305 HOH A O   1 
HETATM 1218 O O   . HOH G 5 .   ? 7.082   13.244  16.586  1.00 55.20 ? 306 HOH A O   1 
HETATM 1219 O O   . HOH G 5 .   ? 15.597  5.885   -12.394 1.00 45.80 ? 307 HOH A O   1 
HETATM 1220 O O   . HOH G 5 .   ? 2.921   23.277  -3.639  1.00 54.26 ? 308 HOH A O   1 
HETATM 1221 O O   . HOH G 5 .   ? -11.739 -7.523  -10.240 0.50 31.87 ? 309 HOH A O   1 
HETATM 1222 O O   . HOH G 5 .   ? 8.041   -16.060 5.640   0.50 41.93 ? 310 HOH A O   1 
HETATM 1223 O O   . HOH G 5 .   ? 6.603   18.054  -4.791  1.00 56.53 ? 311 HOH A O   1 
HETATM 1224 O O   . HOH G 5 .   ? 7.405   13.983  -14.873 1.00 25.57 ? 312 HOH A O   1 
HETATM 1225 O O   . HOH G 5 .   ? -0.142  22.674  -0.309  1.00 46.08 ? 313 HOH A O   1 
HETATM 1226 O O   . HOH G 5 .   ? -2.477  0.637   -12.200 1.00 36.41 ? 314 HOH A O   1 
HETATM 1227 O O   . HOH G 5 .   ? -8.041  4.422   -10.466 1.00 46.22 ? 315 HOH A O   1 
HETATM 1228 O O   . HOH G 5 .   ? 14.665  1.563   -17.538 1.00 41.94 ? 316 HOH A O   1 
HETATM 1229 O O   . HOH G 5 .   ? 5.904   17.153  6.309   1.00 74.07 ? 317 HOH A O   1 
HETATM 1230 O O   . HOH G 5 .   ? 3.111   -15.001 -1.897  1.00 48.88 ? 318 HOH A O   1 
HETATM 1231 O O   . HOH G 5 .   ? -17.842 3.047   2.726   0.33 28.07 ? 319 HOH A O   1 
HETATM 1232 O O   . HOH G 5 .   ? -11.240 4.040   -9.682  1.00 37.80 ? 320 HOH A O   1 
HETATM 1233 O O   . HOH G 5 .   ? -1.077  4.943   -10.134 1.00 32.94 ? 321 HOH A O   1 
HETATM 1234 O O   . HOH G 5 .   ? -0.583  -6.220  -11.239 1.00 36.20 ? 322 HOH A O   1 
HETATM 1235 O O   . HOH G 5 .   ? -10.051 -8.317  14.368  1.00 49.41 ? 323 HOH A O   1 
HETATM 1236 O O   . HOH G 5 .   ? -2.232  1.465   12.443  0.50 27.74 ? 324 HOH A O   1 
HETATM 1237 O O   . HOH G 5 .   ? -8.207  -3.654  14.429  1.00 44.10 ? 325 HOH A O   1 
HETATM 1238 O O   . HOH G 5 .   ? 10.449  -4.112  -12.966 1.00 58.28 ? 326 HOH A O   1 
HETATM 1239 O O   . HOH G 5 .   ? -9.945  1.769   -11.122 1.00 40.65 ? 327 HOH A O   1 
HETATM 1240 O O   . HOH G 5 .   ? 0.019   15.161  14.596  1.00 42.15 ? 328 HOH A O   1 
HETATM 1241 O O   . HOH G 5 .   ? -13.032 -1.807  -10.852 1.00 34.39 ? 329 HOH A O   1 
HETATM 1242 O O   . HOH G 5 .   ? -3.354  10.642  18.918  1.00 35.19 ? 330 HOH A O   1 
HETATM 1243 O O   . HOH G 5 .   ? -5.246  13.453  6.107   1.00 42.19 ? 331 HOH A O   1 
HETATM 1244 O O   . HOH G 5 .   ? -5.447  21.116  1.923   1.00 42.94 ? 332 HOH A O   1 
HETATM 1245 O O   . HOH G 5 .   ? 5.865   4.976   6.347   1.00 27.56 ? 333 HOH A O   1 
HETATM 1246 O O   . HOH G 5 .   ? -4.814  -6.705  -9.568  1.00 24.49 ? 334 HOH A O   1 
HETATM 1247 O O   . HOH G 5 .   ? 0.293   23.128  -3.723  1.00 37.19 ? 335 HOH A O   1 
HETATM 1248 O O   . HOH G 5 .   ? 16.029  3.046   -15.306 1.00 46.87 ? 336 HOH A O   1 
HETATM 1249 O O   . HOH G 5 .   ? -17.866 3.081   -0.517  0.33 36.67 ? 337 HOH A O   1 
HETATM 1250 O O   . HOH G 5 .   ? -1.226  -13.307 3.921   1.00 54.74 ? 338 HOH A O   1 
HETATM 1251 O O   . HOH G 5 .   ? 14.419  -2.264  4.071   1.00 50.51 ? 339 HOH A O   1 
HETATM 1252 O O   . HOH G 5 .   ? -2.268  -14.678 -7.148  1.00 32.61 ? 340 HOH A O   1 
HETATM 1253 O O   . HOH G 5 .   ? -1.387  -10.067 11.266  1.00 56.01 ? 341 HOH A O   1 
HETATM 1254 O O   . HOH G 5 .   ? 5.591   13.395  0.547   1.00 37.90 ? 342 HOH A O   1 
HETATM 1255 O O   . HOH G 5 .   ? -3.066  -5.173  -14.079 1.00 53.58 ? 343 HOH A O   1 
HETATM 1256 O O   . HOH G 5 .   ? 4.053   -14.531 -10.739 1.00 55.91 ? 344 HOH A O   1 
HETATM 1257 O O   . HOH G 5 .   ? 3.749   -16.493 -4.312  1.00 52.97 ? 345 HOH A O   1 
HETATM 1258 O O   . HOH G 5 .   ? -17.821 0.960   -2.404  1.00 27.56 ? 346 HOH A O   1 
HETATM 1259 O O   . HOH G 5 .   ? 1.599   15.973  1.236   1.00 31.09 ? 347 HOH A O   1 
HETATM 1260 O O   . HOH G 5 .   ? -7.734  -15.537 5.350   1.00 45.47 ? 348 HOH A O   1 
HETATM 1261 O O   . HOH G 5 .   ? -12.777 -4.201  14.794  1.00 41.53 ? 349 HOH A O   1 
HETATM 1262 O O   . HOH G 5 .   ? -7.752  8.985   2.628   1.00 23.06 ? 350 HOH A O   1 
HETATM 1263 O O   . HOH G 5 .   ? 8.418   4.957   -13.110 1.00 42.04 ? 351 HOH A O   1 
HETATM 1264 O O   . HOH G 5 .   ? -8.158  8.488   -8.547  1.00 29.82 ? 352 HOH A O   1 
HETATM 1265 O O   . HOH G 5 .   ? 9.800   2.831   -14.149 1.00 36.43 ? 353 HOH A O   1 
HETATM 1266 O O   . HOH G 5 .   ? -17.661 -5.304  -8.170  1.00 21.50 ? 354 HOH A O   1 
HETATM 1267 O O   . HOH G 5 .   ? -1.540  10.921  20.334  0.33 58.77 ? 355 HOH A O   1 
HETATM 1268 O O   . HOH G 5 .   ? 3.409   12.170  10.862  1.00 43.97 ? 356 HOH A O   1 
HETATM 1269 O O   . HOH G 5 .   ? -11.391 -10.510 7.969   1.00 33.42 ? 357 HOH A O   1 
HETATM 1270 O O   . HOH G 5 .   ? -7.920  14.490  -1.958  1.00 25.68 ? 358 HOH A O   1 
HETATM 1271 O O   . HOH G 5 .   ? -0.079  3.331   -5.871  1.00 26.21 ? 359 HOH A O   1 
HETATM 1272 O O   . HOH G 5 .   ? 9.641   -1.539  -12.575 1.00 49.99 ? 360 HOH A O   1 
HETATM 1273 O O   . HOH G 5 .   ? -4.221  3.213   11.502  1.00 36.28 ? 361 HOH A O   1 
HETATM 1274 O O   . HOH G 5 .   ? -3.674  25.941  -0.754  1.00 58.24 ? 362 HOH A O   1 
HETATM 1275 O O   . HOH G 5 .   ? 7.560   15.744  -5.714  1.00 32.07 ? 363 HOH A O   1 
HETATM 1276 O O   . HOH G 5 .   ? -4.530  8.269   -9.552  1.00 41.21 ? 364 HOH A O   1 
HETATM 1277 O O   . HOH G 5 .   ? -3.600  15.423  11.660  1.00 37.88 ? 365 HOH A O   1 
HETATM 1278 O O   . HOH G 5 .   ? 10.759  9.487   -8.148  1.00 34.02 ? 366 HOH A O   1 
HETATM 1279 O O   . HOH G 5 .   ? 14.721  -6.683  -1.204  1.00 46.46 ? 367 HOH A O   1 
HETATM 1280 O O   . HOH G 5 .   ? -6.719  -10.993 -13.048 1.00 41.79 ? 368 HOH A O   1 
HETATM 1281 O O   . HOH G 5 .   ? 14.050  4.250   -6.446  1.00 43.18 ? 369 HOH A O   1 
HETATM 1282 O O   . HOH G 5 .   ? 16.339  -0.780  0.845   1.00 61.97 ? 370 HOH A O   1 
HETATM 1283 O O   . HOH G 5 .   ? -13.635 -8.886  -9.394  1.00 47.71 ? 371 HOH A O   1 
HETATM 1284 O O   . HOH G 5 .   ? 8.833   10.907  3.142   1.00 42.43 ? 372 HOH A O   1 
HETATM 1285 O O   . HOH G 5 .   ? 7.122   8.323   13.104  1.00 55.04 ? 373 HOH A O   1 
HETATM 1286 O O   . HOH G 5 .   ? -0.381  -17.109 -4.001  1.00 43.80 ? 374 HOH A O   1 
HETATM 1287 O O   . HOH G 5 .   ? -6.535  -1.456  -13.100 1.00 36.87 ? 375 HOH A O   1 
HETATM 1288 O O   . HOH G 5 .   ? -6.215  -1.187  15.267  1.00 46.20 ? 376 HOH A O   1 
HETATM 1289 O O   . HOH G 5 .   ? 16.305  1.491   -11.660 1.00 50.95 ? 377 HOH A O   1 
HETATM 1290 O O   . HOH G 5 .   ? -2.124  -7.410  -9.528  1.00 28.11 ? 378 HOH A O   1 
HETATM 1291 O O   . HOH G 5 .   ? -2.719  -16.240 -10.081 1.00 36.90 ? 379 HOH A O   1 
HETATM 1292 O O   . HOH G 5 .   ? -4.910  11.661  -9.772  1.00 39.95 ? 380 HOH A O   1 
HETATM 1293 O O   . HOH G 5 .   ? 8.994   15.589  2.325   1.00 49.60 ? 381 HOH A O   1 
HETATM 1294 O O   . HOH G 5 .   ? -5.523  15.662  10.111  1.00 45.87 ? 382 HOH A O   1 
HETATM 1295 O O   . HOH G 5 .   ? -11.503 4.329   13.475  1.00 47.04 ? 383 HOH A O   1 
HETATM 1296 O O   . HOH G 5 .   ? 2.803   -5.634  -13.333 1.00 42.71 ? 384 HOH A O   1 
HETATM 1297 O O   . HOH G 5 .   ? 14.765  -8.011  1.065   1.00 48.24 ? 385 HOH A O   1 
HETATM 1298 O O   . HOH G 5 .   ? 6.805   10.798  14.561  1.00 48.77 ? 386 HOH A O   1 
HETATM 1299 O O   . HOH G 5 .   ? -10.497 -5.319  13.930  1.00 41.20 ? 387 HOH A O   1 
HETATM 1300 O O   . HOH G 5 .   ? 4.265   18.645  -6.199  1.00 39.36 ? 388 HOH A O   1 
HETATM 1301 O O   . HOH G 5 .   ? -9.228  13.041  18.064  1.00 36.32 ? 389 HOH A O   1 
HETATM 1302 O O   . HOH G 5 .   ? -3.990  -8.190  -14.305 1.00 56.25 ? 390 HOH A O   1 
HETATM 1303 O O   . HOH G 5 .   ? 2.273   -6.332  -10.791 1.00 30.05 ? 391 HOH A O   1 
HETATM 1304 O O   . HOH G 5 .   ? 6.805   1.192   11.606  1.00 41.01 ? 392 HOH A O   1 
HETATM 1305 O O   . HOH G 5 .   ? -3.961  4.047   -10.704 1.00 32.67 ? 393 HOH A O   1 
HETATM 1306 O O   . HOH G 5 .   ? 10.881  8.950   3.217   1.00 41.00 ? 394 HOH A O   1 
HETATM 1307 O O   . HOH G 5 .   ? -16.556 0.498   10.396  1.00 26.13 ? 395 HOH A O   1 
HETATM 1308 O O   . HOH G 5 .   ? -4.606  -16.465 -2.199  1.00 34.25 ? 396 HOH A O   1 
HETATM 1309 O O   . HOH G 5 .   ? -0.075  -6.796  9.960   1.00 52.64 ? 397 HOH A O   1 
HETATM 1310 O O   . HOH G 5 .   ? 15.880  -9.260  -5.621  1.00 54.77 ? 398 HOH A O   1 
HETATM 1311 O O   . HOH G 5 .   ? 7.646   -3.474  -13.259 1.00 37.58 ? 399 HOH A O   1 
HETATM 1312 O O   . HOH G 5 .   ? -10.454 -1.913  -10.210 1.00 38.81 ? 400 HOH A O   1 
HETATM 1313 O O   . HOH G 5 .   ? 12.319  -3.608  5.576   1.00 49.72 ? 401 HOH A O   1 
HETATM 1314 O O   . HOH G 5 .   ? 3.086   1.234   -12.163 1.00 49.41 ? 402 HOH A O   1 
HETATM 1315 O O   . HOH G 5 .   ? -0.778  -7.416  -13.798 1.00 46.54 ? 403 HOH A O   1 
HETATM 1316 O O   . HOH G 5 .   ? -11.312 10.902  16.370  1.00 36.17 ? 404 HOH A O   1 
HETATM 1317 O O   . HOH G 5 .   ? 11.771  10.151  -0.491  1.00 61.83 ? 405 HOH A O   1 
HETATM 1318 O O   . HOH G 5 .   ? 5.667   -5.418  10.812  1.00 49.14 ? 406 HOH A O   1 
HETATM 1319 O O   . HOH G 5 .   ? -2.467  -0.237  13.674  0.50 35.52 ? 407 HOH A O   1 
HETATM 1320 O O   . HOH G 5 .   ? -4.130  21.972  5.792   1.00 50.58 ? 408 HOH A O   1 
HETATM 1321 O O   . HOH G 5 .   ? 1.703   1.278   16.403  1.00 61.68 ? 409 HOH A O   1 
HETATM 1322 O O   . HOH G 5 .   ? 3.290   3.191   -13.120 1.00 48.35 ? 410 HOH A O   1 
HETATM 1323 O O   . HOH G 5 .   ? 0.359   -5.005  -14.531 1.00 62.29 ? 411 HOH A O   1 
HETATM 1324 O O   . HOH G 5 .   ? -14.653 1.255   12.583  1.00 46.17 ? 412 HOH A O   1 
HETATM 1325 O O   . HOH G 5 .   ? -2.658  -12.621 9.586   1.00 47.29 ? 413 HOH A O   1 
HETATM 1326 O O   . HOH G 5 .   ? 2.088   14.414  13.381  1.00 55.85 ? 414 HOH A O   1 
HETATM 1327 O O   . HOH G 5 .   ? -4.507  -17.936 -11.042 1.00 42.03 ? 415 HOH A O   1 
HETATM 1328 O O   . HOH G 5 .   ? -15.023 2.536   -9.491  1.00 31.37 ? 416 HOH A O   1 
HETATM 1329 O O   . HOH G 5 .   ? -6.453  -15.848 -15.682 1.00 57.30 ? 417 HOH A O   1 
HETATM 1330 O O   . HOH G 5 .   ? -17.938 3.183   -10.203 0.33 53.98 ? 418 HOH A O   1 
HETATM 1331 O O   . HOH G 5 .   ? -6.220  -12.720 -15.186 1.00 50.54 ? 419 HOH A O   1 
HETATM 1332 O O   . HOH G 5 .   ? -13.651 4.115   -10.382 1.00 50.27 ? 420 HOH A O   1 
HETATM 1333 O O   . HOH G 5 .   ? 6.314   6.101   14.403  1.00 61.41 ? 421 HOH A O   1 
HETATM 1334 O O   . HOH G 5 .   ? -8.332  10.758  -10.101 1.00 41.53 ? 422 HOH A O   1 
HETATM 1335 O O   . HOH G 5 .   ? -6.894  16.876  8.247   1.00 59.14 ? 423 HOH A O   1 
HETATM 1336 O O   . HOH G 5 .   ? -0.850  2.192   14.166  1.00 57.57 ? 424 HOH A O   1 
HETATM 1337 O O   . HOH G 5 .   ? 16.292  3.004   -7.098  1.00 53.55 ? 425 HOH A O   1 
HETATM 1338 O O   . HOH G 5 .   ? -15.189 5.929   -11.706 1.00 56.76 ? 426 HOH A O   1 
HETATM 1339 O O   . HOH G 5 .   ? 8.197   13.161  1.300   1.00 44.94 ? 427 HOH A O   1 
HETATM 1340 O O   . HOH G 5 .   ? -17.276 7.599   -10.925 1.00 43.10 ? 428 HOH A O   1 
HETATM 1341 O O   . HOH G 5 .   ? -6.462  1.954   19.514  1.00 53.81 ? 429 HOH A O   1 
HETATM 1342 O O   . HOH G 5 .   ? -10.689 13.502  16.480  1.00 45.85 ? 430 HOH A O   1 
HETATM 1343 O O   . HOH G 5 .   ? 13.377  8.130   -6.926  1.00 50.92 ? 431 HOH A O   1 
HETATM 1344 O O   . HOH G 5 .   ? 0.657   -19.645 -3.979  1.00 57.09 ? 432 HOH A O   1 
HETATM 1345 O O   . HOH G 5 .   ? -3.977  2.573   -12.811 1.00 46.47 ? 433 HOH A O   1 
HETATM 1346 O O   . HOH G 5 .   ? -17.787 2.969   10.051  0.33 26.81 ? 434 HOH A O   1 
# 
